data_3G8A
#
_entry.id   3G8A
#
_cell.length_a   134.849
_cell.length_b   134.849
_cell.length_c   167.139
_cell.angle_alpha   90.000
_cell.angle_beta   90.000
_cell.angle_gamma   120.000
#
_symmetry.space_group_name_H-M   'P 61'
#
loop_
_entity.id
_entity.type
_entity.pdbx_description
1 polymer 'Ribosomal RNA small subunit methyltransferase G'
2 non-polymer S-ADENOSYL-L-HOMOCYSTEINE
3 water water
#
_entity_poly.entity_id   1
_entity_poly.type   'polypeptide(L)'
_entity_poly.pdbx_seq_one_letter_code
;MF(HIC)GKHPGGLSERGRALLLEGGKALGLDLKPHLEAFSRLYALLQEASGKVNLTALRGEEEVVVKHFLDSLTLLRLP
LWQGPLRVLDLGTGAGFPGLPLKIVRPELELVLVDATRKKVAFVERAIEVLGLKGARALWGRAEVLAREAGHREAYARAV
ARAVAPLCVLSELLLPFLEVGGAAVAMKGPRVEEELAPLPPALERLGGRLGEVLALQLPLSGEARHLVVLEKTAPTPPAY
PRRPGVPERHPLC
;
_entity_poly.pdbx_strand_id   A,B,C,D,E,F
#
# COMPACT_ATOMS: atom_id res chain seq x y z
N MET A 1 6.89 -25.95 13.32
CA MET A 1 7.23 -26.72 12.10
C MET A 1 8.34 -26.09 11.24
N PHE A 2 8.85 -26.90 10.30
CA PHE A 2 9.94 -26.57 9.32
C PHE A 2 11.19 -25.96 9.94
N GLY A 4 14.12 -27.75 10.62
CA GLY A 4 15.34 -28.43 10.22
C GLY A 4 16.26 -27.60 9.34
N LYS A 5 17.55 -27.56 9.68
CA LYS A 5 18.51 -26.83 8.87
C LYS A 5 19.32 -27.78 7.97
N HIS A 6 20.03 -27.21 7.00
CA HIS A 6 20.83 -28.00 6.06
C HIS A 6 21.99 -27.18 5.54
N PRO A 7 23.20 -27.43 6.07
CA PRO A 7 24.42 -26.74 5.64
C PRO A 7 24.61 -26.68 4.11
N GLY A 8 24.58 -27.82 3.43
CA GLY A 8 24.85 -27.85 2.00
C GLY A 8 23.65 -28.18 1.13
N GLY A 9 22.55 -27.47 1.33
CA GLY A 9 21.35 -27.73 0.56
C GLY A 9 20.18 -26.90 1.01
N LEU A 10 19.00 -27.23 0.51
CA LEU A 10 17.77 -26.58 0.91
C LEU A 10 17.42 -26.99 2.33
N SER A 11 17.01 -26.04 3.15
CA SER A 11 16.60 -26.33 4.51
C SER A 11 15.28 -27.10 4.45
N GLU A 12 14.85 -27.60 5.62
CA GLU A 12 13.53 -28.23 5.69
C GLU A 12 12.46 -27.28 5.17
N ARG A 13 12.55 -26.00 5.49
CA ARG A 13 11.53 -25.05 5.06
C ARG A 13 11.57 -24.88 3.53
N GLY A 14 12.77 -24.75 2.98
CA GLY A 14 12.95 -24.61 1.54
C GLY A 14 12.44 -25.80 0.75
N ARG A 15 12.69 -27.01 1.24
CA ARG A 15 12.19 -28.23 0.61
C ARG A 15 10.68 -28.26 0.61
N ALA A 16 10.09 -27.91 1.73
CA ALA A 16 8.65 -27.92 1.85
C ALA A 16 8.01 -26.85 0.96
N LEU A 17 8.69 -25.71 0.80
CA LEU A 17 8.20 -24.67 -0.10
C LEU A 17 8.23 -25.12 -1.54
N LEU A 18 9.33 -25.74 -1.93
CA LEU A 18 9.47 -26.26 -3.28
C LEU A 18 8.41 -27.32 -3.57
N LEU A 19 8.21 -28.24 -2.63
CA LEU A 19 7.20 -29.29 -2.82
C LEU A 19 5.79 -28.70 -2.96
N GLU A 20 5.44 -27.76 -2.07
CA GLU A 20 4.14 -27.09 -2.12
C GLU A 20 3.94 -26.32 -3.41
N GLY A 21 4.95 -25.54 -3.78
CA GLY A 21 4.90 -24.80 -5.02
C GLY A 21 4.70 -25.76 -6.16
N GLY A 22 5.41 -26.88 -6.11
CA GLY A 22 5.36 -27.87 -7.17
C GLY A 22 3.94 -28.39 -7.35
N LYS A 23 3.33 -28.80 -6.24
CA LYS A 23 1.97 -29.32 -6.23
C LYS A 23 0.98 -28.31 -6.81
N ALA A 24 1.17 -27.03 -6.51
CA ALA A 24 0.29 -26.01 -7.03
C ALA A 24 0.40 -25.96 -8.55
N LEU A 25 1.55 -26.30 -9.10
CA LEU A 25 1.72 -26.35 -10.55
C LEU A 25 1.20 -27.67 -11.11
N GLY A 26 0.95 -28.64 -10.24
CA GLY A 26 0.51 -29.96 -10.67
C GLY A 26 1.67 -30.94 -10.80
N LEU A 27 2.79 -30.64 -10.15
CA LEU A 27 3.96 -31.49 -10.23
C LEU A 27 4.23 -32.19 -8.89
N ASP A 28 4.75 -33.42 -8.93
CA ASP A 28 5.27 -34.04 -7.71
C ASP A 28 6.78 -33.92 -7.75
N LEU A 29 7.33 -33.05 -6.93
CA LEU A 29 8.76 -32.81 -6.99
C LEU A 29 9.56 -33.62 -5.98
N LYS A 30 8.88 -34.55 -5.29
CA LYS A 30 9.54 -35.43 -4.33
C LYS A 30 10.75 -36.17 -4.90
N PRO A 31 10.58 -36.84 -6.06
CA PRO A 31 11.76 -37.54 -6.58
C PRO A 31 12.88 -36.58 -6.96
N HIS A 32 12.62 -35.28 -7.00
CA HIS A 32 13.64 -34.34 -7.48
C HIS A 32 14.21 -33.38 -6.44
N LEU A 33 13.82 -33.55 -5.18
CA LEU A 33 14.28 -32.64 -4.14
C LEU A 33 15.80 -32.59 -4.04
N GLU A 34 16.44 -33.76 -4.11
CA GLU A 34 17.89 -33.78 -3.93
C GLU A 34 18.59 -33.05 -5.08
N ALA A 35 18.12 -33.23 -6.31
CA ALA A 35 18.70 -32.49 -7.43
C ALA A 35 18.51 -30.98 -7.25
N PHE A 36 17.31 -30.56 -6.87
CA PHE A 36 17.09 -29.14 -6.62
C PHE A 36 17.88 -28.65 -5.42
N SER A 37 17.94 -29.46 -4.36
CA SER A 37 18.76 -29.12 -3.20
C SER A 37 20.23 -28.94 -3.59
N ARG A 38 20.75 -29.85 -4.40
CA ARG A 38 22.14 -29.73 -4.85
C ARG A 38 22.34 -28.50 -5.75
N LEU A 39 21.33 -28.17 -6.57
CA LEU A 39 21.40 -27.01 -7.44
C LEU A 39 21.47 -25.73 -6.61
N TYR A 40 20.59 -25.63 -5.61
CA TYR A 40 20.60 -24.51 -4.67
C TYR A 40 21.96 -24.35 -3.99
N ALA A 41 22.50 -25.44 -3.44
CA ALA A 41 23.80 -25.40 -2.78
C ALA A 41 24.79 -24.72 -3.69
N LEU A 42 24.61 -25.02 -4.96
CA LEU A 42 25.57 -24.66 -5.97
C LEU A 42 25.40 -23.19 -6.35
N LEU A 43 24.15 -22.74 -6.39
CA LEU A 43 23.87 -21.32 -6.60
C LEU A 43 24.45 -20.47 -5.48
N GLN A 44 24.43 -20.99 -4.26
CA GLN A 44 25.04 -20.28 -3.13
C GLN A 44 26.54 -20.23 -3.28
N GLU A 58 17.10 -15.46 0.90
CA GLU A 58 17.81 -15.99 -0.26
C GLU A 58 17.26 -17.34 -0.72
N GLU A 59 17.05 -18.25 0.22
CA GLU A 59 16.56 -19.59 -0.09
C GLU A 59 15.21 -19.53 -0.79
N GLU A 60 14.33 -18.72 -0.21
CA GLU A 60 12.99 -18.53 -0.74
C GLU A 60 13.07 -17.99 -2.16
N VAL A 61 13.98 -17.05 -2.38
CA VAL A 61 14.16 -16.43 -3.69
C VAL A 61 14.54 -17.46 -4.74
N VAL A 62 15.46 -18.36 -4.41
CA VAL A 62 15.87 -19.40 -5.35
C VAL A 62 14.73 -20.38 -5.63
N VAL A 63 14.01 -20.78 -4.58
CA VAL A 63 12.90 -21.72 -4.77
C VAL A 63 11.87 -21.09 -5.70
N LYS A 64 11.67 -19.79 -5.55
CA LYS A 64 10.81 -19.05 -6.47
C LYS A 64 11.30 -19.11 -7.93
N HIS A 65 12.61 -19.05 -8.15
CA HIS A 65 13.17 -19.22 -9.51
C HIS A 65 13.02 -20.64 -10.06
N PHE A 66 13.22 -21.64 -9.21
CA PHE A 66 13.00 -23.02 -9.63
C PHE A 66 11.55 -23.14 -10.09
N LEU A 67 10.63 -22.56 -9.32
CA LEU A 67 9.20 -22.71 -9.59
C LEU A 67 8.78 -21.92 -10.84
N ASP A 68 9.32 -20.72 -11.00
CA ASP A 68 9.05 -19.93 -12.20
C ASP A 68 9.49 -20.70 -13.43
N SER A 69 10.67 -21.31 -13.36
CA SER A 69 11.19 -22.12 -14.45
C SER A 69 10.21 -23.27 -14.75
N LEU A 70 9.72 -23.91 -13.69
CA LEU A 70 8.84 -25.05 -13.84
C LEU A 70 7.45 -24.72 -14.42
N THR A 71 7.10 -23.42 -14.47
CA THR A 71 5.82 -23.05 -15.08
C THR A 71 5.77 -23.44 -16.56
N LEU A 72 6.92 -23.66 -17.18
CA LEU A 72 6.97 -24.13 -18.56
C LEU A 72 6.11 -25.37 -18.73
N LEU A 73 6.02 -26.16 -17.67
CA LEU A 73 5.28 -27.41 -17.71
C LEU A 73 3.76 -27.21 -17.76
N ARG A 74 3.31 -25.95 -17.65
CA ARG A 74 1.89 -25.67 -17.82
C ARG A 74 1.49 -25.70 -19.30
N LEU A 75 2.47 -25.87 -20.17
CA LEU A 75 2.23 -26.10 -21.58
C LEU A 75 2.71 -27.51 -21.92
N PRO A 76 1.90 -28.27 -22.67
CA PRO A 76 2.24 -29.67 -22.89
C PRO A 76 3.21 -29.86 -24.06
N LEU A 77 4.33 -29.14 -24.00
CA LEU A 77 5.26 -29.04 -25.12
C LEU A 77 6.49 -29.94 -24.99
N TRP A 78 6.52 -30.76 -23.95
CA TRP A 78 7.77 -31.37 -23.52
C TRP A 78 7.80 -32.91 -23.47
N GLN A 79 7.03 -33.53 -24.36
CA GLN A 79 7.00 -34.99 -24.49
C GLN A 79 8.16 -35.50 -25.32
N GLY A 80 8.84 -36.52 -24.82
CA GLY A 80 9.80 -37.26 -25.62
C GLY A 80 11.15 -36.60 -25.73
N PRO A 81 12.02 -37.17 -26.60
CA PRO A 81 13.42 -36.80 -26.81
C PRO A 81 13.62 -35.56 -27.67
N LEU A 82 12.82 -34.51 -27.44
CA LEU A 82 12.94 -33.27 -28.20
C LEU A 82 14.27 -32.57 -27.96
N ARG A 83 14.83 -31.98 -29.01
CA ARG A 83 15.99 -31.13 -28.87
C ARG A 83 15.54 -29.72 -28.49
N VAL A 84 16.02 -29.24 -27.35
CA VAL A 84 15.58 -27.99 -26.77
C VAL A 84 16.75 -27.04 -26.62
N LEU A 85 16.55 -25.78 -26.99
CA LEU A 85 17.55 -24.75 -26.80
C LEU A 85 17.12 -23.79 -25.68
N ASP A 86 17.93 -23.66 -24.64
CA ASP A 86 17.71 -22.62 -23.64
C ASP A 86 18.67 -21.47 -23.91
N LEU A 87 18.11 -20.35 -24.36
CA LEU A 87 18.92 -19.22 -24.84
C LEU A 87 19.10 -18.14 -23.79
N GLY A 88 20.34 -17.84 -23.45
CA GLY A 88 20.63 -16.81 -22.47
C GLY A 88 20.27 -17.35 -21.09
N THR A 89 20.68 -18.59 -20.88
CA THR A 89 20.32 -19.39 -19.72
C THR A 89 20.85 -18.82 -18.39
N GLY A 90 21.84 -17.93 -18.46
CA GLY A 90 22.46 -17.41 -17.27
C GLY A 90 22.96 -18.57 -16.41
N ALA A 91 22.55 -18.59 -15.15
CA ALA A 91 22.94 -19.69 -14.26
C ALA A 91 22.18 -20.99 -14.52
N GLY A 92 21.47 -21.06 -15.64
CA GLY A 92 20.79 -22.29 -16.03
C GLY A 92 19.29 -22.30 -15.82
N PHE A 93 18.62 -21.21 -16.20
CA PHE A 93 17.18 -21.11 -15.99
C PHE A 93 16.52 -20.52 -17.22
N PRO A 94 15.40 -21.12 -17.66
CA PRO A 94 14.66 -22.19 -17.00
C PRO A 94 15.10 -23.61 -17.37
N GLY A 95 16.16 -23.72 -18.16
CA GLY A 95 16.58 -24.98 -18.74
C GLY A 95 16.91 -26.11 -17.76
N LEU A 96 17.58 -25.79 -16.67
CA LEU A 96 18.00 -26.83 -15.74
C LEU A 96 16.83 -27.43 -14.96
N PRO A 97 15.98 -26.57 -14.39
CA PRO A 97 14.77 -27.15 -13.79
C PRO A 97 13.97 -27.95 -14.80
N LEU A 98 13.84 -27.43 -16.02
CA LEU A 98 13.10 -28.13 -17.07
C LEU A 98 13.70 -29.53 -17.27
N LYS A 99 15.02 -29.60 -17.40
CA LYS A 99 15.71 -30.88 -17.65
C LYS A 99 15.60 -31.83 -16.47
N ILE A 100 15.61 -31.30 -15.25
CA ILE A 100 15.51 -32.14 -14.06
C ILE A 100 14.18 -32.92 -14.07
N VAL A 101 13.08 -32.25 -14.41
CA VAL A 101 11.77 -32.91 -14.37
C VAL A 101 11.34 -33.55 -15.69
N ARG A 102 12.03 -33.22 -16.78
CA ARG A 102 11.77 -33.87 -18.07
C ARG A 102 13.08 -34.43 -18.60
N PRO A 103 13.56 -35.53 -17.99
CA PRO A 103 14.94 -35.96 -18.29
C PRO A 103 15.17 -36.43 -19.73
N GLU A 104 14.14 -36.79 -20.48
CA GLU A 104 14.33 -37.21 -21.87
C GLU A 104 14.74 -36.07 -22.80
N LEU A 105 14.45 -34.82 -22.42
CA LEU A 105 14.78 -33.69 -23.31
C LEU A 105 16.28 -33.63 -23.60
N GLU A 106 16.65 -33.42 -24.86
CA GLU A 106 18.05 -33.16 -25.23
C GLU A 106 18.29 -31.65 -25.19
N LEU A 107 18.96 -31.19 -24.13
CA LEU A 107 19.07 -29.75 -23.85
C LEU A 107 20.44 -29.16 -24.22
N VAL A 108 20.40 -28.06 -24.97
CA VAL A 108 21.57 -27.20 -25.17
C VAL A 108 21.28 -25.89 -24.47
N LEU A 109 22.12 -25.52 -23.49
CA LEU A 109 21.95 -24.25 -22.79
C LEU A 109 23.03 -23.27 -23.24
N VAL A 110 22.61 -22.17 -23.86
CA VAL A 110 23.56 -21.21 -24.45
C VAL A 110 23.65 -19.92 -23.63
N ASP A 111 24.88 -19.41 -23.46
CA ASP A 111 25.06 -18.07 -22.90
C ASP A 111 26.28 -17.37 -23.47
N ALA A 112 26.19 -16.05 -23.62
CA ALA A 112 27.28 -15.26 -24.15
C ALA A 112 28.38 -14.99 -23.12
N THR A 113 28.08 -15.31 -21.86
CA THR A 113 28.99 -15.03 -20.74
C THR A 113 29.66 -16.32 -20.28
N ARG A 114 30.99 -16.39 -20.37
CA ARG A 114 31.67 -17.68 -20.15
C ARG A 114 31.45 -18.26 -18.74
N LYS A 115 31.50 -17.40 -17.73
CA LYS A 115 31.34 -17.82 -16.34
C LYS A 115 29.98 -18.48 -16.12
N LYS A 116 28.94 -17.94 -16.76
CA LYS A 116 27.62 -18.56 -16.69
C LYS A 116 27.66 -19.96 -17.29
N VAL A 117 28.26 -20.08 -18.47
CA VAL A 117 28.39 -21.38 -19.13
C VAL A 117 29.15 -22.35 -18.22
N ALA A 118 30.23 -21.87 -17.63
CA ALA A 118 31.05 -22.70 -16.75
C ALA A 118 30.23 -23.18 -15.56
N PHE A 119 29.42 -22.30 -14.99
CA PHE A 119 28.52 -22.70 -13.93
C PHE A 119 27.57 -23.79 -14.39
N VAL A 120 26.97 -23.62 -15.56
CA VAL A 120 26.02 -24.61 -16.06
C VAL A 120 26.67 -25.96 -16.31
N GLU A 121 27.85 -25.98 -16.94
CA GLU A 121 28.61 -27.23 -17.13
C GLU A 121 28.79 -27.90 -15.79
N ARG A 122 29.22 -27.12 -14.81
CA ARG A 122 29.47 -27.65 -13.49
C ARG A 122 28.19 -28.20 -12.87
N ALA A 123 27.08 -27.49 -13.02
CA ALA A 123 25.81 -27.99 -12.51
C ALA A 123 25.42 -29.32 -13.15
N ILE A 124 25.58 -29.39 -14.47
CA ILE A 124 25.30 -30.63 -15.20
C ILE A 124 26.14 -31.77 -14.66
N GLU A 125 27.43 -31.55 -14.47
CA GLU A 125 28.32 -32.56 -13.95
C GLU A 125 27.86 -33.02 -12.56
N VAL A 126 27.74 -32.07 -11.64
CA VAL A 126 27.39 -32.37 -10.25
C VAL A 126 26.00 -32.98 -10.05
N LEU A 127 25.02 -32.57 -10.86
CA LEU A 127 23.68 -33.16 -10.77
C LEU A 127 23.62 -34.51 -11.49
N GLY A 128 24.67 -34.80 -12.27
CA GLY A 128 24.73 -36.02 -13.06
C GLY A 128 23.69 -36.05 -14.15
N LEU A 129 23.49 -34.91 -14.81
CA LEU A 129 22.49 -34.81 -15.87
C LEU A 129 23.03 -35.39 -17.19
N LYS A 130 22.24 -36.25 -17.81
CA LYS A 130 22.62 -36.85 -19.09
C LYS A 130 21.81 -36.22 -20.21
N GLY A 131 22.47 -35.92 -21.33
CA GLY A 131 21.79 -35.32 -22.46
C GLY A 131 21.53 -33.84 -22.28
N ALA A 132 22.48 -33.15 -21.65
CA ALA A 132 22.43 -31.71 -21.48
C ALA A 132 23.81 -31.14 -21.66
N ARG A 133 23.94 -30.08 -22.45
CA ARG A 133 25.23 -29.42 -22.56
C ARG A 133 25.16 -27.90 -22.58
N ALA A 134 26.19 -27.28 -22.03
CA ALA A 134 26.30 -25.83 -22.01
C ALA A 134 27.19 -25.39 -23.16
N LEU A 135 26.84 -24.27 -23.77
CA LEU A 135 27.56 -23.79 -24.93
C LEU A 135 27.75 -22.28 -24.82
N TRP A 136 29.01 -21.87 -24.92
CA TRP A 136 29.39 -20.46 -24.90
C TRP A 136 29.30 -19.92 -26.31
N GLY A 137 28.51 -18.87 -26.52
CA GLY A 137 28.37 -18.28 -27.83
C GLY A 137 27.23 -17.28 -27.92
N ARG A 138 27.13 -16.65 -29.09
CA ARG A 138 26.13 -15.63 -29.36
C ARG A 138 25.03 -16.23 -30.23
N ALA A 139 23.78 -15.98 -29.87
CA ALA A 139 22.66 -16.47 -30.65
C ALA A 139 22.81 -16.14 -32.14
N GLU A 140 23.19 -14.90 -32.43
CA GLU A 140 23.28 -14.41 -33.80
C GLU A 140 24.28 -15.18 -34.64
N VAL A 141 25.27 -15.75 -33.97
CA VAL A 141 26.33 -16.48 -34.64
C VAL A 141 25.93 -17.94 -34.76
N LEU A 142 25.46 -18.50 -33.66
CA LEU A 142 25.05 -19.91 -33.62
C LEU A 142 23.91 -20.24 -34.60
N ALA A 143 23.01 -19.30 -34.82
CA ALA A 143 21.86 -19.52 -35.68
C ALA A 143 22.18 -19.45 -37.17
N ARG A 144 23.45 -19.20 -37.49
CA ARG A 144 23.87 -19.21 -38.89
C ARG A 144 24.74 -20.43 -39.14
N GLU A 145 24.83 -21.31 -38.15
CA GLU A 145 25.51 -22.59 -38.28
C GLU A 145 24.55 -23.72 -38.60
N ALA A 146 24.95 -24.60 -39.50
CA ALA A 146 24.11 -25.73 -39.89
C ALA A 146 23.78 -26.61 -38.69
N GLY A 147 24.69 -26.67 -37.72
CA GLY A 147 24.48 -27.46 -36.52
C GLY A 147 23.35 -26.97 -35.64
N HIS A 148 23.00 -25.70 -35.77
CA HIS A 148 22.00 -25.11 -34.87
C HIS A 148 20.79 -24.53 -35.56
N ARG A 149 20.98 -23.98 -36.76
CA ARG A 149 19.87 -23.35 -37.47
C ARG A 149 18.79 -24.39 -37.75
N GLU A 150 17.58 -24.10 -37.26
CA GLU A 150 16.43 -24.93 -37.54
C GLU A 150 16.68 -26.39 -37.19
N ALA A 151 17.46 -26.57 -36.13
CA ALA A 151 17.84 -27.89 -35.63
C ALA A 151 17.09 -28.27 -34.36
N TYR A 152 16.27 -27.37 -33.84
CA TYR A 152 15.61 -27.57 -32.55
C TYR A 152 14.10 -27.67 -32.64
N ALA A 153 13.49 -28.53 -31.83
CA ALA A 153 12.04 -28.65 -31.78
C ALA A 153 11.46 -27.58 -30.85
N ARG A 154 12.20 -27.22 -29.81
CA ARG A 154 11.78 -26.20 -28.86
C ARG A 154 12.94 -25.25 -28.57
N ALA A 155 12.60 -24.03 -28.21
CA ALA A 155 13.57 -23.08 -27.68
C ALA A 155 12.88 -22.28 -26.58
N VAL A 156 13.64 -21.93 -25.55
CA VAL A 156 13.08 -21.12 -24.47
C VAL A 156 14.04 -20.00 -24.10
N ALA A 157 13.48 -18.89 -23.64
CA ALA A 157 14.29 -17.84 -23.06
C ALA A 157 13.53 -17.09 -21.97
N ARG A 158 14.25 -16.75 -20.91
CA ARG A 158 13.75 -15.88 -19.87
C ARG A 158 14.67 -14.67 -19.78
N ALA A 159 14.16 -13.51 -20.24
N ALA A 159 14.02 -13.51 -19.59
CA ALA A 159 15.04 -12.39 -20.55
CA ALA A 159 14.69 -12.30 -19.13
C ALA A 159 14.30 -11.05 -20.69
C ALA A 159 15.92 -12.09 -19.97
N VAL A 160 15.05 -9.98 -20.45
N VAL A 160 15.71 -12.18 -21.27
CA VAL A 160 14.51 -8.64 -20.44
CA VAL A 160 16.74 -11.97 -22.27
C VAL A 160 14.39 -8.13 -21.87
C VAL A 160 16.53 -10.65 -23.05
N ALA A 161 15.27 -8.64 -22.72
N ALA A 161 15.30 -10.36 -23.52
CA ALA A 161 15.21 -8.37 -24.14
CA ALA A 161 15.02 -9.18 -24.37
C ALA A 161 13.82 -8.68 -24.62
C ALA A 161 13.53 -8.85 -24.60
N PRO A 162 13.19 -7.69 -25.22
CA PRO A 162 11.80 -7.55 -25.69
C PRO A 162 11.42 -8.63 -26.68
N LEU A 163 10.12 -8.90 -26.82
CA LEU A 163 9.65 -9.99 -27.67
C LEU A 163 10.12 -9.84 -29.12
N CYS A 164 10.12 -8.61 -29.62
CA CYS A 164 10.54 -8.33 -31.00
C CYS A 164 11.96 -8.80 -31.23
N VAL A 165 12.82 -8.53 -30.26
CA VAL A 165 14.23 -8.90 -30.31
C VAL A 165 14.41 -10.41 -30.09
N LEU A 166 13.73 -10.92 -29.06
CA LEU A 166 13.76 -12.35 -28.75
C LEU A 166 13.31 -13.20 -29.93
N SER A 167 12.30 -12.75 -30.65
CA SER A 167 11.79 -13.51 -31.79
C SER A 167 12.86 -13.72 -32.86
N GLU A 168 13.61 -12.66 -33.17
CA GLU A 168 14.68 -12.75 -34.15
C GLU A 168 15.77 -13.72 -33.68
N LEU A 169 15.98 -13.79 -32.37
CA LEU A 169 17.01 -14.66 -31.80
C LEU A 169 16.56 -16.12 -31.65
N LEU A 170 15.28 -16.35 -31.35
CA LEU A 170 14.78 -17.70 -31.08
C LEU A 170 14.30 -18.45 -32.33
N LEU A 171 13.53 -17.76 -33.17
CA LEU A 171 12.89 -18.40 -34.31
C LEU A 171 13.85 -19.11 -35.27
N PRO A 172 15.01 -18.50 -35.57
CA PRO A 172 15.88 -19.20 -36.54
C PRO A 172 16.41 -20.57 -36.05
N PHE A 173 16.31 -20.87 -34.76
CA PHE A 173 16.77 -22.15 -34.23
C PHE A 173 15.74 -23.27 -34.42
N LEU A 174 14.49 -22.89 -34.68
CA LEU A 174 13.40 -23.85 -34.68
C LEU A 174 13.19 -24.53 -36.03
N GLU A 175 13.06 -25.85 -36.02
CA GLU A 175 12.63 -26.57 -37.20
C GLU A 175 11.18 -26.18 -37.44
N VAL A 176 10.75 -26.25 -38.69
CA VAL A 176 9.36 -25.97 -39.02
C VAL A 176 8.48 -26.91 -38.23
N GLY A 177 7.42 -26.36 -37.63
CA GLY A 177 6.57 -27.14 -36.75
C GLY A 177 7.01 -27.06 -35.30
N GLY A 178 8.19 -26.53 -35.04
CA GLY A 178 8.70 -26.36 -33.68
C GLY A 178 8.04 -25.18 -32.96
N ALA A 179 8.42 -24.96 -31.71
CA ALA A 179 7.89 -23.85 -30.93
C ALA A 179 8.87 -23.28 -29.90
N ALA A 180 8.80 -21.98 -29.70
CA ALA A 180 9.62 -21.30 -28.71
C ALA A 180 8.72 -20.74 -27.63
N VAL A 181 9.20 -20.74 -26.39
CA VAL A 181 8.49 -20.08 -25.30
C VAL A 181 9.31 -18.93 -24.77
N ALA A 182 8.76 -17.72 -24.86
CA ALA A 182 9.37 -16.56 -24.23
C ALA A 182 8.70 -16.38 -22.85
N MET A 183 9.48 -16.54 -21.80
CA MET A 183 8.96 -16.36 -20.45
C MET A 183 8.94 -14.89 -20.10
N LYS A 184 7.77 -14.37 -19.76
CA LYS A 184 7.62 -12.95 -19.50
C LYS A 184 6.95 -12.69 -18.15
N GLY A 185 6.97 -11.43 -17.70
CA GLY A 185 6.44 -11.07 -16.39
C GLY A 185 5.01 -10.59 -16.46
N PRO A 186 4.60 -9.71 -15.53
CA PRO A 186 3.19 -9.27 -15.51
C PRO A 186 2.72 -8.44 -16.72
N ARG A 187 3.62 -7.72 -17.40
CA ARG A 187 3.21 -6.81 -18.47
C ARG A 187 3.74 -7.23 -19.84
N VAL A 188 2.84 -7.56 -20.78
CA VAL A 188 3.23 -7.99 -22.12
C VAL A 188 2.55 -7.22 -23.24
N GLU A 189 1.58 -6.37 -22.91
CA GLU A 189 0.77 -5.70 -23.92
C GLU A 189 1.62 -4.92 -24.94
N GLU A 190 2.53 -4.10 -24.45
CA GLU A 190 3.37 -3.26 -25.31
C GLU A 190 4.32 -4.09 -26.16
N GLU A 191 4.94 -5.11 -25.57
CA GLU A 191 5.82 -5.98 -26.32
C GLU A 191 5.07 -6.78 -27.38
N LEU A 192 3.84 -7.16 -27.11
CA LEU A 192 3.06 -7.97 -28.04
C LEU A 192 2.51 -7.17 -29.20
N ALA A 193 2.09 -5.94 -28.93
CA ALA A 193 1.32 -5.17 -29.90
C ALA A 193 1.90 -5.19 -31.32
N PRO A 194 3.20 -4.87 -31.48
CA PRO A 194 3.71 -4.81 -32.85
C PRO A 194 4.32 -6.11 -33.36
N LEU A 195 4.07 -7.22 -32.67
CA LEU A 195 4.85 -8.42 -32.91
C LEU A 195 4.53 -9.21 -34.17
N PRO A 196 3.23 -9.39 -34.48
CA PRO A 196 2.87 -10.37 -35.52
C PRO A 196 3.52 -10.13 -36.90
N PRO A 197 3.59 -8.88 -37.36
CA PRO A 197 4.32 -8.61 -38.60
C PRO A 197 5.79 -9.08 -38.56
N ALA A 198 6.49 -8.79 -37.46
CA ALA A 198 7.88 -9.20 -37.34
C ALA A 198 8.03 -10.73 -37.34
N LEU A 199 7.09 -11.42 -36.70
CA LEU A 199 7.11 -12.89 -36.69
C LEU A 199 6.98 -13.43 -38.10
N GLU A 200 6.11 -12.80 -38.88
CA GLU A 200 5.85 -13.28 -40.23
C GLU A 200 7.11 -13.26 -41.06
N ARG A 201 7.90 -12.19 -40.94
CA ARG A 201 9.14 -12.08 -41.71
C ARG A 201 10.17 -13.13 -41.29
N LEU A 202 10.00 -13.70 -40.10
CA LEU A 202 10.96 -14.67 -39.57
C LEU A 202 10.53 -16.12 -39.80
N GLY A 203 9.31 -16.31 -40.31
CA GLY A 203 8.76 -17.64 -40.49
C GLY A 203 7.94 -18.10 -39.29
N GLY A 204 7.67 -17.18 -38.38
CA GLY A 204 6.92 -17.51 -37.18
C GLY A 204 5.48 -17.04 -37.19
N ARG A 205 4.68 -17.58 -36.28
CA ARG A 205 3.32 -17.15 -36.02
C ARG A 205 3.22 -17.07 -34.52
N LEU A 206 2.42 -16.14 -34.02
CA LEU A 206 2.18 -16.08 -32.59
C LEU A 206 1.31 -17.25 -32.24
N GLY A 207 1.72 -18.01 -31.25
CA GLY A 207 0.83 -19.01 -30.72
C GLY A 207 0.10 -18.36 -29.57
N GLU A 208 -0.13 -19.21 -28.58
CA GLU A 208 -0.78 -18.92 -27.33
C GLU A 208 0.03 -17.92 -26.48
N VAL A 209 -0.69 -17.04 -25.77
CA VAL A 209 -0.10 -16.27 -24.69
C VAL A 209 -0.79 -16.76 -23.43
N LEU A 210 -0.08 -17.49 -22.58
CA LEU A 210 -0.71 -18.04 -21.38
C LEU A 210 -0.42 -17.18 -20.16
N ALA A 211 -1.48 -16.65 -19.57
CA ALA A 211 -1.35 -15.92 -18.32
C ALA A 211 -1.44 -16.92 -17.18
N LEU A 212 -0.63 -16.71 -16.16
CA LEU A 212 -0.70 -17.54 -14.95
C LEU A 212 -0.14 -16.79 -13.77
N GLN A 213 -0.32 -17.36 -12.59
CA GLN A 213 0.18 -16.75 -11.36
C GLN A 213 1.19 -17.67 -10.75
N LEU A 214 2.27 -17.11 -10.20
CA LEU A 214 3.25 -17.95 -9.53
C LEU A 214 2.67 -18.53 -8.25
N PRO A 215 3.05 -19.78 -7.95
CA PRO A 215 2.64 -20.66 -6.84
C PRO A 215 2.59 -20.05 -5.45
N LEU A 216 3.66 -19.37 -5.01
CA LEU A 216 3.71 -18.94 -3.61
C LEU A 216 3.49 -17.44 -3.45
N SER A 217 3.97 -16.69 -4.44
CA SER A 217 3.90 -15.23 -4.38
C SER A 217 2.64 -14.69 -5.03
N GLY A 218 2.10 -15.44 -5.98
CA GLY A 218 0.93 -15.00 -6.73
C GLY A 218 1.26 -14.00 -7.84
N GLU A 219 2.55 -13.74 -8.07
CA GLU A 219 2.97 -12.82 -9.13
C GLU A 219 2.49 -13.25 -10.52
N ALA A 220 2.00 -12.28 -11.30
CA ALA A 220 1.56 -12.55 -12.66
C ALA A 220 2.74 -12.85 -13.61
N ARG A 221 2.52 -13.85 -14.47
CA ARG A 221 3.50 -14.26 -15.47
C ARG A 221 2.79 -14.52 -16.78
N HIS A 222 3.52 -14.42 -17.88
CA HIS A 222 2.99 -14.85 -19.17
C HIS A 222 4.01 -15.72 -19.91
N LEU A 223 3.52 -16.81 -20.50
CA LEU A 223 4.33 -17.62 -21.40
C LEU A 223 3.87 -17.30 -22.80
N VAL A 224 4.77 -16.76 -23.61
CA VAL A 224 4.45 -16.42 -24.98
C VAL A 224 5.00 -17.49 -25.92
N VAL A 225 4.10 -18.22 -26.59
CA VAL A 225 4.50 -19.28 -27.50
C VAL A 225 4.64 -18.74 -28.93
N LEU A 226 5.81 -18.93 -29.52
CA LEU A 226 6.03 -18.62 -30.93
C LEU A 226 6.10 -19.93 -31.73
N GLU A 227 5.23 -20.07 -32.72
CA GLU A 227 5.22 -21.26 -33.57
C GLU A 227 6.12 -21.05 -34.78
N LYS A 228 6.88 -22.06 -35.16
CA LYS A 228 7.68 -21.97 -36.38
C LYS A 228 6.89 -22.50 -37.58
N THR A 229 6.55 -21.60 -38.50
CA THR A 229 5.64 -21.92 -39.61
C THR A 229 6.33 -22.26 -40.93
N ALA A 230 7.39 -21.54 -41.25
CA ALA A 230 8.09 -21.72 -42.51
C ALA A 230 9.54 -21.39 -42.27
N PRO A 231 10.43 -21.81 -43.19
CA PRO A 231 11.84 -21.55 -42.90
C PRO A 231 12.13 -20.05 -42.76
N THR A 232 13.09 -19.72 -41.91
CA THR A 232 13.55 -18.34 -41.71
C THR A 232 14.42 -17.89 -42.88
N PRO A 233 14.06 -16.76 -43.53
CA PRO A 233 14.86 -16.30 -44.67
C PRO A 233 16.33 -16.07 -44.30
N PRO A 234 17.25 -16.11 -45.27
CA PRO A 234 18.69 -16.10 -44.95
C PRO A 234 19.18 -14.83 -44.26
N ALA A 235 18.37 -13.78 -44.25
CA ALA A 235 18.77 -12.47 -43.70
C ALA A 235 18.73 -12.43 -42.17
N TYR A 236 18.10 -13.42 -41.57
CA TYR A 236 17.96 -13.47 -40.13
C TYR A 236 18.64 -14.72 -39.57
N PRO A 237 19.23 -14.61 -38.37
CA PRO A 237 19.26 -13.35 -37.61
C PRO A 237 20.33 -12.40 -38.13
N ARG A 238 20.18 -11.11 -37.87
CA ARG A 238 21.19 -10.14 -38.28
C ARG A 238 22.42 -10.25 -37.37
N ARG A 239 23.47 -9.48 -37.67
CA ARG A 239 24.75 -9.61 -36.97
C ARG A 239 24.66 -9.37 -35.47
N PRO A 240 25.62 -9.94 -34.72
CA PRO A 240 25.67 -9.82 -33.26
C PRO A 240 25.43 -8.40 -32.76
N GLY A 241 24.37 -8.24 -31.96
CA GLY A 241 24.06 -6.97 -31.34
C GLY A 241 23.15 -6.08 -32.17
N VAL A 242 22.96 -6.42 -33.44
CA VAL A 242 22.10 -5.64 -34.33
C VAL A 242 20.63 -5.82 -34.05
N PRO A 243 20.20 -7.05 -33.71
CA PRO A 243 18.77 -7.20 -33.39
C PRO A 243 18.40 -6.34 -32.19
N GLU A 244 19.27 -6.29 -31.19
CA GLU A 244 19.03 -5.51 -29.99
C GLU A 244 18.98 -4.01 -30.30
N ARG A 245 19.88 -3.54 -31.15
CA ARG A 245 20.01 -2.11 -31.42
C ARG A 245 18.99 -1.60 -32.45
N HIS A 246 18.57 -2.47 -33.36
CA HIS A 246 17.62 -2.08 -34.39
C HIS A 246 16.48 -3.09 -34.51
N PRO A 247 15.67 -3.23 -33.43
CA PRO A 247 14.65 -4.28 -33.40
C PRO A 247 13.75 -4.26 -34.62
N LEU A 248 13.28 -5.43 -34.99
CA LEU A 248 12.40 -5.62 -36.14
C LEU A 248 11.06 -4.93 -35.90
N CYS A 249 10.71 -4.73 -34.64
CA CYS A 249 9.50 -4.00 -34.28
C CYS A 249 9.63 -3.32 -32.92
N MET B 1 -11.49 -24.14 -49.55
CA MET B 1 -10.73 -25.14 -48.80
C MET B 1 -11.60 -26.11 -47.98
N PHE B 2 -10.94 -27.18 -47.52
CA PHE B 2 -11.50 -28.27 -46.71
C PHE B 2 -12.79 -28.90 -47.28
N GLY B 4 -12.89 -31.88 -49.04
CA GLY B 4 -12.80 -33.33 -49.17
C GLY B 4 -13.63 -34.13 -48.17
N LYS B 5 -14.35 -35.12 -48.67
CA LYS B 5 -15.03 -36.08 -47.81
C LYS B 5 -14.36 -37.44 -47.93
N HIS B 6 -14.51 -38.24 -46.90
CA HIS B 6 -13.98 -39.55 -46.91
C HIS B 6 -15.05 -40.53 -46.54
N PRO B 7 -15.14 -41.66 -47.24
CA PRO B 7 -16.18 -42.63 -46.95
C PRO B 7 -16.32 -43.05 -45.48
N GLY B 8 -15.26 -43.50 -44.81
CA GLY B 8 -15.41 -43.94 -43.42
C GLY B 8 -14.43 -43.44 -42.37
N GLY B 9 -14.28 -42.12 -42.25
CA GLY B 9 -13.46 -41.51 -41.21
C GLY B 9 -13.78 -40.03 -41.17
N LEU B 10 -12.94 -39.23 -40.51
CA LEU B 10 -13.10 -37.78 -40.49
C LEU B 10 -12.92 -37.19 -41.89
N SER B 11 -13.74 -36.19 -42.22
CA SER B 11 -13.60 -35.45 -43.47
C SER B 11 -12.35 -34.58 -43.45
N GLU B 12 -12.04 -33.94 -44.58
CA GLU B 12 -10.91 -33.02 -44.63
C GLU B 12 -11.11 -31.92 -43.59
N ARG B 13 -12.34 -31.41 -43.48
CA ARG B 13 -12.62 -30.36 -42.49
C ARG B 13 -12.46 -30.89 -41.06
N GLY B 14 -13.02 -32.06 -40.79
CA GLY B 14 -12.92 -32.66 -39.47
C GLY B 14 -11.47 -32.81 -39.03
N ARG B 15 -10.67 -33.33 -39.95
CA ARG B 15 -9.24 -33.53 -39.69
C ARG B 15 -8.55 -32.20 -39.41
N ALA B 16 -8.82 -31.18 -40.22
CA ALA B 16 -8.23 -29.86 -40.03
C ALA B 16 -8.66 -29.23 -38.71
N LEU B 17 -9.92 -29.39 -38.35
CA LEU B 17 -10.43 -28.87 -37.07
C LEU B 17 -9.71 -29.51 -35.90
N LEU B 18 -9.57 -30.83 -35.94
CA LEU B 18 -8.89 -31.55 -34.89
C LEU B 18 -7.44 -31.06 -34.73
N LEU B 19 -6.71 -30.97 -35.84
CA LEU B 19 -5.32 -30.50 -35.82
C LEU B 19 -5.19 -29.09 -35.27
N GLU B 20 -6.05 -28.19 -35.74
CA GLU B 20 -6.04 -26.80 -35.30
C GLU B 20 -6.39 -26.68 -33.83
N GLY B 21 -7.41 -27.42 -33.41
CA GLY B 21 -7.83 -27.43 -32.02
C GLY B 21 -6.72 -27.98 -31.16
N GLY B 22 -6.06 -29.02 -31.66
CA GLY B 22 -4.91 -29.61 -30.99
C GLY B 22 -3.82 -28.60 -30.78
N LYS B 23 -3.47 -27.85 -31.82
CA LYS B 23 -2.42 -26.84 -31.74
C LYS B 23 -2.74 -25.76 -30.72
N ALA B 24 -4.00 -25.35 -30.69
CA ALA B 24 -4.42 -24.34 -29.73
C ALA B 24 -4.13 -24.84 -28.31
N LEU B 25 -4.18 -26.15 -28.12
CA LEU B 25 -3.91 -26.73 -26.80
C LEU B 25 -2.42 -26.97 -26.53
N GLY B 26 -1.59 -26.78 -27.56
CA GLY B 26 -0.16 -27.01 -27.44
C GLY B 26 0.23 -28.43 -27.82
N LEU B 27 -0.64 -29.10 -28.57
CA LEU B 27 -0.46 -30.50 -28.94
C LEU B 27 -0.34 -30.65 -30.46
N ASP B 28 0.53 -31.55 -30.90
CA ASP B 28 0.60 -31.91 -32.31
C ASP B 28 -0.11 -33.23 -32.52
N LEU B 29 -1.30 -33.19 -33.13
CA LEU B 29 -2.11 -34.39 -33.25
C LEU B 29 -1.91 -35.15 -34.56
N LYS B 30 -0.98 -34.71 -35.40
CA LYS B 30 -0.77 -35.37 -36.68
C LYS B 30 -0.43 -36.87 -36.53
N PRO B 31 0.43 -37.22 -35.57
CA PRO B 31 0.70 -38.66 -35.46
C PRO B 31 -0.52 -39.46 -34.99
N HIS B 32 -1.59 -38.80 -34.60
CA HIS B 32 -2.75 -39.48 -34.01
C HIS B 32 -4.05 -39.34 -34.79
N LEU B 33 -3.97 -38.65 -35.92
CA LEU B 33 -5.15 -38.33 -36.72
C LEU B 33 -5.86 -39.60 -37.19
N GLU B 34 -5.10 -40.62 -37.59
CA GLU B 34 -5.74 -41.84 -38.06
C GLU B 34 -6.49 -42.56 -36.93
N ALA B 35 -5.90 -42.62 -35.73
CA ALA B 35 -6.61 -43.19 -34.60
C ALA B 35 -7.87 -42.39 -34.25
N PHE B 36 -7.78 -41.06 -34.23
CA PHE B 36 -8.97 -40.25 -33.99
C PHE B 36 -10.00 -40.39 -35.10
N SER B 37 -9.54 -40.46 -36.35
CA SER B 37 -10.46 -40.61 -37.47
C SER B 37 -11.18 -41.94 -37.31
N ARG B 38 -10.41 -42.97 -37.00
CA ARG B 38 -10.95 -44.30 -36.80
C ARG B 38 -11.92 -44.35 -35.62
N LEU B 39 -11.63 -43.62 -34.55
CA LEU B 39 -12.52 -43.59 -33.39
C LEU B 39 -13.83 -42.89 -33.73
N TYR B 40 -13.73 -41.81 -34.51
CA TYR B 40 -14.93 -41.10 -34.99
C TYR B 40 -15.82 -42.04 -35.77
N ALA B 41 -15.21 -42.86 -36.63
CA ALA B 41 -15.93 -43.81 -37.46
C ALA B 41 -16.68 -44.83 -36.61
N LEU B 42 -16.06 -45.27 -35.52
CA LEU B 42 -16.71 -46.17 -34.57
C LEU B 42 -17.89 -45.51 -33.86
N LEU B 43 -17.74 -44.24 -33.49
CA LEU B 43 -18.83 -43.54 -32.82
C LEU B 43 -20.00 -43.38 -33.78
N GLN B 44 -19.70 -42.98 -35.01
CA GLN B 44 -20.77 -42.71 -35.96
C GLN B 44 -21.48 -44.02 -36.34
N GLU B 45 -20.73 -45.12 -36.42
CA GLU B 45 -21.33 -46.44 -36.62
C GLU B 45 -22.33 -46.76 -35.50
N ALA B 46 -21.87 -46.68 -34.26
CA ALA B 46 -22.76 -46.84 -33.13
C ALA B 46 -23.89 -45.83 -33.27
N GLY B 57 -22.68 -31.09 -38.74
CA GLY B 57 -22.50 -30.48 -37.43
C GLY B 57 -22.15 -31.56 -36.43
N GLU B 58 -22.49 -32.79 -36.78
CA GLU B 58 -22.25 -33.95 -35.94
C GLU B 58 -20.77 -34.25 -35.85
N GLU B 59 -20.06 -34.12 -36.96
CA GLU B 59 -18.62 -34.34 -36.97
C GLU B 59 -17.94 -33.31 -36.08
N GLU B 60 -18.33 -32.06 -36.24
CA GLU B 60 -17.76 -30.98 -35.44
C GLU B 60 -17.99 -31.23 -33.94
N VAL B 61 -19.17 -31.71 -33.59
CA VAL B 61 -19.50 -32.02 -32.20
C VAL B 61 -18.54 -33.04 -31.62
N VAL B 62 -18.28 -34.10 -32.39
CA VAL B 62 -17.38 -35.15 -31.94
C VAL B 62 -15.95 -34.63 -31.81
N VAL B 63 -15.48 -33.88 -32.81
CA VAL B 63 -14.15 -33.30 -32.74
C VAL B 63 -14.02 -32.47 -31.45
N LYS B 64 -15.06 -31.72 -31.12
CA LYS B 64 -15.06 -30.94 -29.88
C LYS B 64 -14.96 -31.79 -28.59
N HIS B 65 -15.52 -33.00 -28.62
CA HIS B 65 -15.35 -33.97 -27.51
C HIS B 65 -13.93 -34.50 -27.42
N PHE B 66 -13.36 -34.82 -28.59
CA PHE B 66 -11.96 -35.21 -28.65
C PHE B 66 -11.15 -34.11 -27.95
N LEU B 67 -11.37 -32.87 -28.38
CA LEU B 67 -10.59 -31.74 -27.88
C LEU B 67 -10.88 -31.41 -26.40
N ASP B 68 -12.15 -31.48 -26.03
CA ASP B 68 -12.52 -31.26 -24.63
C ASP B 68 -11.78 -32.25 -23.73
N SER B 69 -11.73 -33.52 -24.14
CA SER B 69 -11.01 -34.56 -23.39
C SER B 69 -9.52 -34.23 -23.33
N LEU B 70 -8.99 -33.67 -24.41
CA LEU B 70 -7.55 -33.41 -24.48
C LEU B 70 -7.14 -32.22 -23.59
N THR B 71 -8.13 -31.44 -23.13
CA THR B 71 -7.81 -30.33 -22.22
C THR B 71 -7.15 -30.85 -20.94
N LEU B 72 -7.30 -32.14 -20.66
CA LEU B 72 -6.66 -32.75 -19.51
C LEU B 72 -5.15 -32.50 -19.52
N LEU B 73 -4.59 -32.38 -20.72
N LEU B 73 -4.60 -32.38 -20.73
CA LEU B 73 -3.16 -32.21 -20.86
CA LEU B 73 -3.16 -32.20 -20.87
C LEU B 73 -2.68 -30.79 -20.52
C LEU B 73 -2.68 -30.78 -20.55
N ARG B 74 -3.62 -29.89 -20.25
CA ARG B 74 -3.24 -28.55 -19.79
C ARG B 74 -2.78 -28.60 -18.34
N LEU B 75 -2.84 -29.80 -17.76
CA LEU B 75 -2.30 -30.05 -16.42
C LEU B 75 -1.18 -31.07 -16.53
N PRO B 76 -0.03 -30.82 -15.91
CA PRO B 76 1.10 -31.71 -16.15
C PRO B 76 1.06 -32.99 -15.29
N LEU B 77 -0.07 -33.71 -15.35
CA LEU B 77 -0.33 -34.84 -14.47
C LEU B 77 -0.05 -36.21 -15.09
N TRP B 78 0.41 -36.21 -16.33
CA TRP B 78 0.30 -37.43 -17.14
C TRP B 78 1.64 -37.99 -17.67
N GLN B 79 2.72 -37.81 -16.91
CA GLN B 79 4.04 -38.35 -17.24
C GLN B 79 4.17 -39.80 -16.82
N GLY B 80 4.74 -40.63 -17.69
CA GLY B 80 5.15 -41.97 -17.29
C GLY B 80 4.04 -43.00 -17.25
N PRO B 81 4.34 -44.22 -16.78
CA PRO B 81 3.35 -45.30 -16.84
C PRO B 81 2.39 -45.28 -15.64
N LEU B 82 1.71 -44.16 -15.45
CA LEU B 82 0.77 -44.00 -14.35
C LEU B 82 -0.48 -44.87 -14.54
N ARG B 83 -0.98 -45.42 -13.45
CA ARG B 83 -2.27 -46.13 -13.49
C ARG B 83 -3.39 -45.11 -13.37
N VAL B 84 -4.28 -45.10 -14.35
CA VAL B 84 -5.34 -44.10 -14.45
C VAL B 84 -6.71 -44.74 -14.52
N LEU B 85 -7.65 -44.20 -13.75
CA LEU B 85 -9.03 -44.64 -13.81
C LEU B 85 -9.91 -43.57 -14.45
N ASP B 86 -10.55 -43.91 -15.56
CA ASP B 86 -11.57 -43.04 -16.14
C ASP B 86 -12.92 -43.57 -15.66
N LEU B 87 -13.55 -42.81 -14.78
CA LEU B 87 -14.76 -43.27 -14.11
C LEU B 87 -16.01 -42.75 -14.80
N GLY B 88 -16.89 -43.65 -15.21
CA GLY B 88 -18.13 -43.27 -15.86
C GLY B 88 -17.83 -42.79 -17.25
N THR B 89 -17.06 -43.61 -17.96
CA THR B 89 -16.42 -43.23 -19.21
C THR B 89 -17.41 -43.02 -20.37
N GLY B 90 -18.62 -43.56 -20.25
CA GLY B 90 -19.57 -43.47 -21.33
C GLY B 90 -19.03 -44.20 -22.56
N ALA B 91 -18.81 -43.48 -23.66
CA ALA B 91 -18.26 -44.10 -24.86
C ALA B 91 -16.74 -44.01 -24.91
N GLY B 92 -16.13 -43.65 -23.79
CA GLY B 92 -14.68 -43.61 -23.70
C GLY B 92 -14.08 -42.22 -23.64
N PHE B 93 -14.73 -41.31 -22.92
CA PHE B 93 -14.25 -39.94 -22.81
C PHE B 93 -14.23 -39.49 -21.37
N PRO B 94 -13.13 -38.87 -20.93
CA PRO B 94 -11.94 -38.42 -21.68
C PRO B 94 -10.83 -39.46 -21.84
N GLY B 95 -11.03 -40.66 -21.32
CA GLY B 95 -10.00 -41.69 -21.26
C GLY B 95 -9.36 -42.11 -22.58
N LEU B 96 -10.14 -42.32 -23.62
CA LEU B 96 -9.59 -42.81 -24.87
C LEU B 96 -8.69 -41.78 -25.57
N PRO B 97 -9.17 -40.53 -25.72
CA PRO B 97 -8.27 -39.54 -26.30
C PRO B 97 -7.01 -39.36 -25.44
N LEU B 98 -7.16 -39.43 -24.12
CA LEU B 98 -6.00 -39.34 -23.25
C LEU B 98 -5.01 -40.47 -23.53
N LYS B 99 -5.51 -41.69 -23.58
CA LYS B 99 -4.70 -42.88 -23.85
C LYS B 99 -4.01 -42.81 -25.21
N ILE B 100 -4.77 -42.38 -26.23
CA ILE B 100 -4.23 -42.25 -27.58
C ILE B 100 -3.01 -41.36 -27.57
N VAL B 101 -3.10 -40.25 -26.84
CA VAL B 101 -2.06 -39.23 -26.86
C VAL B 101 -0.98 -39.43 -25.79
N ARG B 102 -1.30 -40.20 -24.76
CA ARG B 102 -0.30 -40.59 -23.76
C ARG B 102 -0.29 -42.10 -23.63
N PRO B 103 0.37 -42.80 -24.58
CA PRO B 103 0.30 -44.27 -24.69
C PRO B 103 0.86 -45.02 -23.48
N GLU B 104 1.68 -44.37 -22.66
CA GLU B 104 2.27 -45.07 -21.51
C GLU B 104 1.30 -45.22 -20.33
N LEU B 105 0.24 -44.41 -20.32
CA LEU B 105 -0.73 -44.52 -19.23
C LEU B 105 -1.40 -45.90 -19.25
N GLU B 106 -1.48 -46.54 -18.09
CA GLU B 106 -2.27 -47.76 -17.92
C GLU B 106 -3.69 -47.36 -17.56
N LEU B 107 -4.59 -47.47 -18.51
N LEU B 107 -4.59 -47.44 -18.53
CA LEU B 107 -5.95 -46.95 -18.33
CA LEU B 107 -5.97 -46.98 -18.35
C LEU B 107 -6.97 -48.05 -18.02
C LEU B 107 -6.95 -48.08 -17.99
N VAL B 108 -7.81 -47.79 -17.02
CA VAL B 108 -8.97 -48.61 -16.75
C VAL B 108 -10.16 -47.67 -16.94
N LEU B 109 -11.04 -48.00 -17.88
CA LEU B 109 -12.23 -47.18 -18.14
C LEU B 109 -13.46 -47.91 -17.60
N VAL B 110 -14.14 -47.30 -16.65
CA VAL B 110 -15.26 -47.94 -15.96
C VAL B 110 -16.60 -47.35 -16.37
N ASP B 111 -17.59 -48.21 -16.59
CA ASP B 111 -18.98 -47.73 -16.74
C ASP B 111 -19.96 -48.75 -16.19
N ALA B 112 -21.09 -48.26 -15.70
CA ALA B 112 -22.10 -49.12 -15.11
C ALA B 112 -23.03 -49.69 -16.18
N THR B 113 -22.89 -49.20 -17.40
CA THR B 113 -23.76 -49.59 -18.50
C THR B 113 -23.02 -50.51 -19.45
N ARG B 114 -23.52 -51.73 -19.57
CA ARG B 114 -22.83 -52.77 -20.31
C ARG B 114 -22.49 -52.33 -21.75
N LYS B 115 -23.48 -51.76 -22.43
CA LYS B 115 -23.37 -51.35 -23.83
C LYS B 115 -22.21 -50.36 -24.03
N LYS B 116 -22.01 -49.47 -23.07
CA LYS B 116 -20.89 -48.54 -23.09
C LYS B 116 -19.55 -49.25 -22.94
N VAL B 117 -19.47 -50.19 -22.00
CA VAL B 117 -18.25 -50.95 -21.79
C VAL B 117 -17.87 -51.70 -23.07
N ALA B 118 -18.87 -52.31 -23.71
CA ALA B 118 -18.64 -53.06 -24.94
C ALA B 118 -18.14 -52.15 -26.06
N PHE B 119 -18.67 -50.94 -26.14
CA PHE B 119 -18.17 -49.99 -27.11
C PHE B 119 -16.69 -49.70 -26.86
N VAL B 120 -16.34 -49.40 -25.62
CA VAL B 120 -14.96 -49.07 -25.30
C VAL B 120 -14.02 -50.25 -25.59
N GLU B 121 -14.46 -51.47 -25.25
CA GLU B 121 -13.69 -52.68 -25.52
C GLU B 121 -13.35 -52.80 -27.01
N ARG B 122 -14.35 -52.58 -27.85
CA ARG B 122 -14.20 -52.66 -29.30
C ARG B 122 -13.28 -51.56 -29.82
N ALA B 123 -13.39 -50.37 -29.25
CA ALA B 123 -12.51 -49.27 -29.65
C ALA B 123 -11.07 -49.63 -29.34
N ILE B 124 -10.84 -50.19 -28.17
CA ILE B 124 -9.51 -50.62 -27.76
C ILE B 124 -8.93 -51.62 -28.76
N GLU B 125 -9.75 -52.59 -29.14
CA GLU B 125 -9.36 -53.63 -30.07
C GLU B 125 -9.10 -53.05 -31.47
N VAL B 126 -10.05 -52.27 -31.95
CA VAL B 126 -9.96 -51.68 -33.28
C VAL B 126 -8.76 -50.74 -33.39
N LEU B 127 -8.54 -49.87 -32.41
CA LEU B 127 -7.40 -48.95 -32.44
C LEU B 127 -6.07 -49.63 -32.11
N GLY B 128 -6.12 -50.85 -31.59
CA GLY B 128 -4.92 -51.56 -31.18
C GLY B 128 -4.21 -50.92 -30.01
N LEU B 129 -4.99 -50.38 -29.06
CA LEU B 129 -4.41 -49.81 -27.86
C LEU B 129 -3.90 -50.93 -26.95
N LYS B 130 -2.75 -50.71 -26.34
CA LYS B 130 -2.18 -51.64 -25.37
C LYS B 130 -2.19 -50.95 -24.01
N GLY B 131 -2.46 -51.69 -22.94
CA GLY B 131 -2.48 -51.11 -21.61
C GLY B 131 -3.72 -50.27 -21.34
N ALA B 132 -4.86 -50.74 -21.85
CA ALA B 132 -6.15 -50.13 -21.54
C ALA B 132 -7.22 -51.21 -21.43
N ARG B 133 -8.03 -51.16 -20.38
N ARG B 133 -8.01 -51.16 -20.36
CA ARG B 133 -9.12 -52.13 -20.19
CA ARG B 133 -9.12 -52.08 -20.19
C ARG B 133 -10.43 -51.44 -19.84
C ARG B 133 -10.41 -51.30 -20.00
N ALA B 134 -11.50 -51.83 -20.51
CA ALA B 134 -12.82 -51.36 -20.14
C ALA B 134 -13.33 -52.33 -19.08
N LEU B 135 -14.12 -51.81 -18.14
CA LEU B 135 -14.57 -52.60 -17.00
C LEU B 135 -16.01 -52.23 -16.67
N TRP B 136 -16.88 -53.23 -16.63
CA TRP B 136 -18.29 -53.04 -16.31
C TRP B 136 -18.46 -53.07 -14.80
N GLY B 137 -18.90 -51.96 -14.22
CA GLY B 137 -19.06 -51.91 -12.78
C GLY B 137 -19.52 -50.61 -12.17
N ARG B 138 -19.76 -50.65 -10.86
CA ARG B 138 -20.20 -49.50 -10.10
C ARG B 138 -19.03 -49.00 -9.24
N ALA B 139 -18.79 -47.69 -9.27
CA ALA B 139 -17.70 -47.10 -8.50
C ALA B 139 -17.80 -47.46 -7.02
N GLU B 140 -19.01 -47.39 -6.46
CA GLU B 140 -19.21 -47.69 -5.05
C GLU B 140 -18.78 -49.11 -4.70
N VAL B 141 -18.91 -50.03 -5.66
CA VAL B 141 -18.55 -51.43 -5.43
C VAL B 141 -17.07 -51.65 -5.70
N LEU B 142 -16.58 -51.16 -6.83
CA LEU B 142 -15.17 -51.31 -7.18
C LEU B 142 -14.23 -50.71 -6.15
N ALA B 143 -14.61 -49.58 -5.57
CA ALA B 143 -13.71 -48.88 -4.65
C ALA B 143 -13.57 -49.58 -3.31
N ARG B 144 -14.23 -50.72 -3.15
CA ARG B 144 -14.10 -51.50 -1.94
C ARG B 144 -13.42 -52.83 -2.22
N GLU B 145 -12.88 -52.97 -3.42
CA GLU B 145 -12.05 -54.10 -3.78
C GLU B 145 -10.58 -53.71 -3.63
N ALA B 146 -9.77 -54.62 -3.11
CA ALA B 146 -8.36 -54.35 -2.91
C ALA B 146 -7.66 -54.05 -4.24
N GLY B 147 -8.19 -54.64 -5.31
CA GLY B 147 -7.64 -54.43 -6.63
C GLY B 147 -7.83 -53.02 -7.18
N HIS B 148 -8.78 -52.28 -6.60
CA HIS B 148 -9.05 -50.92 -7.07
C HIS B 148 -8.89 -49.84 -6.01
N ARG B 149 -9.21 -50.15 -4.76
CA ARG B 149 -9.16 -49.14 -3.70
C ARG B 149 -7.73 -48.64 -3.50
N GLU B 150 -7.57 -47.33 -3.68
CA GLU B 150 -6.29 -46.67 -3.48
C GLU B 150 -5.20 -47.33 -4.32
N ALA B 151 -5.59 -47.77 -5.51
CA ALA B 151 -4.69 -48.46 -6.43
C ALA B 151 -4.32 -47.64 -7.66
N TYR B 152 -4.85 -46.43 -7.78
CA TYR B 152 -4.58 -45.60 -8.95
C TYR B 152 -3.77 -44.34 -8.59
N ALA B 153 -2.95 -43.89 -9.52
CA ALA B 153 -2.22 -42.65 -9.32
C ALA B 153 -3.06 -41.47 -9.78
N ARG B 154 -3.97 -41.74 -10.71
CA ARG B 154 -4.82 -40.69 -11.26
C ARG B 154 -6.23 -41.24 -11.49
N ALA B 155 -7.20 -40.34 -11.41
CA ALA B 155 -8.58 -40.70 -11.74
C ALA B 155 -9.24 -39.47 -12.37
N VAL B 156 -10.13 -39.73 -13.33
CA VAL B 156 -10.81 -38.65 -14.02
C VAL B 156 -12.28 -38.99 -14.19
N ALA B 157 -13.11 -37.95 -14.22
CA ALA B 157 -14.53 -38.10 -14.46
C ALA B 157 -15.03 -36.85 -15.15
N ARG B 158 -15.81 -37.03 -16.21
CA ARG B 158 -16.53 -35.94 -16.84
C ARG B 158 -17.99 -36.29 -16.66
N ALA B 159 -18.66 -35.60 -15.75
CA ALA B 159 -19.99 -36.00 -15.33
C ALA B 159 -20.80 -34.85 -14.75
N VAL B 160 -22.11 -35.08 -14.77
CA VAL B 160 -23.10 -34.10 -14.37
C VAL B 160 -23.17 -34.02 -12.84
N ALA B 161 -23.00 -35.17 -12.21
CA ALA B 161 -23.00 -35.26 -10.75
C ALA B 161 -22.03 -34.25 -10.15
N PRO B 162 -22.49 -33.53 -9.12
CA PRO B 162 -21.79 -32.46 -8.39
C PRO B 162 -20.45 -32.93 -7.80
N LEU B 163 -19.56 -31.97 -7.57
CA LEU B 163 -18.24 -32.24 -7.02
C LEU B 163 -18.30 -32.98 -5.68
N CYS B 164 -19.32 -32.69 -4.87
CA CYS B 164 -19.45 -33.37 -3.59
C CYS B 164 -19.60 -34.87 -3.77
N VAL B 165 -20.53 -35.27 -4.64
CA VAL B 165 -20.79 -36.67 -4.96
C VAL B 165 -19.56 -37.30 -5.63
N LEU B 166 -19.01 -36.59 -6.59
CA LEU B 166 -17.91 -37.06 -7.41
C LEU B 166 -16.65 -37.31 -6.58
N SER B 167 -16.42 -36.47 -5.57
CA SER B 167 -15.25 -36.62 -4.71
C SER B 167 -15.34 -37.93 -3.95
N GLU B 168 -16.55 -38.30 -3.51
CA GLU B 168 -16.72 -39.52 -2.74
C GLU B 168 -16.48 -40.73 -3.63
N LEU B 169 -16.80 -40.59 -4.92
CA LEU B 169 -16.64 -41.69 -5.90
C LEU B 169 -15.18 -41.83 -6.37
N LEU B 170 -14.46 -40.71 -6.49
CA LEU B 170 -13.12 -40.70 -7.09
C LEU B 170 -12.01 -40.94 -6.06
N LEU B 171 -12.06 -40.19 -4.97
CA LEU B 171 -10.98 -40.18 -3.98
C LEU B 171 -10.60 -41.58 -3.43
N PRO B 172 -11.61 -42.44 -3.19
CA PRO B 172 -11.21 -43.74 -2.66
C PRO B 172 -10.34 -44.57 -3.63
N PHE B 173 -10.28 -44.18 -4.90
CA PHE B 173 -9.50 -44.93 -5.87
C PHE B 173 -8.03 -44.54 -5.87
N LEU B 174 -7.73 -43.40 -5.23
CA LEU B 174 -6.42 -42.78 -5.34
C LEU B 174 -5.45 -43.25 -4.27
N GLU B 175 -4.26 -43.69 -4.67
CA GLU B 175 -3.21 -43.96 -3.71
C GLU B 175 -2.83 -42.60 -3.13
N VAL B 176 -2.36 -42.60 -1.87
CA VAL B 176 -1.93 -41.36 -1.25
C VAL B 176 -0.87 -40.71 -2.12
N GLY B 177 -0.99 -39.40 -2.32
CA GLY B 177 -0.09 -38.68 -3.21
C GLY B 177 -0.65 -38.53 -4.62
N GLY B 178 -1.70 -39.28 -4.93
CA GLY B 178 -2.32 -39.23 -6.25
C GLY B 178 -3.28 -38.07 -6.41
N ALA B 179 -3.86 -37.92 -7.60
CA ALA B 179 -4.78 -36.83 -7.90
C ALA B 179 -5.89 -37.24 -8.85
N ALA B 180 -7.07 -36.66 -8.66
CA ALA B 180 -8.19 -36.88 -9.57
C ALA B 180 -8.54 -35.56 -10.25
N VAL B 181 -9.06 -35.65 -11.48
CA VAL B 181 -9.56 -34.46 -12.14
C VAL B 181 -11.05 -34.60 -12.43
N ALA B 182 -11.83 -33.66 -11.93
CA ALA B 182 -13.23 -33.57 -12.25
C ALA B 182 -13.37 -32.53 -13.35
N MET B 183 -13.80 -32.99 -14.52
CA MET B 183 -13.95 -32.08 -15.67
C MET B 183 -15.30 -31.41 -15.60
N LYS B 184 -15.30 -30.07 -15.51
CA LYS B 184 -16.52 -29.31 -15.30
C LYS B 184 -16.74 -28.24 -16.36
N GLY B 185 -17.97 -27.73 -16.43
CA GLY B 185 -18.33 -26.72 -17.42
C GLY B 185 -18.10 -25.31 -16.89
N PRO B 186 -18.84 -24.33 -17.44
CA PRO B 186 -18.63 -22.90 -17.13
C PRO B 186 -18.83 -22.53 -15.65
N ARG B 187 -19.68 -23.25 -14.93
CA ARG B 187 -20.10 -22.87 -13.58
C ARG B 187 -19.63 -23.83 -12.50
N VAL B 188 -18.70 -23.40 -11.65
CA VAL B 188 -18.23 -24.27 -10.58
C VAL B 188 -18.39 -23.66 -9.20
N GLU B 189 -18.77 -22.38 -9.16
CA GLU B 189 -18.84 -21.64 -7.91
C GLU B 189 -19.63 -22.33 -6.77
N GLU B 190 -20.89 -22.70 -7.04
CA GLU B 190 -21.73 -23.32 -6.02
C GLU B 190 -21.26 -24.72 -5.65
N GLU B 191 -20.76 -25.46 -6.63
CA GLU B 191 -20.29 -26.82 -6.37
C GLU B 191 -19.02 -26.81 -5.53
N LEU B 192 -18.23 -25.76 -5.66
CA LEU B 192 -16.95 -25.66 -4.95
C LEU B 192 -17.12 -25.17 -3.52
N ALA B 193 -18.09 -24.29 -3.30
CA ALA B 193 -18.23 -23.54 -2.04
C ALA B 193 -18.11 -24.38 -0.77
N PRO B 194 -18.88 -25.47 -0.66
CA PRO B 194 -18.84 -26.33 0.54
C PRO B 194 -17.88 -27.51 0.44
N LEU B 195 -17.03 -27.57 -0.58
CA LEU B 195 -16.25 -28.79 -0.86
C LEU B 195 -15.18 -29.12 0.17
N PRO B 196 -14.37 -28.13 0.58
CA PRO B 196 -13.18 -28.54 1.36
C PRO B 196 -13.43 -29.39 2.62
N PRO B 197 -14.41 -29.04 3.47
CA PRO B 197 -14.56 -29.96 4.61
C PRO B 197 -14.98 -31.36 4.18
N ALA B 198 -15.74 -31.46 3.09
CA ALA B 198 -16.14 -32.78 2.60
C ALA B 198 -14.92 -33.55 2.11
N LEU B 199 -14.04 -32.89 1.37
CA LEU B 199 -12.83 -33.57 0.89
C LEU B 199 -12.05 -34.14 2.08
N GLU B 200 -12.01 -33.39 3.17
CA GLU B 200 -11.24 -33.79 4.34
C GLU B 200 -11.71 -35.12 4.91
N ARG B 201 -13.03 -35.32 4.93
CA ARG B 201 -13.60 -36.55 5.45
C ARG B 201 -13.09 -37.74 4.63
N LEU B 202 -12.74 -37.47 3.37
CA LEU B 202 -12.37 -38.52 2.44
C LEU B 202 -10.85 -38.72 2.32
N GLY B 203 -10.08 -37.90 3.03
CA GLY B 203 -8.63 -37.97 2.95
C GLY B 203 -8.08 -37.13 1.81
N GLY B 204 -8.93 -36.27 1.25
CA GLY B 204 -8.54 -35.46 0.11
C GLY B 204 -8.37 -33.99 0.44
N ARG B 205 -7.89 -33.22 -0.53
CA ARG B 205 -7.71 -31.78 -0.39
C ARG B 205 -7.95 -31.16 -1.75
N LEU B 206 -8.57 -29.98 -1.77
CA LEU B 206 -8.82 -29.32 -3.04
C LEU B 206 -7.49 -28.86 -3.63
N GLY B 207 -7.21 -29.33 -4.84
CA GLY B 207 -6.03 -28.89 -5.55
C GLY B 207 -6.42 -27.65 -6.31
N GLU B 208 -5.79 -27.42 -7.46
CA GLU B 208 -6.11 -26.23 -8.22
C GLU B 208 -7.42 -26.38 -8.98
N VAL B 209 -7.97 -25.23 -9.34
CA VAL B 209 -9.11 -25.15 -10.24
C VAL B 209 -8.68 -24.36 -11.46
N LEU B 210 -8.46 -25.06 -12.57
CA LEU B 210 -8.00 -24.40 -13.80
C LEU B 210 -9.16 -23.96 -14.69
N ALA B 211 -9.26 -22.67 -14.93
CA ALA B 211 -10.23 -22.14 -15.90
C ALA B 211 -9.58 -22.09 -17.28
N LEU B 212 -10.32 -22.58 -18.27
CA LEU B 212 -9.87 -22.50 -19.67
C LEU B 212 -11.06 -22.37 -20.62
N GLN B 213 -10.76 -22.00 -21.87
CA GLN B 213 -11.76 -21.87 -22.92
C GLN B 213 -11.47 -22.91 -23.99
N LEU B 214 -12.48 -23.62 -24.46
CA LEU B 214 -12.26 -24.63 -25.51
C LEU B 214 -11.73 -24.00 -26.79
N PRO B 215 -10.81 -24.71 -27.48
CA PRO B 215 -10.06 -24.20 -28.64
C PRO B 215 -10.87 -23.57 -29.78
N LEU B 216 -12.02 -24.14 -30.16
CA LEU B 216 -12.69 -23.68 -31.36
C LEU B 216 -14.00 -22.98 -31.04
N SER B 217 -14.65 -23.41 -29.95
CA SER B 217 -15.96 -22.90 -29.57
C SER B 217 -15.87 -21.76 -28.57
N GLY B 218 -14.72 -21.63 -27.90
CA GLY B 218 -14.56 -20.67 -26.83
C GLY B 218 -15.33 -20.96 -25.56
N GLU B 219 -16.08 -22.07 -25.51
CA GLU B 219 -16.86 -22.41 -24.30
C GLU B 219 -15.98 -22.50 -23.04
N ALA B 220 -16.50 -21.97 -21.93
CA ALA B 220 -15.80 -22.02 -20.65
C ALA B 220 -15.81 -23.43 -20.04
N ARG B 221 -14.67 -23.84 -19.48
CA ARG B 221 -14.51 -25.12 -18.81
C ARG B 221 -13.69 -24.93 -17.55
N HIS B 222 -13.79 -25.88 -16.63
CA HIS B 222 -12.90 -25.92 -15.47
C HIS B 222 -12.41 -27.33 -15.22
N LEU B 223 -11.12 -27.48 -14.97
CA LEU B 223 -10.61 -28.74 -14.44
C LEU B 223 -10.40 -28.58 -12.94
N VAL B 224 -11.05 -29.43 -12.16
CA VAL B 224 -10.92 -29.38 -10.72
C VAL B 224 -10.05 -30.54 -10.25
N VAL B 225 -8.93 -30.20 -9.62
CA VAL B 225 -7.98 -31.21 -9.14
C VAL B 225 -8.25 -31.55 -7.68
N LEU B 226 -8.42 -32.84 -7.40
CA LEU B 226 -8.55 -33.33 -6.04
C LEU B 226 -7.30 -34.12 -5.68
N GLU B 227 -6.61 -33.70 -4.62
CA GLU B 227 -5.36 -34.33 -4.21
C GLU B 227 -5.62 -35.39 -3.14
N LYS B 228 -5.00 -36.56 -3.26
CA LYS B 228 -5.16 -37.59 -2.24
C LYS B 228 -4.08 -37.42 -1.19
N THR B 229 -4.47 -37.06 0.02
CA THR B 229 -3.48 -36.71 1.02
C THR B 229 -3.34 -37.72 2.16
N ALA B 230 -4.37 -38.51 2.38
CA ALA B 230 -4.29 -39.55 3.40
C ALA B 230 -5.31 -40.62 3.07
N PRO B 231 -5.19 -41.80 3.70
CA PRO B 231 -6.09 -42.90 3.33
C PRO B 231 -7.55 -42.55 3.55
N THR B 232 -8.42 -43.06 2.69
CA THR B 232 -9.86 -42.84 2.84
C THR B 232 -10.40 -43.72 3.97
N PRO B 233 -11.16 -43.12 4.90
CA PRO B 233 -11.72 -43.98 5.95
C PRO B 233 -12.58 -45.08 5.34
N PRO B 234 -12.70 -46.23 6.04
CA PRO B 234 -13.42 -47.39 5.55
C PRO B 234 -14.90 -47.10 5.28
N ALA B 235 -15.40 -45.99 5.84
CA ALA B 235 -16.81 -45.62 5.68
C ALA B 235 -17.18 -45.25 4.24
N TYR B 236 -16.19 -44.86 3.44
CA TYR B 236 -16.44 -44.35 2.10
C TYR B 236 -15.81 -45.23 1.03
N PRO B 237 -16.44 -45.31 -0.17
CA PRO B 237 -17.68 -44.62 -0.53
C PRO B 237 -18.86 -45.34 0.13
N ARG B 238 -19.96 -44.64 0.40
CA ARG B 238 -21.12 -45.33 0.95
C ARG B 238 -21.73 -46.25 -0.12
N ARG B 239 -22.81 -46.96 0.22
CA ARG B 239 -23.39 -47.96 -0.69
C ARG B 239 -23.92 -47.37 -2.00
N PRO B 240 -24.00 -48.20 -3.05
CA PRO B 240 -24.42 -47.72 -4.37
C PRO B 240 -25.65 -46.79 -4.29
N GLY B 241 -25.56 -45.64 -4.95
CA GLY B 241 -26.65 -44.69 -4.95
C GLY B 241 -26.73 -43.81 -3.73
N VAL B 242 -26.06 -44.18 -2.65
CA VAL B 242 -26.11 -43.36 -1.43
C VAL B 242 -25.36 -42.03 -1.60
N PRO B 243 -24.19 -42.04 -2.24
CA PRO B 243 -23.50 -40.75 -2.43
C PRO B 243 -24.33 -39.75 -3.22
N GLU B 244 -25.01 -40.22 -4.27
CA GLU B 244 -25.87 -39.36 -5.07
C GLU B 244 -27.14 -38.94 -4.31
N ARG B 245 -27.74 -39.86 -3.56
CA ARG B 245 -28.97 -39.54 -2.83
C ARG B 245 -28.72 -38.64 -1.61
N HIS B 246 -27.69 -38.93 -0.81
CA HIS B 246 -27.34 -38.08 0.33
C HIS B 246 -25.88 -37.60 0.29
N PRO B 247 -25.61 -36.53 -0.46
CA PRO B 247 -24.23 -36.04 -0.69
C PRO B 247 -23.54 -35.47 0.55
N LEU B 248 -22.23 -35.66 0.65
CA LEU B 248 -21.43 -35.13 1.75
C LEU B 248 -21.55 -33.61 1.92
N CYS B 249 -21.97 -32.92 0.86
CA CYS B 249 -22.13 -31.48 0.92
C CYS B 249 -22.96 -30.95 -0.26
N MET C 1 -26.74 22.03 3.75
CA MET C 1 -25.50 21.40 3.26
C MET C 1 -25.56 19.86 3.09
N PHE C 2 -24.55 19.35 2.37
CA PHE C 2 -24.33 17.91 2.04
C PHE C 2 -25.55 17.25 1.46
N GLY C 4 -25.94 16.67 -1.90
CA GLY C 4 -25.60 16.04 -3.16
C GLY C 4 -25.63 14.52 -3.17
N LYS C 5 -26.24 13.95 -4.21
CA LYS C 5 -26.33 12.50 -4.36
C LYS C 5 -25.25 12.03 -5.35
N HIS C 6 -24.98 10.72 -5.34
CA HIS C 6 -24.03 10.10 -6.26
C HIS C 6 -24.63 8.76 -6.67
N PRO C 7 -24.76 8.53 -7.98
CA PRO C 7 -25.37 7.30 -8.51
C PRO C 7 -24.69 6.01 -8.02
N GLY C 8 -23.39 5.88 -8.20
CA GLY C 8 -22.69 4.68 -7.76
C GLY C 8 -21.44 4.99 -6.96
N GLY C 9 -21.63 5.63 -5.80
CA GLY C 9 -20.52 6.04 -4.98
C GLY C 9 -20.96 6.76 -3.72
N LEU C 10 -20.01 7.31 -2.98
CA LEU C 10 -20.31 8.04 -1.77
C LEU C 10 -20.98 9.37 -2.10
N SER C 11 -22.10 9.63 -1.43
CA SER C 11 -22.79 10.90 -1.57
C SER C 11 -21.91 12.03 -1.07
N GLU C 12 -22.38 13.26 -1.22
CA GLU C 12 -21.72 14.41 -0.63
C GLU C 12 -21.62 14.26 0.89
N ARG C 13 -22.70 13.88 1.56
CA ARG C 13 -22.65 13.64 3.00
C ARG C 13 -21.64 12.54 3.32
N GLY C 14 -21.73 11.42 2.60
CA GLY C 14 -20.87 10.29 2.84
C GLY C 14 -19.39 10.63 2.76
N ARG C 15 -19.02 11.38 1.72
CA ARG C 15 -17.65 11.85 1.55
C ARG C 15 -17.21 12.73 2.69
N ALA C 16 -18.07 13.66 3.07
CA ALA C 16 -17.73 14.57 4.16
C ALA C 16 -17.58 13.84 5.50
N LEU C 17 -18.44 12.85 5.75
CA LEU C 17 -18.32 12.05 6.97
C LEU C 17 -16.97 11.35 6.98
N LEU C 18 -16.63 10.72 5.86
CA LEU C 18 -15.38 9.98 5.74
C LEU C 18 -14.17 10.90 6.01
N LEU C 19 -14.15 12.08 5.40
CA LEU C 19 -13.04 13.03 5.60
C LEU C 19 -12.96 13.51 7.05
N GLU C 20 -14.11 13.89 7.64
CA GLU C 20 -14.14 14.39 9.01
C GLU C 20 -13.64 13.30 9.96
N GLY C 21 -14.19 12.10 9.84
CA GLY C 21 -13.80 10.98 10.67
C GLY C 21 -12.32 10.70 10.54
N GLY C 22 -11.81 10.82 9.33
CA GLY C 22 -10.40 10.62 9.05
C GLY C 22 -9.53 11.63 9.80
N LYS C 23 -9.87 12.91 9.68
CA LYS C 23 -9.12 13.95 10.38
C LYS C 23 -9.11 13.71 11.89
N ALA C 24 -10.24 13.30 12.44
CA ALA C 24 -10.29 12.99 13.86
C ALA C 24 -9.28 11.90 14.24
N LEU C 25 -8.98 11.02 13.28
CA LEU C 25 -7.98 9.97 13.48
C LEU C 25 -6.56 10.45 13.20
N GLY C 26 -6.42 11.67 12.69
CA GLY C 26 -5.14 12.23 12.34
C GLY C 26 -4.74 11.92 10.91
N LEU C 27 -5.73 11.61 10.08
CA LEU C 27 -5.50 11.17 8.71
C LEU C 27 -6.12 12.14 7.71
N ASP C 28 -5.44 12.32 6.57
CA ASP C 28 -6.01 13.08 5.46
C ASP C 28 -6.46 12.11 4.39
N LEU C 29 -7.76 11.90 4.28
CA LEU C 29 -8.27 10.89 3.37
C LEU C 29 -8.60 11.45 1.99
N LYS C 30 -8.30 12.72 1.75
CA LYS C 30 -8.68 13.36 0.51
C LYS C 30 -8.09 12.66 -0.73
N PRO C 31 -6.80 12.28 -0.67
CA PRO C 31 -6.30 11.59 -1.87
C PRO C 31 -6.90 10.20 -2.05
N HIS C 32 -7.69 9.71 -1.09
CA HIS C 32 -8.25 8.36 -1.17
C HIS C 32 -9.77 8.31 -1.25
N LEU C 33 -10.39 9.47 -1.35
CA LEU C 33 -11.83 9.58 -1.36
C LEU C 33 -12.42 8.75 -2.51
N GLU C 34 -11.81 8.83 -3.69
CA GLU C 34 -12.34 8.14 -4.86
C GLU C 34 -12.28 6.63 -4.68
N ALA C 35 -11.15 6.11 -4.21
CA ALA C 35 -11.03 4.68 -3.93
C ALA C 35 -12.07 4.21 -2.91
N PHE C 36 -12.30 4.99 -1.87
CA PHE C 36 -13.28 4.61 -0.86
C PHE C 36 -14.71 4.69 -1.40
N SER C 37 -14.97 5.69 -2.24
CA SER C 37 -16.27 5.83 -2.89
C SER C 37 -16.53 4.59 -3.73
N ARG C 38 -15.54 4.22 -4.54
CA ARG C 38 -15.62 3.02 -5.37
C ARG C 38 -15.81 1.75 -4.56
N LEU C 39 -15.10 1.63 -3.44
CA LEU C 39 -15.25 0.47 -2.59
C LEU C 39 -16.67 0.41 -2.05
N TYR C 40 -17.21 1.59 -1.72
CA TYR C 40 -18.57 1.69 -1.20
C TYR C 40 -19.57 1.22 -2.24
N ALA C 41 -19.37 1.66 -3.48
CA ALA C 41 -20.25 1.29 -4.57
C ALA C 41 -20.23 -0.22 -4.77
N LEU C 42 -19.05 -0.82 -4.68
CA LEU C 42 -18.91 -2.26 -4.80
C LEU C 42 -19.68 -2.97 -3.68
N LEU C 43 -19.59 -2.44 -2.47
CA LEU C 43 -20.26 -3.03 -1.33
C LEU C 43 -21.78 -2.97 -1.48
N GLN C 44 -22.26 -1.86 -2.04
CA GLN C 44 -23.69 -1.71 -2.27
C GLN C 44 -24.15 -2.54 -3.46
N GLU C 45 -23.39 -2.52 -4.54
CA GLU C 45 -23.64 -3.43 -5.65
C GLU C 45 -23.40 -4.86 -5.19
N GLY C 57 -28.86 5.65 6.08
CA GLY C 57 -28.22 5.11 7.26
C GLY C 57 -27.24 4.00 6.94
N GLU C 58 -27.42 3.35 5.80
CA GLU C 58 -26.53 2.27 5.37
C GLU C 58 -25.20 2.86 4.91
N GLU C 59 -25.26 4.04 4.32
CA GLU C 59 -24.04 4.71 3.89
C GLU C 59 -23.19 5.09 5.10
N GLU C 60 -23.78 5.69 6.12
CA GLU C 60 -22.98 6.05 7.28
C GLU C 60 -22.43 4.81 8.01
N VAL C 61 -23.21 3.72 8.00
CA VAL C 61 -22.76 2.45 8.56
C VAL C 61 -21.49 1.95 7.88
N VAL C 62 -21.46 2.01 6.55
CA VAL C 62 -20.28 1.59 5.83
C VAL C 62 -19.12 2.55 6.11
N VAL C 63 -19.37 3.85 6.03
CA VAL C 63 -18.33 4.82 6.33
C VAL C 63 -17.73 4.56 7.72
N LYS C 64 -18.57 4.08 8.64
CA LYS C 64 -18.12 3.61 9.97
C LYS C 64 -17.17 2.42 9.92
N HIS C 65 -17.45 1.47 9.02
CA HIS C 65 -16.58 0.31 8.78
C HIS C 65 -15.23 0.74 8.23
N PHE C 66 -15.25 1.69 7.29
CA PHE C 66 -14.03 2.26 6.75
C PHE C 66 -13.22 2.85 7.91
N LEU C 67 -13.84 3.72 8.70
CA LEU C 67 -13.15 4.42 9.77
C LEU C 67 -12.70 3.46 10.87
N ASP C 68 -13.54 2.49 11.22
CA ASP C 68 -13.13 1.49 12.19
C ASP C 68 -11.85 0.78 11.71
N SER C 69 -11.81 0.37 10.45
CA SER C 69 -10.62 -0.29 9.90
C SER C 69 -9.39 0.60 10.02
N LEU C 70 -9.59 1.90 9.80
CA LEU C 70 -8.48 2.84 9.79
C LEU C 70 -7.94 3.15 11.18
N THR C 71 -8.68 2.81 12.23
CA THR C 71 -8.15 2.98 13.58
C THR C 71 -6.84 2.21 13.73
N LEU C 72 -6.60 1.26 12.84
CA LEU C 72 -5.33 0.52 12.85
C LEU C 72 -4.11 1.45 12.79
N LEU C 73 -4.27 2.60 12.17
N LEU C 73 -4.27 2.61 12.16
CA LEU C 73 -3.13 3.51 11.99
CA LEU C 73 -3.14 3.55 12.00
C LEU C 73 -2.82 4.30 13.26
C LEU C 73 -2.80 4.29 13.28
N ARG C 74 -3.62 4.11 14.31
CA ARG C 74 -3.32 4.69 15.61
C ARG C 74 -2.19 3.91 16.28
N LEU C 75 -1.76 2.81 15.66
CA LEU C 75 -0.59 2.06 16.11
C LEU C 75 0.51 2.19 15.06
N PRO C 76 1.73 2.54 15.48
CA PRO C 76 2.76 2.78 14.45
C PRO C 76 3.37 1.49 13.89
N LEU C 77 2.53 0.59 13.40
CA LEU C 77 2.98 -0.74 13.01
C LEU C 77 3.10 -0.95 11.50
N TRP C 78 2.94 0.12 10.73
CA TRP C 78 2.68 -0.05 9.30
C TRP C 78 3.65 0.64 8.34
N GLN C 79 4.92 0.77 8.75
CA GLN C 79 5.97 1.36 7.91
C GLN C 79 6.57 0.36 6.92
N GLY C 80 6.73 0.76 5.67
CA GLY C 80 7.48 -0.02 4.71
C GLY C 80 6.72 -1.16 4.06
N PRO C 81 7.41 -2.00 3.27
CA PRO C 81 6.75 -3.06 2.50
C PRO C 81 6.53 -4.36 3.28
N LEU C 82 5.94 -4.28 4.47
CA LEU C 82 5.64 -5.43 5.32
C LEU C 82 4.68 -6.44 4.69
N ARG C 83 4.93 -7.74 4.88
CA ARG C 83 3.96 -8.78 4.54
C ARG C 83 2.87 -8.81 5.62
N VAL C 84 1.62 -8.58 5.20
CA VAL C 84 0.50 -8.49 6.12
C VAL C 84 -0.60 -9.49 5.75
N LEU C 85 -1.12 -10.17 6.78
CA LEU C 85 -2.23 -11.09 6.60
C LEU C 85 -3.50 -10.52 7.25
N ASP C 86 -4.56 -10.39 6.48
CA ASP C 86 -5.88 -10.08 7.04
C ASP C 86 -6.66 -11.40 7.08
N LEU C 87 -6.88 -11.90 8.29
CA LEU C 87 -7.47 -13.21 8.47
C LEU C 87 -8.98 -13.10 8.71
N GLY C 88 -9.77 -13.84 7.92
CA GLY C 88 -11.21 -13.78 8.05
C GLY C 88 -11.72 -12.42 7.62
N THR C 89 -11.14 -11.91 6.55
CA THR C 89 -11.38 -10.55 6.05
C THR C 89 -12.85 -10.28 5.68
N GLY C 90 -13.63 -11.34 5.50
CA GLY C 90 -15.00 -11.17 5.03
C GLY C 90 -15.00 -10.39 3.72
N ALA C 91 -15.69 -9.25 3.71
CA ALA C 91 -15.78 -8.41 2.52
C ALA C 91 -14.53 -7.57 2.31
N GLY C 92 -13.49 -7.80 3.11
CA GLY C 92 -12.24 -7.07 2.96
C GLY C 92 -11.97 -6.03 4.04
N PHE C 93 -12.32 -6.36 5.28
CA PHE C 93 -12.09 -5.46 6.41
C PHE C 93 -11.35 -6.19 7.53
N PRO C 94 -10.32 -5.56 8.11
CA PRO C 94 -9.86 -4.18 7.87
C PRO C 94 -8.79 -4.02 6.78
N GLY C 95 -8.45 -5.09 6.08
CA GLY C 95 -7.38 -5.08 5.10
C GLY C 95 -7.46 -4.12 3.93
N LEU C 96 -8.64 -3.99 3.32
CA LEU C 96 -8.75 -3.11 2.17
C LEU C 96 -8.58 -1.62 2.50
N PRO C 97 -9.29 -1.12 3.53
CA PRO C 97 -9.00 0.29 3.84
C PRO C 97 -7.55 0.50 4.26
N LEU C 98 -6.99 -0.44 5.01
CA LEU C 98 -5.58 -0.38 5.40
C LEU C 98 -4.66 -0.28 4.17
N LYS C 99 -4.91 -1.12 3.17
CA LYS C 99 -4.07 -1.14 1.97
C LYS C 99 -4.22 0.16 1.18
N ILE C 100 -5.43 0.68 1.13
CA ILE C 100 -5.67 1.94 0.43
C ILE C 100 -4.79 3.06 0.97
N VAL C 101 -4.67 3.18 2.29
CA VAL C 101 -3.94 4.30 2.87
C VAL C 101 -2.46 4.00 3.14
N ARG C 102 -2.09 2.72 3.11
CA ARG C 102 -0.70 2.30 3.22
C ARG C 102 -0.35 1.40 2.05
N PRO C 103 -0.20 1.98 0.84
CA PRO C 103 -0.05 1.17 -0.39
C PRO C 103 1.20 0.30 -0.44
N GLU C 104 2.21 0.57 0.36
CA GLU C 104 3.40 -0.27 0.32
C GLU C 104 3.20 -1.63 0.95
N LEU C 105 2.17 -1.76 1.77
CA LEU C 105 1.93 -3.03 2.45
C LEU C 105 1.66 -4.14 1.43
N GLU C 106 2.31 -5.28 1.60
CA GLU C 106 2.02 -6.46 0.80
C GLU C 106 0.96 -7.27 1.55
N LEU C 107 -0.28 -7.19 1.07
CA LEU C 107 -1.42 -7.73 1.79
C LEU C 107 -1.93 -9.02 1.20
N VAL C 108 -2.20 -10.00 2.07
CA VAL C 108 -2.93 -11.19 1.70
C VAL C 108 -4.18 -11.23 2.56
N LEU C 109 -5.33 -11.32 1.92
CA LEU C 109 -6.60 -11.35 2.66
C LEU C 109 -7.21 -12.74 2.54
N VAL C 110 -7.37 -13.40 3.68
CA VAL C 110 -7.86 -14.77 3.68
C VAL C 110 -9.31 -14.84 4.19
N ASP C 111 -10.11 -15.70 3.57
CA ASP C 111 -11.43 -16.02 4.10
C ASP C 111 -11.82 -17.44 3.71
N ALA C 112 -12.53 -18.12 4.61
CA ALA C 112 -12.97 -19.49 4.36
C ALA C 112 -14.16 -19.55 3.40
N THR C 113 -14.74 -18.40 3.09
CA THR C 113 -15.91 -18.36 2.21
C THR C 113 -15.57 -17.90 0.79
N ARG C 114 -15.74 -18.79 -0.18
CA ARG C 114 -15.31 -18.57 -1.54
C ARG C 114 -15.88 -17.28 -2.15
N LYS C 115 -17.16 -17.04 -1.87
CA LYS C 115 -17.88 -15.88 -2.41
C LYS C 115 -17.29 -14.56 -1.90
N LYS C 116 -16.80 -14.59 -0.66
CA LYS C 116 -16.22 -13.40 -0.06
C LYS C 116 -14.86 -13.11 -0.67
N VAL C 117 -14.10 -14.19 -0.87
CA VAL C 117 -12.81 -14.10 -1.54
C VAL C 117 -12.97 -13.53 -2.95
N ALA C 118 -13.98 -13.99 -3.68
CA ALA C 118 -14.23 -13.47 -5.02
C ALA C 118 -14.59 -11.99 -4.96
N PHE C 119 -15.40 -11.59 -3.99
CA PHE C 119 -15.72 -10.17 -3.85
C PHE C 119 -14.45 -9.33 -3.62
N VAL C 120 -13.57 -9.80 -2.74
CA VAL C 120 -12.34 -9.06 -2.44
C VAL C 120 -11.41 -8.97 -3.65
N GLU C 121 -11.28 -10.07 -4.39
CA GLU C 121 -10.43 -10.11 -5.58
C GLU C 121 -10.93 -9.09 -6.59
N ARG C 122 -12.25 -9.04 -6.72
CA ARG C 122 -12.94 -8.11 -7.60
C ARG C 122 -12.68 -6.67 -7.18
N ALA C 123 -12.76 -6.41 -5.87
CA ALA C 123 -12.46 -5.09 -5.33
C ALA C 123 -11.01 -4.67 -5.61
N ILE C 124 -10.08 -5.57 -5.36
CA ILE C 124 -8.66 -5.32 -5.64
C ILE C 124 -8.44 -4.90 -7.10
N GLU C 125 -9.14 -5.56 -8.02
CA GLU C 125 -9.03 -5.23 -9.44
C GLU C 125 -9.69 -3.88 -9.76
N VAL C 126 -10.90 -3.68 -9.26
CA VAL C 126 -11.64 -2.46 -9.56
C VAL C 126 -10.93 -1.22 -9.03
N LEU C 127 -10.34 -1.32 -7.84
CA LEU C 127 -9.61 -0.20 -7.24
C LEU C 127 -8.18 -0.08 -7.76
N GLY C 128 -7.71 -1.10 -8.48
CA GLY C 128 -6.37 -1.10 -9.04
C GLY C 128 -5.28 -1.20 -7.98
N LEU C 129 -5.54 -1.94 -6.93
CA LEU C 129 -4.57 -2.12 -5.85
C LEU C 129 -3.46 -3.07 -6.31
N LYS C 130 -2.22 -2.71 -5.99
CA LYS C 130 -1.05 -3.50 -6.34
C LYS C 130 -0.48 -4.15 -5.09
N GLY C 131 -0.09 -5.42 -5.17
CA GLY C 131 0.53 -6.08 -4.04
C GLY C 131 -0.52 -6.45 -3.00
N ALA C 132 -1.73 -6.71 -3.47
CA ALA C 132 -2.81 -7.23 -2.64
C ALA C 132 -3.36 -8.45 -3.33
N ARG C 133 -3.60 -9.52 -2.58
CA ARG C 133 -4.33 -10.65 -3.15
C ARG C 133 -5.23 -11.32 -2.12
N ALA C 134 -6.36 -11.81 -2.62
CA ALA C 134 -7.32 -12.54 -1.78
C ALA C 134 -7.10 -14.03 -1.94
N LEU C 135 -7.27 -14.76 -0.86
CA LEU C 135 -6.99 -16.19 -0.82
C LEU C 135 -8.09 -16.96 -0.09
N TRP C 136 -8.64 -17.98 -0.76
CA TRP C 136 -9.66 -18.85 -0.18
C TRP C 136 -9.02 -19.93 0.66
N GLY C 137 -9.30 -19.95 1.95
CA GLY C 137 -8.79 -21.00 2.81
C GLY C 137 -9.13 -20.86 4.28
N ARG C 138 -8.71 -21.86 5.04
CA ARG C 138 -8.92 -21.89 6.48
C ARG C 138 -7.59 -21.67 7.21
N ALA C 139 -7.64 -20.84 8.24
CA ALA C 139 -6.48 -20.48 9.04
C ALA C 139 -5.68 -21.69 9.49
N GLU C 140 -6.39 -22.69 9.99
CA GLU C 140 -5.77 -23.88 10.58
C GLU C 140 -5.00 -24.70 9.55
N VAL C 141 -5.45 -24.65 8.30
CA VAL C 141 -4.77 -25.35 7.23
C VAL C 141 -3.62 -24.51 6.66
N LEU C 142 -3.88 -23.24 6.38
CA LEU C 142 -2.88 -22.37 5.78
C LEU C 142 -1.67 -22.16 6.70
N ALA C 143 -1.91 -22.16 8.01
CA ALA C 143 -0.85 -21.91 8.98
C ALA C 143 0.11 -23.10 9.10
N ARG C 144 -0.22 -24.20 8.43
CA ARG C 144 0.67 -25.36 8.38
C ARG C 144 1.41 -25.46 7.07
N GLU C 145 1.20 -24.50 6.17
CA GLU C 145 1.90 -24.53 4.90
C GLU C 145 3.18 -23.67 5.00
N ALA C 146 4.25 -24.17 4.40
CA ALA C 146 5.54 -23.48 4.43
C ALA C 146 5.43 -22.10 3.80
N GLY C 147 4.50 -21.96 2.87
CA GLY C 147 4.25 -20.68 2.21
C GLY C 147 3.61 -19.64 3.10
N HIS C 148 3.03 -20.02 4.23
CA HIS C 148 2.37 -19.05 5.10
C HIS C 148 2.81 -19.09 6.55
N ARG C 149 3.23 -20.25 7.04
CA ARG C 149 3.59 -20.36 8.45
C ARG C 149 4.76 -19.44 8.75
N GLU C 150 4.56 -18.58 9.73
CA GLU C 150 5.58 -17.64 10.18
C GLU C 150 6.24 -16.88 9.02
N ALA C 151 5.43 -16.52 8.02
CA ALA C 151 5.93 -15.76 6.88
C ALA C 151 5.46 -14.30 6.85
N TYR C 152 4.71 -13.88 7.86
CA TYR C 152 4.15 -12.52 7.91
C TYR C 152 4.74 -11.65 9.00
N ALA C 153 4.95 -10.38 8.68
CA ALA C 153 5.40 -9.39 9.66
C ALA C 153 4.24 -8.88 10.51
N ARG C 154 3.04 -8.83 9.91
CA ARG C 154 1.85 -8.40 10.62
C ARG C 154 0.68 -9.32 10.27
N ALA C 155 -0.26 -9.45 11.20
CA ALA C 155 -1.55 -10.07 10.92
C ALA C 155 -2.62 -9.28 11.66
N VAL C 156 -3.79 -9.18 11.05
CA VAL C 156 -4.92 -8.47 11.65
C VAL C 156 -6.17 -9.34 11.54
N ALA C 157 -7.06 -9.21 12.51
CA ALA C 157 -8.35 -9.88 12.43
C ALA C 157 -9.42 -9.06 13.16
N ARG C 158 -10.57 -8.90 12.51
CA ARG C 158 -11.72 -8.26 13.15
C ARG C 158 -12.88 -9.24 13.14
N ALA C 159 -13.28 -9.69 14.34
N ALA C 159 -13.57 -9.33 14.29
CA ALA C 159 -14.15 -10.84 14.44
CA ALA C 159 -14.85 -10.03 14.42
C ALA C 159 -14.67 -11.07 15.85
C ALA C 159 -14.78 -11.45 13.89
N VAL C 160 -15.75 -11.85 15.92
N VAL C 160 -13.72 -12.14 14.28
CA VAL C 160 -16.41 -12.11 17.18
CA VAL C 160 -13.51 -13.53 13.92
C VAL C 160 -15.70 -13.25 17.92
C VAL C 160 -13.81 -14.50 15.10
N ALA C 161 -15.04 -14.12 17.16
N ALA C 161 -13.23 -14.27 16.29
CA ALA C 161 -14.25 -15.18 17.76
CA ALA C 161 -13.38 -15.18 17.46
C ALA C 161 -13.29 -14.59 18.80
C ALA C 161 -12.95 -14.56 18.81
N PRO C 162 -13.22 -15.23 19.96
CA PRO C 162 -12.61 -14.66 21.17
C PRO C 162 -11.08 -14.67 21.11
N LEU C 163 -10.42 -13.81 21.88
CA LEU C 163 -8.96 -13.70 21.85
C LEU C 163 -8.25 -15.04 21.98
N CYS C 164 -8.75 -15.93 22.82
CA CYS C 164 -8.12 -17.23 23.02
C CYS C 164 -8.06 -18.02 21.73
N VAL C 165 -9.19 -18.10 21.04
CA VAL C 165 -9.22 -18.73 19.74
C VAL C 165 -8.39 -17.95 18.70
N LEU C 166 -8.63 -16.64 18.60
CA LEU C 166 -7.92 -15.81 17.62
C LEU C 166 -6.42 -15.99 17.65
N SER C 167 -5.88 -16.05 18.86
CA SER C 167 -4.44 -16.11 19.06
C SER C 167 -3.86 -17.36 18.41
N GLU C 168 -4.53 -18.49 18.59
CA GLU C 168 -4.07 -19.75 18.00
C GLU C 168 -4.14 -19.68 16.48
N LEU C 169 -5.08 -18.88 15.97
CA LEU C 169 -5.24 -18.70 14.52
C LEU C 169 -4.25 -17.70 13.91
N LEU C 170 -3.91 -16.66 14.66
CA LEU C 170 -3.07 -15.58 14.13
C LEU C 170 -1.58 -15.81 14.34
N LEU C 171 -1.21 -16.18 15.56
N LEU C 171 -1.21 -16.16 15.57
CA LEU C 171 0.21 -16.24 15.94
CA LEU C 171 0.19 -16.26 15.94
C LEU C 171 1.09 -17.16 15.09
C LEU C 171 1.04 -17.11 14.98
N PRO C 172 0.56 -18.31 14.64
CA PRO C 172 1.41 -19.16 13.79
C PRO C 172 1.80 -18.55 12.44
N PHE C 173 1.09 -17.52 11.98
CA PHE C 173 1.42 -16.85 10.73
C PHE C 173 2.58 -15.86 10.87
N LEU C 174 2.91 -15.49 12.11
CA LEU C 174 3.84 -14.40 12.35
C LEU C 174 5.30 -14.86 12.41
N GLU C 175 6.16 -14.16 11.67
CA GLU C 175 7.60 -14.33 11.82
C GLU C 175 7.96 -13.83 13.21
N VAL C 176 9.02 -14.36 13.79
CA VAL C 176 9.47 -13.92 15.09
C VAL C 176 9.82 -12.44 15.02
N GLY C 177 9.30 -11.65 15.95
CA GLY C 177 9.48 -10.21 15.93
C GLY C 177 8.30 -9.50 15.29
N GLY C 178 7.39 -10.25 14.70
CA GLY C 178 6.20 -9.68 14.07
C GLY C 178 5.13 -9.36 15.09
N ALA C 179 3.98 -8.87 14.64
CA ALA C 179 2.89 -8.58 15.55
C ALA C 179 1.53 -8.73 14.91
N ALA C 180 0.55 -9.13 15.71
CA ALA C 180 -0.82 -9.22 15.22
C ALA C 180 -1.69 -8.18 15.92
N VAL C 181 -2.71 -7.69 15.22
CA VAL C 181 -3.69 -6.85 15.89
C VAL C 181 -5.06 -7.51 15.83
N ALA C 182 -5.60 -7.79 17.01
CA ALA C 182 -6.95 -8.29 17.13
C ALA C 182 -7.85 -7.09 17.39
N MET C 183 -8.72 -6.78 16.44
CA MET C 183 -9.61 -5.63 16.60
C MET C 183 -10.84 -6.02 17.41
N LYS C 184 -11.05 -5.34 18.54
CA LYS C 184 -12.11 -5.70 19.48
C LYS C 184 -13.05 -4.54 19.80
N GLY C 185 -14.22 -4.87 20.36
CA GLY C 185 -15.24 -3.89 20.69
C GLY C 185 -15.08 -3.33 22.09
N PRO C 186 -16.17 -2.84 22.69
CA PRO C 186 -16.13 -2.15 23.98
C PRO C 186 -15.66 -3.02 25.15
N ARG C 187 -15.82 -4.34 25.07
CA ARG C 187 -15.54 -5.25 26.19
C ARG C 187 -14.41 -6.23 25.92
N VAL C 188 -13.29 -6.10 26.63
CA VAL C 188 -12.19 -7.07 26.45
C VAL C 188 -11.69 -7.75 27.72
N GLU C 189 -12.20 -7.34 28.89
CA GLU C 189 -11.70 -7.86 30.17
C GLU C 189 -11.71 -9.39 30.25
N GLU C 190 -12.88 -9.99 30.00
CA GLU C 190 -13.02 -11.44 30.14
C GLU C 190 -12.20 -12.18 29.12
N GLU C 191 -12.13 -11.66 27.89
CA GLU C 191 -11.32 -12.28 26.86
C GLU C 191 -9.83 -12.21 27.19
N LEU C 192 -9.39 -11.10 27.78
CA LEU C 192 -7.97 -10.91 28.08
C LEU C 192 -7.52 -11.69 29.30
N ALA C 193 -8.38 -11.79 30.31
CA ALA C 193 -7.97 -12.32 31.61
C ALA C 193 -7.21 -13.65 31.55
N PRO C 194 -7.69 -14.64 30.77
CA PRO C 194 -6.94 -15.90 30.80
C PRO C 194 -5.93 -16.02 29.67
N LEU C 195 -5.68 -14.94 28.95
CA LEU C 195 -4.93 -15.02 27.69
C LEU C 195 -3.44 -15.40 27.79
N PRO C 196 -2.69 -14.73 28.67
CA PRO C 196 -1.23 -14.86 28.55
C PRO C 196 -0.63 -16.28 28.60
N PRO C 197 -1.15 -17.19 29.43
CA PRO C 197 -0.55 -18.54 29.35
C PRO C 197 -0.78 -19.18 27.99
N ALA C 198 -1.92 -18.92 27.37
CA ALA C 198 -2.18 -19.45 26.03
C ALA C 198 -1.22 -18.83 25.01
N LEU C 199 -0.98 -17.52 25.12
CA LEU C 199 -0.03 -16.87 24.22
C LEU C 199 1.34 -17.49 24.35
N GLU C 200 1.76 -17.77 25.58
CA GLU C 200 3.09 -18.31 25.80
C GLU C 200 3.28 -19.68 25.13
N ARG C 201 2.23 -20.48 25.10
CA ARG C 201 2.27 -21.78 24.41
C ARG C 201 2.45 -21.60 22.91
N LEU C 202 2.04 -20.46 22.38
CA LEU C 202 1.99 -20.26 20.95
C LEU C 202 3.22 -19.51 20.44
N GLY C 203 4.11 -19.16 21.36
CA GLY C 203 5.26 -18.35 21.03
C GLY C 203 4.99 -16.86 21.09
N GLY C 204 3.87 -16.45 21.70
CA GLY C 204 3.50 -15.04 21.75
C GLY C 204 3.55 -14.38 23.12
N ARG C 205 3.42 -13.05 23.12
CA ARG C 205 3.28 -12.26 24.33
C ARG C 205 2.24 -11.18 24.08
N LEU C 206 1.51 -10.80 25.12
CA LEU C 206 0.57 -9.70 24.99
C LEU C 206 1.35 -8.40 24.84
N GLY C 207 1.03 -7.64 23.80
CA GLY C 207 1.59 -6.32 23.63
C GLY C 207 0.63 -5.32 24.22
N GLU C 208 0.59 -4.12 23.67
CA GLU C 208 -0.29 -3.12 24.23
C GLU C 208 -1.74 -3.39 23.87
N VAL C 209 -2.63 -2.92 24.73
CA VAL C 209 -4.05 -2.92 24.45
C VAL C 209 -4.46 -1.46 24.35
N LEU C 210 -4.73 -0.99 23.15
CA LEU C 210 -5.09 0.41 22.95
C LEU C 210 -6.60 0.61 22.97
N ALA C 211 -7.07 1.35 23.96
CA ALA C 211 -8.47 1.74 24.02
C ALA C 211 -8.68 2.99 23.19
N LEU C 212 -9.79 3.06 22.46
CA LEU C 212 -10.10 4.27 21.71
C LEU C 212 -11.61 4.38 21.46
N GLN C 213 -12.04 5.58 21.05
CA GLN C 213 -13.44 5.81 20.71
C GLN C 213 -13.54 6.09 19.22
N LEU C 214 -14.52 5.47 18.56
CA LEU C 214 -14.70 5.73 17.13
C LEU C 214 -15.03 7.20 16.88
N PRO C 215 -14.44 7.75 15.81
CA PRO C 215 -14.48 9.16 15.42
C PRO C 215 -15.85 9.86 15.35
N LEU C 216 -16.89 9.25 14.78
CA LEU C 216 -18.12 10.01 14.65
C LEU C 216 -19.15 9.59 15.69
N SER C 217 -19.17 8.31 15.99
CA SER C 217 -20.20 7.69 16.82
C SER C 217 -19.76 7.56 18.27
N GLY C 218 -18.44 7.52 18.50
CA GLY C 218 -17.90 7.44 19.84
C GLY C 218 -17.94 6.07 20.51
N GLU C 219 -18.31 5.04 19.76
CA GLU C 219 -18.31 3.68 20.32
C GLU C 219 -16.91 3.25 20.75
N ALA C 220 -16.85 2.59 21.90
CA ALA C 220 -15.58 2.13 22.46
C ALA C 220 -15.01 0.98 21.65
N ARG C 221 -13.69 0.99 21.47
CA ARG C 221 -12.99 -0.05 20.74
C ARG C 221 -11.68 -0.37 21.46
N HIS C 222 -11.12 -1.54 21.18
CA HIS C 222 -9.80 -1.91 21.67
C HIS C 222 -8.99 -2.56 20.57
N LEU C 223 -7.75 -2.12 20.40
CA LEU C 223 -6.82 -2.84 19.54
C LEU C 223 -5.90 -3.64 20.44
N VAL C 224 -5.93 -4.95 20.28
CA VAL C 224 -5.12 -5.83 21.12
C VAL C 224 -3.95 -6.34 20.30
N VAL C 225 -2.75 -5.92 20.69
CA VAL C 225 -1.55 -6.29 19.96
C VAL C 225 -0.96 -7.57 20.52
N LEU C 226 -0.64 -8.51 19.66
CA LEU C 226 0.03 -9.74 20.06
C LEU C 226 1.41 -9.79 19.41
N GLU C 227 2.47 -9.92 20.23
CA GLU C 227 3.83 -9.93 19.69
C GLU C 227 4.31 -11.36 19.49
N LYS C 228 5.06 -11.60 18.41
CA LYS C 228 5.64 -12.92 18.17
C LYS C 228 7.05 -12.99 18.74
N THR C 229 7.19 -13.80 19.78
CA THR C 229 8.40 -13.85 20.58
C THR C 229 9.27 -15.06 20.25
N ALA C 230 8.63 -16.18 19.95
CA ALA C 230 9.34 -17.42 19.73
C ALA C 230 8.56 -18.23 18.72
N PRO C 231 9.23 -19.14 18.01
CA PRO C 231 8.51 -19.92 17.02
C PRO C 231 7.37 -20.73 17.66
N THR C 232 6.29 -20.88 16.92
CA THR C 232 5.13 -21.63 17.38
C THR C 232 5.39 -23.13 17.27
N PRO C 233 5.16 -23.86 18.39
CA PRO C 233 5.37 -25.31 18.36
C PRO C 233 4.48 -26.00 17.33
N PRO C 234 4.92 -27.16 16.82
CA PRO C 234 4.26 -27.84 15.70
C PRO C 234 2.83 -28.25 15.99
N ALA C 235 2.50 -28.38 17.27
CA ALA C 235 1.14 -28.78 17.64
C ALA C 235 0.12 -27.76 17.14
N TYR C 236 0.52 -26.50 17.01
CA TYR C 236 -0.42 -25.42 16.65
C TYR C 236 -0.25 -24.87 15.24
N PRO C 237 -1.36 -24.45 14.63
CA PRO C 237 -2.68 -24.57 15.26
C PRO C 237 -3.22 -25.98 15.08
N ARG C 238 -4.25 -26.32 15.86
CA ARG C 238 -4.86 -27.63 15.74
C ARG C 238 -5.80 -27.68 14.52
N ARG C 239 -6.40 -28.83 14.29
CA ARG C 239 -7.19 -29.07 13.07
C ARG C 239 -8.37 -28.11 12.94
N PRO C 240 -8.81 -27.89 11.70
CA PRO C 240 -9.95 -27.00 11.44
C PRO C 240 -11.09 -27.25 12.42
N GLY C 241 -11.56 -26.21 13.09
CA GLY C 241 -12.68 -26.33 14.00
C GLY C 241 -12.29 -26.63 15.43
N VAL C 242 -11.13 -27.23 15.62
CA VAL C 242 -10.68 -27.58 16.98
C VAL C 242 -10.38 -26.36 17.86
N PRO C 243 -9.65 -25.37 17.33
CA PRO C 243 -9.42 -24.20 18.20
C PRO C 243 -10.72 -23.58 18.69
N GLU C 244 -11.70 -23.41 17.82
CA GLU C 244 -12.97 -22.85 18.23
C GLU C 244 -13.71 -23.78 19.19
N ARG C 245 -13.64 -25.09 18.92
CA ARG C 245 -14.35 -26.11 19.71
C ARG C 245 -13.73 -26.39 21.09
N HIS C 246 -12.40 -26.41 21.16
CA HIS C 246 -11.71 -26.55 22.45
C HIS C 246 -10.61 -25.49 22.59
N PRO C 247 -10.99 -24.24 22.91
CA PRO C 247 -10.04 -23.11 22.99
C PRO C 247 -8.92 -23.32 24.00
N LEU C 248 -7.76 -22.71 23.76
CA LEU C 248 -6.65 -22.81 24.70
C LEU C 248 -6.94 -22.11 26.02
N CYS C 249 -7.97 -21.26 26.03
CA CYS C 249 -8.41 -20.63 27.29
C CYS C 249 -9.85 -20.12 27.25
N MET D 1 22.00 -9.04 35.30
CA MET D 1 21.87 -8.58 33.90
C MET D 1 22.16 -7.08 33.66
N PHE D 2 22.28 -6.74 32.37
CA PHE D 2 22.57 -5.38 31.84
C PHE D 2 23.74 -4.71 32.51
N GLY D 4 26.88 -4.65 31.15
CA GLY D 4 27.87 -4.23 30.16
C GLY D 4 27.98 -2.73 29.94
N LYS D 5 29.21 -2.23 29.82
CA LYS D 5 29.38 -0.79 29.58
C LYS D 5 29.85 -0.48 28.16
N HIS D 6 29.88 0.81 27.85
CA HIS D 6 30.28 1.29 26.52
C HIS D 6 31.12 2.55 26.74
N PRO D 7 32.29 2.61 26.09
CA PRO D 7 33.10 3.82 26.10
C PRO D 7 32.37 4.97 25.40
N GLY D 8 32.13 4.84 24.10
CA GLY D 8 31.49 5.91 23.35
C GLY D 8 30.06 5.62 22.93
N GLY D 9 29.18 5.36 23.89
CA GLY D 9 27.79 5.10 23.57
C GLY D 9 26.92 4.54 24.68
N LEU D 10 25.74 4.06 24.30
CA LEU D 10 24.78 3.49 25.24
C LEU D 10 25.28 2.18 25.82
N SER D 11 25.23 2.09 27.15
CA SER D 11 25.58 0.86 27.86
C SER D 11 24.61 -0.25 27.51
N GLU D 12 24.87 -1.44 28.02
CA GLU D 12 23.95 -2.56 27.84
C GLU D 12 22.58 -2.23 28.46
N ARG D 13 22.58 -1.64 29.65
CA ARG D 13 21.31 -1.20 30.25
C ARG D 13 20.63 -0.16 29.37
N GLY D 14 21.37 0.85 28.97
CA GLY D 14 20.83 1.93 28.17
C GLY D 14 20.15 1.46 26.90
N ARG D 15 20.85 0.59 26.18
CA ARG D 15 20.33 -0.04 24.97
C ARG D 15 19.03 -0.82 25.27
N ALA D 16 19.02 -1.59 26.34
CA ALA D 16 17.82 -2.35 26.68
C ALA D 16 16.63 -1.47 27.09
N LEU D 17 16.90 -0.38 27.81
CA LEU D 17 15.84 0.56 28.16
C LEU D 17 15.23 1.16 26.91
N LEU D 18 16.10 1.54 25.97
CA LEU D 18 15.64 2.18 24.74
C LEU D 18 14.73 1.25 23.94
N LEU D 19 15.16 -0.01 23.78
CA LEU D 19 14.36 -0.99 23.04
C LEU D 19 13.03 -1.29 23.73
N GLU D 20 13.07 -1.55 25.04
CA GLU D 20 11.86 -1.84 25.81
C GLU D 20 10.91 -0.66 25.71
N GLY D 21 11.45 0.53 25.91
CA GLY D 21 10.69 1.77 25.79
C GLY D 21 10.07 1.88 24.42
N GLY D 22 10.86 1.58 23.39
CA GLY D 22 10.40 1.60 22.02
C GLY D 22 9.24 0.64 21.81
N LYS D 23 9.37 -0.57 22.31
CA LYS D 23 8.31 -1.58 22.16
C LYS D 23 6.99 -1.12 22.80
N ALA D 24 7.06 -0.47 23.96
CA ALA D 24 5.83 0.04 24.59
C ALA D 24 5.10 1.00 23.66
N LEU D 25 5.86 1.74 22.85
CA LEU D 25 5.29 2.73 21.93
C LEU D 25 4.79 2.10 20.63
N GLY D 26 5.10 0.82 20.41
CA GLY D 26 4.70 0.14 19.19
C GLY D 26 5.80 0.18 18.14
N LEU D 27 7.02 0.42 18.60
CA LEU D 27 8.15 0.64 17.70
C LEU D 27 9.25 -0.40 17.90
N ASP D 28 9.86 -0.85 16.81
CA ASP D 28 11.03 -1.71 16.86
C ASP D 28 12.27 -0.87 16.67
N LEU D 29 13.01 -0.59 17.74
CA LEU D 29 14.15 0.30 17.60
C LEU D 29 15.47 -0.42 17.30
N LYS D 30 15.43 -1.73 17.12
CA LYS D 30 16.65 -2.49 16.84
C LYS D 30 17.44 -1.95 15.64
N PRO D 31 16.76 -1.69 14.51
CA PRO D 31 17.57 -1.16 13.40
C PRO D 31 18.20 0.20 13.69
N HIS D 32 17.83 0.86 14.78
CA HIS D 32 18.29 2.23 15.04
C HIS D 32 19.13 2.40 16.30
N LEU D 33 19.40 1.30 16.99
CA LEU D 33 20.17 1.35 18.23
C LEU D 33 21.51 2.05 18.04
N GLU D 34 22.19 1.75 16.94
CA GLU D 34 23.53 2.30 16.74
C GLU D 34 23.49 3.82 16.57
N ALA D 35 22.55 4.30 15.76
CA ALA D 35 22.38 5.75 15.60
C ALA D 35 22.06 6.40 16.94
N PHE D 36 21.12 5.84 17.70
CA PHE D 36 20.77 6.41 18.99
C PHE D 36 21.96 6.37 19.96
N SER D 37 22.73 5.29 19.94
CA SER D 37 23.92 5.19 20.79
C SER D 37 24.91 6.31 20.47
N ARG D 38 25.11 6.54 19.17
CA ARG D 38 25.99 7.59 18.68
C ARG D 38 25.49 8.98 19.06
N LEU D 39 24.18 9.19 18.97
CA LEU D 39 23.59 10.46 19.37
C LEU D 39 23.82 10.68 20.85
N TYR D 40 23.70 9.60 21.61
CA TYR D 40 23.90 9.66 23.05
C TYR D 40 25.35 10.04 23.34
N ALA D 41 26.28 9.40 22.63
CA ALA D 41 27.70 9.67 22.79
C ALA D 41 27.99 11.14 22.48
N LEU D 42 27.35 11.66 21.44
CA LEU D 42 27.53 13.06 21.09
C LEU D 42 27.00 13.97 22.19
N LEU D 43 25.86 13.61 22.78
CA LEU D 43 25.27 14.43 23.83
C LEU D 43 26.16 14.43 25.08
N GLN D 44 26.81 13.30 25.33
CA GLN D 44 27.70 13.16 26.48
C GLN D 44 28.95 14.01 26.32
N GLU D 45 29.65 13.82 25.21
CA GLU D 45 30.81 14.63 24.88
C GLU D 45 30.49 16.13 25.01
N ALA D 46 29.36 16.55 24.46
CA ALA D 46 28.89 17.92 24.68
C ALA D 46 28.49 18.10 26.14
N GLY D 57 21.61 8.36 36.87
CA GLY D 57 20.75 8.07 35.76
C GLY D 57 20.81 9.16 34.69
N GLU D 58 22.02 9.52 34.29
CA GLU D 58 22.26 10.47 33.21
C GLU D 58 21.85 9.82 31.91
N GLU D 59 22.24 8.56 31.76
CA GLU D 59 21.93 7.78 30.57
C GLU D 59 20.44 7.58 30.48
N GLU D 60 19.83 7.20 31.60
CA GLU D 60 18.40 6.98 31.66
C GLU D 60 17.63 8.25 31.29
N VAL D 61 18.13 9.40 31.75
CA VAL D 61 17.50 10.67 31.41
C VAL D 61 17.48 10.90 29.90
N VAL D 62 18.62 10.67 29.25
CA VAL D 62 18.69 10.88 27.81
C VAL D 62 17.79 9.89 27.08
N VAL D 63 17.83 8.62 27.49
CA VAL D 63 16.96 7.62 26.87
C VAL D 63 15.48 8.06 27.00
N LYS D 64 15.14 8.68 28.12
CA LYS D 64 13.83 9.33 28.31
C LYS D 64 13.53 10.40 27.24
N HIS D 65 14.50 11.24 26.93
CA HIS D 65 14.39 12.26 25.85
C HIS D 65 14.20 11.64 24.47
N PHE D 66 14.89 10.53 24.19
CA PHE D 66 14.72 9.83 22.93
C PHE D 66 13.28 9.35 22.84
N LEU D 67 12.82 8.64 23.87
CA LEU D 67 11.49 8.05 23.90
C LEU D 67 10.40 9.13 23.92
N ASP D 68 10.62 10.18 24.70
CA ASP D 68 9.68 11.30 24.69
C ASP D 68 9.53 11.83 23.25
N SER D 69 10.66 12.04 22.58
CA SER D 69 10.62 12.53 21.19
C SER D 69 9.83 11.56 20.31
N LEU D 70 10.02 10.26 20.56
CA LEU D 70 9.38 9.23 19.72
C LEU D 70 7.87 9.09 19.95
N THR D 71 7.34 9.65 21.04
CA THR D 71 5.89 9.65 21.24
C THR D 71 5.18 10.31 20.05
N LEU D 72 5.89 11.13 19.29
CA LEU D 72 5.32 11.73 18.09
C LEU D 72 4.73 10.70 17.11
N LEU D 73 5.28 9.49 17.12
N LEU D 73 5.28 9.49 17.11
CA LEU D 73 4.82 8.45 16.20
CA LEU D 73 4.79 8.46 16.18
C LEU D 73 3.49 7.82 16.63
C LEU D 73 3.47 7.82 16.62
N ARG D 74 2.98 8.24 17.79
CA ARG D 74 1.65 7.78 18.22
C ARG D 74 0.57 8.53 17.44
N LEU D 75 0.98 9.50 16.63
CA LEU D 75 0.08 10.20 15.71
C LEU D 75 0.47 9.83 14.28
N PRO D 76 -0.51 9.49 13.43
CA PRO D 76 -0.18 9.04 12.07
C PRO D 76 0.10 10.20 11.12
N LEU D 77 1.05 11.06 11.47
CA LEU D 77 1.26 12.33 10.77
C LEU D 77 2.52 12.34 9.93
N TRP D 78 3.19 11.20 9.81
CA TRP D 78 4.58 11.18 9.33
C TRP D 78 4.85 10.27 8.14
N GLN D 79 3.88 10.14 7.23
CA GLN D 79 4.03 9.32 6.02
C GLN D 79 4.66 10.11 4.90
N GLY D 80 5.68 9.54 4.25
CA GLY D 80 6.22 10.11 3.03
C GLY D 80 7.23 11.21 3.26
N PRO D 81 7.72 11.82 2.17
CA PRO D 81 8.78 12.83 2.19
C PRO D 81 8.28 14.22 2.56
N LEU D 82 7.51 14.29 3.65
CA LEU D 82 7.00 15.56 4.16
C LEU D 82 8.10 16.50 4.56
N ARG D 83 7.90 17.78 4.30
CA ARG D 83 8.80 18.79 4.79
C ARG D 83 8.39 19.20 6.21
N VAL D 84 9.33 19.05 7.14
CA VAL D 84 9.05 19.18 8.56
C VAL D 84 9.97 20.22 9.21
N LEU D 85 9.39 21.08 10.04
CA LEU D 85 10.17 22.04 10.79
C LEU D 85 10.17 21.67 12.28
N ASP D 86 11.36 21.55 12.85
CA ASP D 86 11.47 21.42 14.30
C ASP D 86 11.96 22.77 14.84
N LEU D 87 11.07 23.47 15.54
CA LEU D 87 11.32 24.83 15.96
C LEU D 87 11.86 24.89 17.39
N GLY D 88 12.99 25.55 17.57
CA GLY D 88 13.58 25.67 18.90
C GLY D 88 14.11 24.33 19.36
N THR D 89 14.75 23.63 18.42
CA THR D 89 15.20 22.24 18.59
C THR D 89 16.19 22.01 19.72
N GLY D 90 16.88 23.06 20.17
CA GLY D 90 17.94 22.91 21.16
C GLY D 90 18.99 21.93 20.67
N ALA D 91 19.24 20.89 21.45
CA ALA D 91 20.21 19.86 21.08
C ALA D 91 19.69 18.93 19.97
N GLY D 92 18.48 19.19 19.48
CA GLY D 92 17.95 18.41 18.38
C GLY D 92 16.78 17.51 18.77
N PHE D 93 15.89 18.05 19.60
CA PHE D 93 14.74 17.28 20.06
C PHE D 93 13.46 18.09 19.88
N PRO D 94 12.40 17.47 19.36
CA PRO D 94 12.28 16.04 19.05
C PRO D 94 12.70 15.63 17.63
N GLY D 95 13.24 16.56 16.86
CA GLY D 95 13.53 16.34 15.45
C GLY D 95 14.52 15.23 15.08
N LEU D 96 15.60 15.08 15.85
CA LEU D 96 16.58 14.07 15.47
C LEU D 96 16.08 12.63 15.69
N PRO D 97 15.50 12.32 16.86
CA PRO D 97 14.93 10.97 16.95
C PRO D 97 13.85 10.71 15.88
N LEU D 98 12.98 11.67 15.65
CA LEU D 98 11.96 11.57 14.60
C LEU D 98 12.58 11.23 13.24
N LYS D 99 13.66 11.93 12.88
CA LYS D 99 14.30 11.73 11.58
C LYS D 99 14.97 10.35 11.49
N ILE D 100 15.57 9.93 12.59
CA ILE D 100 16.22 8.62 12.63
C ILE D 100 15.24 7.51 12.29
N VAL D 101 14.03 7.62 12.83
CA VAL D 101 13.04 6.55 12.68
C VAL D 101 12.15 6.75 11.45
N ARG D 102 12.06 7.98 10.95
CA ARG D 102 11.32 8.23 9.73
C ARG D 102 12.22 8.93 8.71
N PRO D 103 13.16 8.17 8.12
CA PRO D 103 14.23 8.78 7.30
C PRO D 103 13.73 9.57 6.09
N GLU D 104 12.51 9.35 5.63
CA GLU D 104 12.03 10.06 4.45
C GLU D 104 11.68 11.52 4.72
N LEU D 105 11.41 11.84 5.97
CA LEU D 105 11.04 13.21 6.31
C LEU D 105 12.17 14.15 5.91
N GLU D 106 11.83 15.26 5.30
CA GLU D 106 12.80 16.30 5.01
C GLU D 106 12.74 17.32 6.14
N LEU D 107 13.77 17.31 6.98
CA LEU D 107 13.74 18.02 8.24
C LEU D 107 14.64 19.27 8.25
N VAL D 108 14.07 20.35 8.75
CA VAL D 108 14.82 21.57 9.04
C VAL D 108 14.68 21.81 10.54
N LEU D 109 15.81 21.88 11.24
CA LEU D 109 15.80 22.11 12.68
C LEU D 109 16.31 23.51 12.98
N VAL D 110 15.44 24.36 13.53
CA VAL D 110 15.79 25.75 13.79
C VAL D 110 16.06 26.03 15.26
N ASP D 111 17.07 26.83 15.56
CA ASP D 111 17.29 27.33 16.92
C ASP D 111 17.96 28.70 16.89
N ALA D 112 17.61 29.55 17.85
CA ALA D 112 18.15 30.89 17.91
C ALA D 112 19.58 30.90 18.45
N THR D 113 20.03 29.76 18.97
CA THR D 113 21.34 29.69 19.59
C THR D 113 22.35 29.01 18.66
N ARG D 114 23.31 29.80 18.19
CA ARG D 114 24.26 29.36 17.18
C ARG D 114 24.96 28.06 17.57
N LYS D 115 25.33 27.97 18.85
CA LYS D 115 26.02 26.80 19.37
C LYS D 115 25.16 25.55 19.32
N LYS D 116 23.86 25.71 19.54
CA LYS D 116 22.93 24.58 19.49
C LYS D 116 22.84 24.09 18.05
N VAL D 117 22.78 25.03 17.13
CA VAL D 117 22.72 24.73 15.70
C VAL D 117 23.96 23.97 15.26
N ALA D 118 25.13 24.44 15.68
CA ALA D 118 26.38 23.76 15.35
C ALA D 118 26.36 22.32 15.88
N PHE D 119 25.89 22.13 17.10
CA PHE D 119 25.79 20.77 17.64
C PHE D 119 24.90 19.87 16.78
N VAL D 120 23.77 20.41 16.35
CA VAL D 120 22.84 19.65 15.52
C VAL D 120 23.43 19.33 14.13
N GLU D 121 24.04 20.32 13.49
CA GLU D 121 24.75 20.11 12.22
C GLU D 121 25.79 18.99 12.36
N ARG D 122 26.54 19.03 13.46
CA ARG D 122 27.53 18.01 13.74
C ARG D 122 26.90 16.63 13.94
N ALA D 123 25.76 16.57 14.63
CA ALA D 123 25.05 15.30 14.82
C ALA D 123 24.56 14.73 13.49
N ILE D 124 23.99 15.59 12.65
CA ILE D 124 23.52 15.20 11.32
C ILE D 124 24.64 14.54 10.50
N GLU D 125 25.83 15.14 10.53
CA GLU D 125 27.01 14.62 9.86
C GLU D 125 27.48 13.30 10.48
N VAL D 126 27.62 13.27 11.80
CA VAL D 126 28.12 12.06 12.45
C VAL D 126 27.18 10.88 12.25
N LEU D 127 25.88 11.11 12.35
CA LEU D 127 24.88 10.05 12.19
C LEU D 127 24.65 9.71 10.71
N GLY D 128 25.16 10.56 9.82
CA GLY D 128 25.02 10.34 8.39
C GLY D 128 23.58 10.48 7.93
N LEU D 129 22.85 11.41 8.54
CA LEU D 129 21.46 11.63 8.19
C LEU D 129 21.36 12.45 6.90
N LYS D 130 20.50 12.00 5.99
CA LYS D 130 20.30 12.64 4.70
C LYS D 130 18.97 13.37 4.70
N GLY D 131 18.94 14.58 4.16
CA GLY D 131 17.70 15.33 4.09
C GLY D 131 17.33 15.95 5.43
N ALA D 132 18.36 16.34 6.17
CA ALA D 132 18.19 17.06 7.42
C ALA D 132 19.18 18.22 7.43
N ARG D 133 18.71 19.40 7.82
CA ARG D 133 19.62 20.52 8.01
C ARG D 133 19.23 21.35 9.22
N ALA D 134 20.25 21.87 9.91
CA ALA D 134 20.03 22.75 11.03
C ALA D 134 20.22 24.19 10.56
N LEU D 135 19.46 25.10 11.15
CA LEU D 135 19.41 26.46 10.68
C LEU D 135 19.37 27.42 11.88
N TRP D 136 20.32 28.36 11.91
CA TRP D 136 20.38 29.36 12.99
C TRP D 136 19.44 30.50 12.64
N GLY D 137 18.45 30.74 13.50
CA GLY D 137 17.55 31.86 13.28
C GLY D 137 16.42 31.94 14.28
N ARG D 138 15.59 32.97 14.09
CA ARG D 138 14.46 33.26 14.96
C ARG D 138 13.17 32.96 14.21
N ALA D 139 12.24 32.29 14.89
CA ALA D 139 10.96 31.96 14.29
C ALA D 139 10.29 33.19 13.69
N GLU D 140 10.30 34.30 14.43
CA GLU D 140 9.58 35.51 14.00
C GLU D 140 10.16 36.10 12.72
N VAL D 141 11.44 35.86 12.47
CA VAL D 141 12.10 36.35 11.27
C VAL D 141 11.94 35.36 10.12
N LEU D 142 12.24 34.09 10.40
CA LEU D 142 12.15 33.04 9.38
C LEU D 142 10.74 32.89 8.80
N ALA D 143 9.73 33.05 9.64
CA ALA D 143 8.34 32.84 9.25
C ALA D 143 7.92 33.94 8.30
N ARG D 144 8.84 34.88 8.14
CA ARG D 144 8.59 36.07 7.36
C ARG D 144 9.30 36.00 5.99
N GLU D 145 10.02 34.91 5.75
CA GLU D 145 10.74 34.75 4.50
C GLU D 145 9.98 33.80 3.56
N ALA D 146 10.04 34.07 2.27
CA ALA D 146 9.32 33.28 1.28
C ALA D 146 9.84 31.84 1.27
N GLY D 147 11.11 31.68 1.64
CA GLY D 147 11.72 30.37 1.73
C GLY D 147 11.13 29.48 2.81
N HIS D 148 10.51 30.09 3.82
CA HIS D 148 9.99 29.31 4.95
C HIS D 148 8.50 29.49 5.22
N ARG D 149 7.96 30.66 4.89
CA ARG D 149 6.56 30.94 5.23
C ARG D 149 5.60 29.99 4.52
N GLU D 150 4.81 29.27 5.31
CA GLU D 150 3.82 28.35 4.78
C GLU D 150 4.43 27.38 3.78
N ALA D 151 5.66 26.97 4.07
CA ALA D 151 6.38 26.03 3.22
C ALA D 151 6.51 24.63 3.79
N TYR D 152 5.97 24.42 4.99
CA TYR D 152 6.10 23.11 5.66
C TYR D 152 4.78 22.36 5.79
N ALA D 153 4.85 21.04 5.64
CA ALA D 153 3.68 20.18 5.85
C ALA D 153 3.47 19.90 7.34
N ARG D 154 4.55 19.90 8.10
CA ARG D 154 4.51 19.64 9.53
C ARG D 154 5.45 20.58 10.26
N ALA D 155 5.10 20.91 11.50
CA ALA D 155 6.02 21.61 12.38
C ALA D 155 5.88 21.01 13.77
N VAL D 156 6.98 21.01 14.53
CA VAL D 156 6.95 20.49 15.89
C VAL D 156 7.73 21.41 16.80
N ALA D 157 7.29 21.51 18.05
CA ALA D 157 8.03 22.23 19.07
C ALA D 157 7.87 21.53 20.41
N ARG D 158 8.97 21.40 21.14
CA ARG D 158 8.93 20.96 22.52
C ARG D 158 9.57 22.04 23.38
N ALA D 159 8.73 22.68 24.19
N ALA D 159 8.93 22.29 24.52
CA ALA D 159 9.11 23.96 24.78
CA ALA D 159 9.51 23.10 25.59
C ALA D 159 8.20 24.35 25.93
C ALA D 159 10.07 24.39 25.04
N VAL D 160 8.76 25.18 26.80
N VAL D 160 9.25 25.07 24.25
CA VAL D 160 8.06 25.67 27.97
CA VAL D 160 9.60 26.36 23.70
C VAL D 160 7.21 26.86 27.54
C VAL D 160 8.82 27.50 24.39
N ALA D 161 7.58 27.47 26.42
N ALA D 161 7.50 27.34 24.57
CA ALA D 161 6.77 28.55 25.85
CA ALA D 161 6.62 28.43 25.04
C ALA D 161 5.35 28.05 25.65
C ALA D 161 5.17 27.99 25.41
N PRO D 162 4.38 28.85 26.11
CA PRO D 162 2.96 28.48 26.25
C PRO D 162 2.24 28.36 24.91
N LEU D 163 1.19 27.53 24.84
CA LEU D 163 0.49 27.28 23.56
C LEU D 163 0.15 28.56 22.80
N CYS D 164 -0.25 29.61 23.50
CA CYS D 164 -0.65 30.86 22.86
C CYS D 164 0.51 31.48 22.08
N VAL D 165 1.67 31.52 22.71
CA VAL D 165 2.86 32.01 22.05
C VAL D 165 3.31 31.05 20.94
N LEU D 166 3.45 29.77 21.28
CA LEU D 166 3.86 28.75 20.32
C LEU D 166 3.06 28.79 19.03
N SER D 167 1.75 28.95 19.14
CA SER D 167 0.88 28.91 17.99
C SER D 167 1.25 30.01 17.00
N GLU D 168 1.57 31.21 17.50
CA GLU D 168 1.97 32.30 16.64
C GLU D 168 3.32 32.01 15.97
N LEU D 169 4.19 31.28 16.66
CA LEU D 169 5.50 30.92 16.10
C LEU D 169 5.42 29.78 15.09
N LEU D 170 4.51 28.85 15.31
CA LEU D 170 4.42 27.62 14.51
C LEU D 170 3.54 27.72 13.27
N LEU D 171 2.33 28.25 13.45
N LEU D 171 2.33 28.25 13.45
CA LEU D 171 1.33 28.23 12.39
CA LEU D 171 1.33 28.26 12.39
C LEU D 171 1.73 28.94 11.09
C LEU D 171 1.77 28.92 11.08
N PRO D 172 2.48 30.05 11.17
CA PRO D 172 2.88 30.73 9.92
C PRO D 172 3.79 29.90 9.01
N PHE D 173 4.43 28.86 9.54
CA PHE D 173 5.32 28.01 8.74
C PHE D 173 4.58 26.97 7.93
N LEU D 174 3.32 26.73 8.28
CA LEU D 174 2.57 25.60 7.73
C LEU D 174 1.80 25.95 6.46
N GLU D 175 1.93 25.10 5.44
CA GLU D 175 1.07 25.17 4.28
C GLU D 175 -0.34 24.81 4.71
N VAL D 176 -1.33 25.38 4.04
CA VAL D 176 -2.73 25.07 4.33
C VAL D 176 -2.93 23.56 4.20
N GLY D 177 -3.59 22.95 5.18
CA GLY D 177 -3.73 21.51 5.20
C GLY D 177 -2.64 20.84 6.04
N GLY D 178 -1.62 21.59 6.39
CA GLY D 178 -0.52 21.06 7.20
C GLY D 178 -0.91 20.97 8.67
N ALA D 179 0.03 20.50 9.50
CA ALA D 179 -0.24 20.41 10.93
C ALA D 179 1.00 20.57 11.78
N ALA D 180 0.81 21.12 12.98
CA ALA D 180 1.89 21.29 13.94
C ALA D 180 1.61 20.44 15.16
N VAL D 181 2.66 19.92 15.79
CA VAL D 181 2.51 19.26 17.08
C VAL D 181 3.29 20.00 18.15
N ALA D 182 2.55 20.52 19.13
CA ALA D 182 3.17 21.11 20.30
C ALA D 182 3.27 20.02 21.37
N MET D 183 4.49 19.67 21.74
CA MET D 183 4.69 18.64 22.76
C MET D 183 4.64 19.25 24.15
N LYS D 184 3.70 18.78 24.98
CA LYS D 184 3.46 19.35 26.29
C LYS D 184 3.53 18.31 27.41
N GLY D 185 3.63 18.80 28.65
CA GLY D 185 3.74 17.94 29.82
C GLY D 185 2.41 17.55 30.42
N PRO D 186 2.38 17.26 31.73
CA PRO D 186 1.15 16.78 32.40
C PRO D 186 -0.03 17.76 32.40
N ARG D 187 0.25 19.06 32.38
CA ARG D 187 -0.79 20.09 32.52
C ARG D 187 -1.00 20.89 31.24
N VAL D 188 -2.17 20.80 30.63
CA VAL D 188 -2.45 21.64 29.45
C VAL D 188 -3.74 22.46 29.52
N GLU D 189 -4.56 22.25 30.54
CA GLU D 189 -5.87 22.90 30.61
C GLU D 189 -5.81 24.42 30.49
N GLU D 190 -4.98 25.05 31.30
CA GLU D 190 -4.94 26.51 31.33
C GLU D 190 -4.39 27.06 30.03
N GLU D 191 -3.40 26.38 29.47
CA GLU D 191 -2.86 26.79 28.17
C GLU D 191 -3.86 26.62 27.05
N LEU D 192 -4.70 25.58 27.13
CA LEU D 192 -5.67 25.31 26.08
C LEU D 192 -6.87 26.23 26.12
N ALA D 193 -7.36 26.52 27.32
CA ALA D 193 -8.64 27.21 27.50
C ALA D 193 -8.85 28.43 26.61
N PRO D 194 -7.87 29.35 26.56
CA PRO D 194 -8.09 30.55 25.74
C PRO D 194 -7.56 30.44 24.32
N LEU D 195 -7.23 29.24 23.88
CA LEU D 195 -6.48 29.08 22.63
C LEU D 195 -7.24 29.33 21.33
N PRO D 196 -8.44 28.74 21.17
CA PRO D 196 -9.02 28.71 19.83
C PRO D 196 -9.22 30.07 19.12
N PRO D 197 -9.61 31.13 19.86
CA PRO D 197 -9.73 32.42 19.18
C PRO D 197 -8.40 32.87 18.58
N ALA D 198 -7.31 32.66 19.30
CA ALA D 198 -5.99 33.01 18.78
C ALA D 198 -5.62 32.19 17.54
N LEU D 199 -5.95 30.89 17.56
CA LEU D 199 -5.68 30.05 16.40
C LEU D 199 -6.42 30.54 15.17
N GLU D 200 -7.67 30.93 15.35
CA GLU D 200 -8.45 31.40 14.20
C GLU D 200 -7.83 32.65 13.59
N ARG D 201 -7.25 33.51 14.41
CA ARG D 201 -6.56 34.70 13.91
C ARG D 201 -5.37 34.31 13.03
N LEU D 202 -4.75 33.17 13.35
CA LEU D 202 -3.51 32.76 12.70
C LEU D 202 -3.76 31.84 11.52
N GLY D 203 -5.03 31.52 11.26
CA GLY D 203 -5.39 30.60 10.20
C GLY D 203 -5.39 29.14 10.65
N GLY D 204 -5.35 28.89 11.95
CA GLY D 204 -5.36 27.54 12.47
C GLY D 204 -6.63 27.09 13.16
N ARG D 205 -6.70 25.80 13.49
CA ARG D 205 -7.78 25.19 14.26
C ARG D 205 -7.11 24.21 15.20
N LEU D 206 -7.71 24.00 16.38
CA LEU D 206 -7.23 22.98 17.28
C LEU D 206 -7.59 21.59 16.73
N GLY D 207 -6.60 20.73 16.59
CA GLY D 207 -6.84 19.34 16.23
C GLY D 207 -6.97 18.54 17.50
N GLU D 208 -6.58 17.27 17.46
CA GLU D 208 -6.69 16.45 18.66
C GLU D 208 -5.62 16.83 19.70
N VAL D 209 -5.95 16.52 20.94
CA VAL D 209 -5.00 16.59 22.02
C VAL D 209 -4.85 15.17 22.51
N LEU D 210 -3.72 14.56 22.23
CA LEU D 210 -3.49 13.18 22.65
C LEU D 210 -2.80 13.13 24.00
N ALA D 211 -3.49 12.57 24.99
CA ALA D 211 -2.90 12.31 26.28
C ALA D 211 -2.18 10.96 26.22
N LEU D 212 -1.01 10.90 26.83
CA LEU D 212 -0.30 9.63 26.90
C LEU D 212 0.62 9.59 28.12
N GLN D 213 1.07 8.38 28.48
CA GLN D 213 2.00 8.20 29.59
C GLN D 213 3.35 7.77 29.01
N LEU D 214 4.45 8.37 29.47
CA LEU D 214 5.76 7.96 28.98
C LEU D 214 6.05 6.52 29.35
N PRO D 215 6.63 5.77 28.41
CA PRO D 215 6.90 4.33 28.51
C PRO D 215 7.49 3.83 29.84
N LEU D 216 8.67 4.28 30.24
CA LEU D 216 9.31 3.63 31.37
C LEU D 216 8.88 4.27 32.68
N SER D 217 8.75 5.58 32.66
CA SER D 217 8.60 6.38 33.88
C SER D 217 7.14 6.74 34.17
N GLY D 218 6.28 6.57 33.18
CA GLY D 218 4.86 6.83 33.35
C GLY D 218 4.41 8.28 33.44
N GLU D 219 5.31 9.25 33.23
CA GLU D 219 4.87 10.64 33.34
C GLU D 219 3.88 11.03 32.26
N ALA D 220 2.94 11.87 32.64
CA ALA D 220 1.87 12.32 31.77
C ALA D 220 2.42 13.26 30.72
N ARG D 221 1.97 13.10 29.48
CA ARG D 221 2.33 13.97 28.38
C ARG D 221 1.07 14.30 27.57
N HIS D 222 1.14 15.36 26.78
CA HIS D 222 0.10 15.70 25.82
C HIS D 222 0.72 16.13 24.49
N LEU D 223 0.19 15.60 23.39
CA LEU D 223 0.55 16.12 22.08
C LEU D 223 -0.61 16.97 21.61
N VAL D 224 -0.35 18.25 21.37
CA VAL D 224 -1.39 19.15 20.95
C VAL D 224 -1.22 19.45 19.46
N VAL D 225 -2.18 18.98 18.67
CA VAL D 225 -2.11 19.13 17.22
C VAL D 225 -2.81 20.41 16.79
N LEU D 226 -2.12 21.22 15.99
CA LEU D 226 -2.72 22.43 15.45
C LEU D 226 -2.86 22.25 13.93
N GLU D 227 -4.09 22.37 13.42
CA GLU D 227 -4.33 22.20 11.99
C GLU D 227 -4.24 23.55 11.27
N LYS D 228 -3.62 23.58 10.10
CA LYS D 228 -3.58 24.80 9.30
C LYS D 228 -4.76 24.85 8.31
N THR D 229 -5.68 25.76 8.57
CA THR D 229 -6.94 25.90 7.85
C THR D 229 -6.90 26.88 6.71
N ALA D 230 -6.25 28.01 6.93
CA ALA D 230 -6.29 29.11 5.99
C ALA D 230 -5.01 29.89 6.13
N PRO D 231 -4.65 30.67 5.11
CA PRO D 231 -3.36 31.34 5.16
C PRO D 231 -3.29 32.31 6.34
N THR D 232 -2.10 32.46 6.91
CA THR D 232 -1.87 33.35 8.04
C THR D 232 -1.81 34.80 7.57
N PRO D 233 -2.60 35.69 8.22
CA PRO D 233 -2.58 37.11 7.84
C PRO D 233 -1.18 37.72 7.98
N PRO D 234 -0.88 38.74 7.17
CA PRO D 234 0.49 39.28 7.10
C PRO D 234 0.96 39.85 8.44
N ALA D 235 0.02 40.16 9.32
CA ALA D 235 0.35 40.69 10.63
C ALA D 235 1.20 39.72 11.44
N TYR D 236 0.99 38.43 11.22
CA TYR D 236 1.71 37.41 12.00
C TYR D 236 2.82 36.69 11.24
N PRO D 237 3.88 36.30 11.95
CA PRO D 237 4.02 36.62 13.38
C PRO D 237 4.55 38.03 13.59
N ARG D 238 4.43 38.53 14.82
CA ARG D 238 4.92 39.86 15.14
C ARG D 238 6.45 39.84 15.35
N ARG D 239 7.04 41.00 15.60
CA ARG D 239 8.50 41.13 15.69
C ARG D 239 9.11 40.23 16.75
N PRO D 240 10.41 39.91 16.61
CA PRO D 240 11.06 39.05 17.60
C PRO D 240 10.79 39.51 19.03
N GLY D 241 10.41 38.58 19.90
CA GLY D 241 10.17 38.88 21.29
C GLY D 241 8.76 39.40 21.56
N VAL D 242 8.11 39.94 20.53
CA VAL D 242 6.75 40.44 20.72
C VAL D 242 5.74 39.33 21.02
N PRO D 243 5.81 38.21 20.28
CA PRO D 243 4.86 37.17 20.70
C PRO D 243 5.01 36.73 22.16
N GLU D 244 6.22 36.56 22.67
CA GLU D 244 6.38 36.16 24.07
C GLU D 244 5.89 37.27 25.02
N ARG D 245 6.13 38.52 24.65
CA ARG D 245 5.85 39.64 25.56
C ARG D 245 4.38 40.06 25.59
N HIS D 246 3.71 39.99 24.44
CA HIS D 246 2.27 40.28 24.41
C HIS D 246 1.56 39.15 23.67
N PRO D 247 1.40 38.00 24.35
CA PRO D 247 0.79 36.80 23.73
C PRO D 247 -0.61 37.08 23.22
N LEU D 248 -1.05 36.34 22.21
CA LEU D 248 -2.40 36.50 21.66
C LEU D 248 -3.46 36.00 22.62
N CYS D 249 -3.07 35.26 23.65
CA CYS D 249 -3.99 34.84 24.70
C CYS D 249 -3.26 34.41 25.97
N MET E 1 1.17 36.91 3.96
CA MET E 1 2.15 37.43 2.97
C MET E 1 2.28 36.60 1.67
N PHE E 2 2.95 37.21 0.69
CA PHE E 2 3.24 36.68 -0.67
C PHE E 2 2.02 36.09 -1.36
N GLY E 4 0.06 37.74 -3.82
CA GLY E 4 -0.17 38.24 -5.16
C GLY E 4 0.15 37.24 -6.26
N LYS E 5 -0.79 37.04 -7.16
CA LYS E 5 -0.53 36.12 -8.28
C LYS E 5 -0.15 36.88 -9.56
N HIS E 6 0.23 36.13 -10.60
CA HIS E 6 0.73 36.74 -11.83
C HIS E 6 0.53 35.80 -13.01
N PRO E 7 -0.52 36.04 -13.80
CA PRO E 7 -0.90 35.18 -14.93
C PRO E 7 0.26 34.81 -15.86
N GLY E 8 1.10 35.78 -16.24
CA GLY E 8 2.19 35.50 -17.16
C GLY E 8 3.57 35.84 -16.65
N GLY E 9 3.92 35.32 -15.47
CA GLY E 9 5.22 35.58 -14.90
C GLY E 9 5.37 35.00 -13.51
N LEU E 10 6.46 35.37 -12.85
CA LEU E 10 6.70 34.98 -11.47
C LEU E 10 5.67 35.62 -10.55
N SER E 11 5.05 34.80 -9.70
CA SER E 11 4.09 35.30 -8.72
C SER E 11 4.81 36.14 -7.68
N GLU E 12 4.05 36.78 -6.78
CA GLU E 12 4.68 37.51 -5.69
C GLU E 12 5.61 36.60 -4.88
N ARG E 13 5.18 35.38 -4.58
CA ARG E 13 6.02 34.47 -3.80
C ARG E 13 7.28 34.08 -4.57
N GLY E 14 7.16 33.83 -5.87
CA GLY E 14 8.28 33.49 -6.72
C GLY E 14 9.31 34.60 -6.78
N ARG E 15 8.83 35.84 -6.98
N ARG E 15 8.85 35.84 -6.98
CA ARG E 15 9.69 37.01 -7.00
CA ARG E 15 9.74 36.98 -7.03
C ARG E 15 10.48 37.12 -5.71
C ARG E 15 10.47 37.19 -5.71
N ALA E 16 9.77 36.98 -4.59
CA ALA E 16 10.41 37.10 -3.29
C ALA E 16 11.41 35.98 -3.01
N LEU E 17 11.09 34.76 -3.44
CA LEU E 17 12.03 33.63 -3.33
C LEU E 17 13.31 33.91 -4.10
N LEU E 18 13.16 34.35 -5.34
CA LEU E 18 14.29 34.66 -6.20
C LEU E 18 15.17 35.73 -5.54
N LEU E 19 14.54 36.79 -5.04
CA LEU E 19 15.27 37.87 -4.38
C LEU E 19 16.03 37.39 -3.14
N GLU E 20 15.36 36.59 -2.30
CA GLU E 20 15.99 36.03 -1.09
C GLU E 20 17.16 35.12 -1.45
N GLY E 21 16.92 34.20 -2.38
CA GLY E 21 17.95 33.32 -2.87
C GLY E 21 19.12 34.16 -3.36
N GLY E 22 18.81 35.21 -4.10
CA GLY E 22 19.81 36.10 -4.65
C GLY E 22 20.70 36.67 -3.55
N LYS E 23 20.07 37.35 -2.59
CA LYS E 23 20.78 37.94 -1.46
C LYS E 23 21.68 36.91 -0.77
N ALA E 24 21.20 35.69 -0.60
CA ALA E 24 21.99 34.65 0.05
C ALA E 24 23.27 34.37 -0.73
N LEU E 25 23.25 34.59 -2.04
CA LEU E 25 24.44 34.39 -2.87
C LEU E 25 25.30 35.65 -2.90
N GLY E 26 24.77 36.76 -2.40
CA GLY E 26 25.48 38.03 -2.41
C GLY E 26 25.09 38.89 -3.61
N LEU E 27 23.93 38.62 -4.21
CA LEU E 27 23.49 39.34 -5.39
C LEU E 27 22.25 40.16 -5.11
N ASP E 28 22.14 41.31 -5.78
CA ASP E 28 20.90 42.07 -5.73
C ASP E 28 20.15 41.87 -7.04
N LEU E 29 19.14 41.01 -7.02
CA LEU E 29 18.45 40.63 -8.25
C LEU E 29 17.28 41.54 -8.60
N LYS E 30 17.12 42.60 -7.81
CA LYS E 30 16.04 43.56 -7.99
C LYS E 30 15.92 44.06 -9.45
N PRO E 31 17.03 44.58 -10.01
CA PRO E 31 16.98 45.11 -11.38
C PRO E 31 16.70 44.02 -12.42
N HIS E 32 16.76 42.75 -12.04
CA HIS E 32 16.66 41.67 -13.02
C HIS E 32 15.40 40.84 -12.89
N LEU E 33 14.54 41.25 -11.97
CA LEU E 33 13.33 40.50 -11.65
C LEU E 33 12.44 40.37 -12.88
N GLU E 34 12.32 41.43 -13.67
CA GLU E 34 11.44 41.36 -14.83
C GLU E 34 11.99 40.40 -15.88
N ALA E 35 13.30 40.43 -16.14
CA ALA E 35 13.89 39.48 -17.08
C ALA E 35 13.70 38.03 -16.62
N PHE E 36 13.95 37.76 -15.34
CA PHE E 36 13.75 36.41 -14.83
C PHE E 36 12.29 36.04 -14.86
N SER E 37 11.42 37.00 -14.57
CA SER E 37 9.99 36.76 -14.62
C SER E 37 9.57 36.37 -16.04
N ARG E 38 10.02 37.13 -17.04
CA ARG E 38 9.76 36.79 -18.42
C ARG E 38 10.31 35.43 -18.80
N LEU E 39 11.50 35.10 -18.28
CA LEU E 39 12.14 33.84 -18.63
C LEU E 39 11.34 32.68 -18.06
N TYR E 40 10.84 32.84 -16.84
CA TYR E 40 9.96 31.85 -16.24
C TYR E 40 8.73 31.65 -17.11
N ALA E 41 8.18 32.74 -17.62
CA ALA E 41 7.02 32.69 -18.50
C ALA E 41 7.29 31.79 -19.70
N LEU E 42 8.43 32.02 -20.35
CA LEU E 42 8.82 31.22 -21.50
C LEU E 42 9.01 29.75 -21.15
N LEU E 43 9.57 29.48 -19.97
CA LEU E 43 9.78 28.10 -19.55
C LEU E 43 8.45 27.35 -19.40
N GLN E 44 7.49 27.98 -18.76
CA GLN E 44 6.15 27.41 -18.61
C GLN E 44 5.49 27.24 -19.98
N GLU E 45 5.50 28.30 -20.77
CA GLU E 45 4.88 28.30 -22.10
C GLU E 45 5.33 27.12 -22.96
N ALA E 46 6.62 26.79 -22.89
CA ALA E 46 7.12 25.62 -23.61
C ALA E 46 6.71 24.35 -22.90
N GLY E 57 5.90 26.10 -6.51
CA GLY E 57 5.86 24.66 -6.69
C GLY E 57 6.70 24.26 -7.89
N GLU E 58 6.10 24.35 -9.07
CA GLU E 58 6.88 24.32 -10.30
C GLU E 58 7.55 25.68 -10.44
N GLU E 59 6.96 26.69 -9.83
CA GLU E 59 7.58 28.01 -9.79
C GLU E 59 8.86 27.92 -8.97
N GLU E 60 8.74 27.29 -7.81
CA GLU E 60 9.87 27.08 -6.89
C GLU E 60 10.99 26.28 -7.58
N VAL E 61 10.60 25.26 -8.33
CA VAL E 61 11.58 24.44 -9.06
C VAL E 61 12.40 25.28 -10.03
N VAL E 62 11.73 26.19 -10.74
CA VAL E 62 12.40 27.04 -11.71
C VAL E 62 13.32 28.06 -11.02
N VAL E 63 12.81 28.68 -9.98
CA VAL E 63 13.59 29.67 -9.25
C VAL E 63 14.84 29.03 -8.69
N LYS E 64 14.74 27.77 -8.29
CA LYS E 64 15.92 27.02 -7.85
C LYS E 64 16.94 26.84 -9.00
N HIS E 65 16.47 26.62 -10.23
CA HIS E 65 17.36 26.54 -11.40
C HIS E 65 18.03 27.88 -11.71
N PHE E 66 17.28 28.98 -11.62
CA PHE E 66 17.86 30.30 -11.80
C PHE E 66 18.96 30.45 -10.77
N LEU E 67 18.67 30.11 -9.52
CA LEU E 67 19.61 30.32 -8.43
C LEU E 67 20.82 29.42 -8.58
N ASP E 68 20.60 28.16 -8.92
CA ASP E 68 21.70 27.22 -9.15
C ASP E 68 22.62 27.77 -10.23
N SER E 69 22.03 28.28 -11.31
CA SER E 69 22.81 28.86 -12.39
C SER E 69 23.64 30.03 -11.86
N LEU E 70 23.03 30.83 -11.00
CA LEU E 70 23.70 32.03 -10.48
C LEU E 70 24.85 31.72 -9.51
N THR E 71 24.95 30.50 -9.02
CA THR E 71 26.08 30.14 -8.14
C THR E 71 27.42 30.34 -8.85
N LEU E 72 27.38 30.36 -10.17
CA LEU E 72 28.60 30.64 -10.96
C LEU E 72 29.28 31.92 -10.50
N LEU E 73 28.48 32.86 -10.00
N LEU E 73 28.48 32.85 -9.99
CA LEU E 73 29.02 34.14 -9.58
CA LEU E 73 29.01 34.14 -9.56
C LEU E 73 29.78 34.05 -8.26
C LEU E 73 29.80 34.05 -8.26
N ARG E 74 29.80 32.86 -7.64
CA ARG E 74 30.59 32.65 -6.44
C ARG E 74 32.07 32.51 -6.77
N LEU E 75 32.38 32.50 -8.07
CA LEU E 75 33.77 32.54 -8.54
C LEU E 75 33.97 33.84 -9.31
N PRO E 76 35.05 34.58 -9.03
CA PRO E 76 35.15 35.90 -9.66
C PRO E 76 35.70 35.83 -11.09
N LEU E 77 35.04 35.06 -11.96
CA LEU E 77 35.57 34.74 -13.28
C LEU E 77 34.91 35.53 -14.41
N TRP E 78 34.07 36.50 -14.06
CA TRP E 78 33.12 37.04 -15.02
C TRP E 78 33.20 38.55 -15.26
N GLN E 79 34.39 39.13 -15.10
CA GLN E 79 34.61 40.56 -15.36
C GLN E 79 34.84 40.85 -16.82
N GLY E 80 34.17 41.88 -17.32
CA GLY E 80 34.48 42.43 -18.62
C GLY E 80 33.84 41.67 -19.76
N PRO E 81 34.24 42.01 -20.99
CA PRO E 81 33.64 41.51 -22.23
C PRO E 81 34.17 40.14 -22.65
N LEU E 82 34.30 39.20 -21.71
CA LEU E 82 34.82 37.87 -22.03
C LEU E 82 33.91 37.11 -22.99
N ARG E 83 34.51 36.30 -23.85
CA ARG E 83 33.73 35.38 -24.67
C ARG E 83 33.50 34.08 -23.91
N VAL E 84 32.23 33.73 -23.73
CA VAL E 84 31.85 32.59 -22.90
C VAL E 84 31.08 31.57 -23.74
N LEU E 85 31.38 30.30 -23.52
CA LEU E 85 30.66 29.23 -24.19
C LEU E 85 29.85 28.44 -23.17
N ASP E 86 28.53 28.37 -23.35
CA ASP E 86 27.71 27.51 -22.51
C ASP E 86 27.37 26.26 -23.34
N LEU E 87 27.89 25.12 -22.90
CA LEU E 87 27.84 23.90 -23.70
C LEU E 87 26.73 22.96 -23.21
N GLY E 88 25.85 22.56 -24.13
CA GLY E 88 24.75 21.69 -23.78
C GLY E 88 23.77 22.45 -22.89
N THR E 89 23.45 23.65 -23.34
CA THR E 89 22.73 24.67 -22.59
C THR E 89 21.27 24.31 -22.26
N GLY E 90 20.71 23.38 -23.02
CA GLY E 90 19.30 23.05 -22.88
C GLY E 90 18.43 24.28 -23.07
N ALA E 91 17.51 24.50 -22.14
CA ALA E 91 16.67 25.70 -22.15
C ALA E 91 17.45 26.96 -21.80
N GLY E 92 18.77 26.84 -21.70
CA GLY E 92 19.63 28.00 -21.50
C GLY E 92 20.13 28.19 -20.09
N PHE E 93 20.60 27.11 -19.48
CA PHE E 93 21.14 27.18 -18.14
C PHE E 93 22.50 26.50 -18.12
N PRO E 94 23.47 27.10 -17.46
CA PRO E 94 23.40 28.32 -16.63
C PRO E 94 23.61 29.64 -17.38
N GLY E 95 23.80 29.57 -18.70
CA GLY E 95 24.19 30.71 -19.51
C GLY E 95 23.26 31.92 -19.54
N LEU E 96 21.95 31.68 -19.57
CA LEU E 96 21.01 32.80 -19.64
C LEU E 96 20.97 33.61 -18.34
N PRO E 97 20.85 32.92 -17.18
CA PRO E 97 20.92 33.72 -15.94
C PRO E 97 22.25 34.45 -15.80
N LEU E 98 23.33 33.80 -16.21
CA LEU E 98 24.65 34.41 -16.14
C LEU E 98 24.67 35.67 -17.00
N LYS E 99 24.15 35.57 -18.22
CA LYS E 99 24.13 36.71 -19.14
C LYS E 99 23.24 37.83 -18.61
N ILE E 100 22.13 37.46 -17.97
CA ILE E 100 21.23 38.46 -17.40
C ILE E 100 21.95 39.35 -16.38
N VAL E 101 22.70 38.74 -15.45
CA VAL E 101 23.35 39.52 -14.39
C VAL E 101 24.77 39.98 -14.73
N ARG E 102 25.35 39.46 -15.80
CA ARG E 102 26.63 39.95 -16.27
C ARG E 102 26.50 40.33 -17.75
N PRO E 103 25.82 41.46 -18.04
CA PRO E 103 25.45 41.77 -19.42
C PRO E 103 26.62 41.95 -20.38
N GLU E 104 27.84 42.21 -19.90
CA GLU E 104 28.97 42.44 -20.80
C GLU E 104 29.49 41.15 -21.43
N LEU E 105 29.21 40.01 -20.82
CA LEU E 105 29.72 38.76 -21.35
C LEU E 105 29.21 38.53 -22.76
N GLU E 106 30.08 38.07 -23.64
CA GLU E 106 29.70 37.70 -24.99
C GLU E 106 29.44 36.19 -25.01
N LEU E 107 28.17 35.82 -25.04
CA LEU E 107 27.75 34.45 -24.79
C LEU E 107 27.37 33.70 -26.07
N VAL E 108 27.93 32.51 -26.23
CA VAL E 108 27.46 31.55 -27.22
C VAL E 108 26.89 30.36 -26.46
N LEU E 109 25.62 30.05 -26.70
CA LEU E 109 25.00 28.92 -26.02
C LEU E 109 24.73 27.79 -27.02
N VAL E 110 25.42 26.68 -26.82
CA VAL E 110 25.40 25.58 -27.78
C VAL E 110 24.53 24.42 -27.29
N ASP E 111 23.81 23.81 -28.23
CA ASP E 111 23.10 22.57 -27.91
C ASP E 111 22.94 21.72 -29.17
N ALA E 112 22.97 20.41 -28.98
CA ALA E 112 22.84 19.47 -30.09
C ALA E 112 21.39 19.26 -30.51
N THR E 113 20.46 19.76 -29.70
CA THR E 113 19.04 19.57 -29.92
C THR E 113 18.40 20.85 -30.47
N ARG E 114 17.88 20.79 -31.70
CA ARG E 114 17.42 22.02 -32.35
C ARG E 114 16.37 22.78 -31.55
N LYS E 115 15.39 22.06 -31.01
CA LYS E 115 14.30 22.70 -30.30
C LYS E 115 14.79 23.45 -29.06
N LYS E 116 15.83 22.94 -28.42
CA LYS E 116 16.44 23.67 -27.30
C LYS E 116 17.07 24.97 -27.81
N VAL E 117 17.82 24.88 -28.91
CA VAL E 117 18.43 26.06 -29.51
C VAL E 117 17.36 27.09 -29.88
N ALA E 118 16.25 26.63 -30.43
CA ALA E 118 15.17 27.53 -30.82
C ALA E 118 14.57 28.23 -29.60
N PHE E 119 14.42 27.51 -28.50
CA PHE E 119 13.97 28.12 -27.25
C PHE E 119 14.94 29.21 -26.79
N VAL E 120 16.23 28.92 -26.85
CA VAL E 120 17.22 29.90 -26.42
C VAL E 120 17.20 31.17 -27.30
N GLU E 121 17.18 30.99 -28.63
CA GLU E 121 17.07 32.13 -29.55
C GLU E 121 15.87 32.99 -29.17
N ARG E 122 14.74 32.32 -28.96
CA ARG E 122 13.50 33.00 -28.59
C ARG E 122 13.66 33.72 -27.25
N ALA E 123 14.30 33.06 -26.28
CA ALA E 123 14.51 33.69 -24.98
C ALA E 123 15.33 34.97 -25.14
N ILE E 124 16.42 34.86 -25.90
CA ILE E 124 17.27 36.01 -26.22
C ILE E 124 16.50 37.14 -26.88
N GLU E 125 15.70 36.81 -27.88
CA GLU E 125 14.84 37.77 -28.55
C GLU E 125 13.92 38.47 -27.55
N VAL E 126 13.10 37.69 -26.84
CA VAL E 126 12.10 38.25 -25.93
C VAL E 126 12.67 39.01 -24.72
N LEU E 127 13.79 38.54 -24.17
CA LEU E 127 14.41 39.22 -23.04
C LEU E 127 15.15 40.47 -23.51
N GLY E 128 15.43 40.54 -24.81
CA GLY E 128 16.17 41.64 -25.38
C GLY E 128 17.64 41.61 -25.01
N LEU E 129 18.22 40.41 -24.95
CA LEU E 129 19.63 40.26 -24.62
C LEU E 129 20.49 40.65 -25.81
N LYS E 130 21.53 41.44 -25.59
CA LYS E 130 22.46 41.79 -26.65
C LYS E 130 23.79 41.10 -26.40
N GLY E 131 24.40 40.59 -27.46
CA GLY E 131 25.68 39.91 -27.33
C GLY E 131 25.53 38.50 -26.79
N ALA E 132 24.45 37.84 -27.18
CA ALA E 132 24.23 36.43 -26.86
C ALA E 132 23.66 35.73 -28.09
N ARG E 133 24.23 34.58 -28.46
CA ARG E 133 23.65 33.80 -29.54
C ARG E 133 23.53 32.30 -29.22
N ALA E 134 22.46 31.71 -29.71
CA ALA E 134 22.22 30.27 -29.60
C ALA E 134 22.76 29.60 -30.86
N LEU E 135 23.40 28.45 -30.68
CA LEU E 135 24.02 27.77 -31.81
C LEU E 135 23.73 26.25 -31.75
N TRP E 136 23.21 25.74 -32.86
CA TRP E 136 22.86 24.33 -32.99
C TRP E 136 24.07 23.56 -33.50
N GLY E 137 24.58 22.64 -32.68
CA GLY E 137 25.74 21.87 -33.06
C GLY E 137 26.28 20.92 -31.99
N ARG E 138 27.31 20.18 -32.37
CA ARG E 138 27.97 19.20 -31.50
C ARG E 138 29.32 19.74 -31.06
N ALA E 139 29.61 19.62 -29.78
CA ALA E 139 30.90 20.07 -29.26
C ALA E 139 32.08 19.55 -30.08
N GLU E 140 32.02 18.26 -30.42
CA GLU E 140 33.12 17.57 -31.10
C GLU E 140 33.44 18.14 -32.47
N VAL E 141 32.43 18.73 -33.08
CA VAL E 141 32.54 19.27 -34.42
C VAL E 141 32.93 20.74 -34.33
N LEU E 142 32.24 21.47 -33.47
CA LEU E 142 32.49 22.89 -33.28
C LEU E 142 33.90 23.19 -32.78
N ALA E 143 34.45 22.30 -31.95
CA ALA E 143 35.79 22.52 -31.40
C ALA E 143 36.91 22.18 -32.38
N ARG E 144 36.57 21.79 -33.60
CA ARG E 144 37.59 21.58 -34.62
C ARG E 144 37.51 22.68 -35.69
N GLU E 145 36.69 23.69 -35.42
CA GLU E 145 36.57 24.85 -36.30
C GLU E 145 37.39 26.02 -35.75
N ALA E 146 38.06 26.74 -36.64
CA ALA E 146 38.92 27.84 -36.19
C ALA E 146 38.11 28.93 -35.50
N GLY E 147 36.83 29.03 -35.81
CA GLY E 147 35.96 30.02 -35.18
C GLY E 147 35.67 29.74 -33.72
N HIS E 148 35.89 28.51 -33.27
CA HIS E 148 35.54 28.13 -31.90
C HIS E 148 36.69 27.54 -31.10
N ARG E 149 37.57 26.80 -31.75
CA ARG E 149 38.68 26.16 -31.04
C ARG E 149 39.56 27.23 -30.40
N GLU E 150 39.72 27.12 -29.09
CA GLU E 150 40.59 28.03 -28.35
C GLU E 150 40.26 29.49 -28.59
N ALA E 151 38.97 29.74 -28.79
CA ALA E 151 38.48 31.09 -29.04
C ALA E 151 37.74 31.69 -27.84
N TYR E 152 37.58 30.92 -26.77
CA TYR E 152 36.81 31.38 -25.62
C TYR E 152 37.65 31.62 -24.37
N ALA E 153 37.30 32.63 -23.59
CA ALA E 153 37.97 32.86 -22.31
C ALA E 153 37.36 31.99 -21.22
N ARG E 154 36.07 31.72 -21.32
CA ARG E 154 35.38 30.87 -20.35
C ARG E 154 34.46 29.88 -21.06
N ALA E 155 34.26 28.74 -20.44
CA ALA E 155 33.26 27.80 -20.90
C ALA E 155 32.54 27.22 -19.67
N VAL E 156 31.26 26.94 -19.81
CA VAL E 156 30.49 26.35 -18.71
C VAL E 156 29.62 25.21 -19.21
N ALA E 157 29.39 24.24 -18.34
CA ALA E 157 28.48 23.14 -18.64
C ALA E 157 27.85 22.58 -17.36
N ARG E 158 26.53 22.40 -17.40
CA ARG E 158 25.80 21.73 -16.35
C ARG E 158 25.14 20.49 -16.94
N ALA E 159 25.61 19.30 -16.54
N ALA E 159 25.20 19.40 -16.17
CA ALA E 159 25.33 18.08 -17.29
CA ALA E 159 24.36 18.22 -16.39
C ALA E 159 25.73 16.79 -16.57
C ALA E 159 24.51 17.75 -17.81
N VAL E 160 24.97 15.73 -16.82
N VAL E 160 25.76 17.70 -18.23
CA VAL E 160 25.18 14.44 -16.16
CA VAL E 160 26.13 17.28 -19.57
C VAL E 160 26.46 13.79 -16.64
C VAL E 160 26.73 15.85 -19.55
N ALA E 161 26.83 14.09 -17.88
N ALA E 161 27.71 15.59 -18.69
CA ALA E 161 28.06 13.57 -18.46
CA ALA E 161 28.49 14.33 -18.70
C ALA E 161 29.22 13.94 -17.56
C ALA E 161 29.43 14.15 -17.48
N PRO E 162 30.05 12.95 -17.28
CA PRO E 162 31.11 12.89 -16.26
C PRO E 162 32.27 13.83 -16.58
N LEU E 163 33.07 14.19 -15.59
CA LEU E 163 34.12 15.19 -15.77
C LEU E 163 35.14 14.77 -16.82
N CYS E 164 35.48 13.49 -16.87
CA CYS E 164 36.41 12.97 -17.87
C CYS E 164 35.94 13.33 -19.28
N VAL E 165 34.64 13.11 -19.51
CA VAL E 165 34.04 13.40 -20.80
C VAL E 165 33.89 14.92 -21.03
N LEU E 166 33.38 15.62 -20.02
CA LEU E 166 33.21 17.07 -20.11
C LEU E 166 34.52 17.78 -20.40
N SER E 167 35.59 17.29 -19.80
CA SER E 167 36.90 17.90 -19.98
C SER E 167 37.33 17.85 -21.44
N GLU E 168 37.11 16.73 -22.11
CA GLU E 168 37.46 16.60 -23.52
C GLU E 168 36.61 17.52 -24.40
N LEU E 169 35.38 17.80 -23.96
CA LEU E 169 34.45 18.64 -24.73
C LEU E 169 34.65 20.13 -24.46
N LEU E 170 35.06 20.50 -23.25
CA LEU E 170 35.16 21.91 -22.87
C LEU E 170 36.53 22.52 -23.14
N LEU E 171 37.59 21.80 -22.76
CA LEU E 171 38.95 22.34 -22.84
C LEU E 171 39.37 22.84 -24.23
N PRO E 172 39.06 22.11 -25.30
CA PRO E 172 39.51 22.58 -26.63
C PRO E 172 38.94 23.96 -27.02
N PHE E 173 37.88 24.42 -26.36
CA PHE E 173 37.29 25.72 -26.67
C PHE E 173 38.04 26.89 -26.03
N LEU E 174 38.87 26.60 -25.05
CA LEU E 174 39.49 27.63 -24.22
C LEU E 174 40.83 28.13 -24.76
N GLU E 175 40.98 29.45 -24.84
CA GLU E 175 42.28 30.05 -25.13
C GLU E 175 43.18 29.73 -23.93
N VAL E 176 44.49 29.72 -24.16
CA VAL E 176 45.42 29.48 -23.05
C VAL E 176 45.23 30.59 -22.03
N GLY E 177 45.18 30.22 -20.75
CA GLY E 177 44.85 31.17 -19.70
C GLY E 177 43.37 31.24 -19.40
N GLY E 178 42.53 30.64 -20.24
CA GLY E 178 41.09 30.61 -20.00
C GLY E 178 40.71 29.59 -18.93
N ALA E 179 39.42 29.54 -18.57
CA ALA E 179 38.93 28.59 -17.58
C ALA E 179 37.53 28.09 -17.91
N ALA E 180 37.27 26.83 -17.56
CA ALA E 180 35.94 26.26 -17.72
C ALA E 180 35.38 25.91 -16.36
N VAL E 181 34.06 26.01 -16.20
CA VAL E 181 33.43 25.59 -14.96
C VAL E 181 32.47 24.44 -15.23
N ALA E 182 32.71 23.31 -14.59
CA ALA E 182 31.77 22.20 -14.67
C ALA E 182 30.90 22.22 -13.42
N MET E 183 29.61 22.49 -13.62
CA MET E 183 28.69 22.54 -12.48
C MET E 183 28.23 21.15 -12.12
N LYS E 184 28.52 20.73 -10.89
CA LYS E 184 28.22 19.39 -10.43
C LYS E 184 27.35 19.38 -9.19
N GLY E 185 26.78 18.24 -8.87
CA GLY E 185 25.89 18.09 -7.72
C GLY E 185 26.63 17.70 -6.47
N PRO E 186 25.96 16.99 -5.54
CA PRO E 186 26.59 16.72 -4.23
C PRO E 186 27.80 15.78 -4.28
N ARG E 187 27.92 14.92 -5.27
CA ARG E 187 28.97 13.91 -5.30
C ARG E 187 29.96 14.06 -6.47
N VAL E 188 31.20 14.42 -6.16
CA VAL E 188 32.22 14.59 -7.19
C VAL E 188 33.44 13.69 -7.02
N GLU E 189 33.52 12.98 -5.91
CA GLU E 189 34.70 12.19 -5.56
C GLU E 189 35.14 11.24 -6.68
N GLU E 190 34.25 10.35 -7.11
CA GLU E 190 34.58 9.35 -8.13
C GLU E 190 34.96 10.00 -9.48
N GLU E 191 34.21 11.04 -9.87
CA GLU E 191 34.47 11.73 -11.13
C GLU E 191 35.82 12.44 -11.13
N LEU E 192 36.23 12.97 -9.98
CA LEU E 192 37.48 13.71 -9.88
C LEU E 192 38.72 12.83 -9.83
N ALA E 193 38.59 11.68 -9.17
CA ALA E 193 39.74 10.86 -8.84
C ALA E 193 40.70 10.57 -10.00
N PRO E 194 40.16 10.17 -11.17
CA PRO E 194 41.05 9.84 -12.28
C PRO E 194 41.33 11.03 -13.20
N LEU E 195 40.90 12.23 -12.80
CA LEU E 195 40.85 13.35 -13.72
C LEU E 195 42.18 13.97 -14.17
N PRO E 196 43.09 14.24 -13.22
CA PRO E 196 44.31 15.01 -13.56
C PRO E 196 45.08 14.54 -14.80
N PRO E 197 45.39 13.22 -14.91
CA PRO E 197 46.11 12.75 -16.10
C PRO E 197 45.39 13.07 -17.41
N ALA E 198 44.09 12.88 -17.44
CA ALA E 198 43.30 13.20 -18.63
C ALA E 198 43.33 14.69 -18.96
N LEU E 199 43.25 15.55 -17.95
CA LEU E 199 43.34 16.98 -18.17
C LEU E 199 44.67 17.32 -18.82
N GLU E 200 45.73 16.68 -18.33
CA GLU E 200 47.08 17.00 -18.78
C GLU E 200 47.20 16.75 -20.29
N ARG E 201 46.63 15.64 -20.77
CA ARG E 201 46.66 15.32 -22.20
C ARG E 201 45.92 16.36 -23.04
N LEU E 202 45.01 17.09 -22.41
CA LEU E 202 44.17 18.04 -23.12
C LEU E 202 44.72 19.46 -23.04
N GLY E 203 45.80 19.62 -22.28
CA GLY E 203 46.38 20.93 -22.05
C GLY E 203 45.77 21.65 -20.87
N GLY E 204 45.04 20.92 -20.03
CA GLY E 204 44.36 21.51 -18.88
C GLY E 204 44.96 21.11 -17.55
N ARG E 205 44.49 21.79 -16.50
CA ARG E 205 44.93 21.56 -15.13
C ARG E 205 43.69 21.73 -14.27
N LEU E 206 43.56 20.90 -13.24
CA LEU E 206 42.46 21.11 -12.32
C LEU E 206 42.69 22.41 -11.58
N GLY E 207 41.70 23.29 -11.62
CA GLY E 207 41.73 24.48 -10.79
C GLY E 207 41.07 24.09 -9.48
N GLU E 208 40.36 25.02 -8.87
CA GLU E 208 39.71 24.74 -7.61
C GLU E 208 38.45 23.92 -7.81
N VAL E 209 38.04 23.29 -6.73
CA VAL E 209 36.73 22.65 -6.66
C VAL E 209 36.04 23.34 -5.51
N LEU E 210 35.01 24.11 -5.81
CA LEU E 210 34.34 24.88 -4.78
C LEU E 210 33.06 24.19 -4.33
N ALA E 211 32.99 23.85 -3.05
CA ALA E 211 31.79 23.30 -2.47
C ALA E 211 30.93 24.44 -1.99
N LEU E 212 29.63 24.33 -2.22
CA LEU E 212 28.72 25.33 -1.70
C LEU E 212 27.36 24.70 -1.54
N GLN E 213 26.47 25.41 -0.86
CA GLN E 213 25.13 24.92 -0.61
C GLN E 213 24.16 25.84 -1.34
N LEU E 214 23.15 25.26 -1.95
CA LEU E 214 22.14 26.07 -2.62
C LEU E 214 21.36 26.89 -1.60
N PRO E 215 21.03 28.13 -1.97
CA PRO E 215 20.36 29.16 -1.17
C PRO E 215 19.07 28.80 -0.43
N LEU E 216 18.13 28.09 -1.04
CA LEU E 216 16.87 27.88 -0.32
C LEU E 216 16.71 26.41 0.10
N SER E 217 17.30 25.52 -0.66
CA SER E 217 17.17 24.08 -0.43
C SER E 217 18.26 23.55 0.48
N GLY E 218 19.40 24.23 0.50
CA GLY E 218 20.56 23.75 1.23
C GLY E 218 21.30 22.62 0.51
N GLU E 219 20.82 22.23 -0.66
CA GLU E 219 21.47 21.15 -1.43
C GLU E 219 22.93 21.44 -1.71
N ALA E 220 23.76 20.40 -1.56
CA ALA E 220 25.18 20.53 -1.88
C ALA E 220 25.44 20.56 -3.38
N ARG E 221 26.41 21.39 -3.76
CA ARG E 221 26.83 21.56 -5.15
C ARG E 221 28.33 21.75 -5.18
N HIS E 222 28.94 21.49 -6.33
CA HIS E 222 30.36 21.79 -6.53
C HIS E 222 30.59 22.44 -7.87
N LEU E 223 31.42 23.48 -7.88
CA LEU E 223 31.89 24.04 -9.14
C LEU E 223 33.31 23.56 -9.35
N VAL E 224 33.53 22.88 -10.46
CA VAL E 224 34.85 22.35 -10.78
C VAL E 224 35.47 23.24 -11.85
N VAL E 225 36.55 23.92 -11.50
CA VAL E 225 37.23 24.82 -12.43
C VAL E 225 38.32 24.07 -13.18
N LEU E 226 38.30 24.12 -14.50
CA LEU E 226 39.36 23.54 -15.31
C LEU E 226 40.16 24.68 -15.96
N GLU E 227 41.45 24.76 -15.64
CA GLU E 227 42.31 25.80 -16.20
C GLU E 227 42.92 25.38 -17.53
N LYS E 228 42.92 26.26 -18.52
CA LYS E 228 43.58 25.98 -19.79
C LYS E 228 45.05 26.43 -19.74
N THR E 229 45.96 25.46 -19.78
CA THR E 229 47.37 25.72 -19.54
C THR E 229 48.24 25.69 -20.79
N ALA E 230 47.91 24.83 -21.75
CA ALA E 230 48.67 24.72 -22.98
C ALA E 230 47.71 24.37 -24.10
N PRO E 231 48.12 24.58 -25.36
CA PRO E 231 47.13 24.29 -26.42
C PRO E 231 46.72 22.83 -26.41
N THR E 232 45.49 22.55 -26.79
CA THR E 232 44.98 21.18 -26.90
C THR E 232 45.57 20.50 -28.14
N PRO E 233 46.17 19.31 -27.98
CA PRO E 233 46.70 18.55 -29.13
C PRO E 233 45.65 18.30 -30.21
N PRO E 234 46.08 18.18 -31.48
CA PRO E 234 45.12 18.04 -32.59
C PRO E 234 44.22 16.81 -32.45
N ALA E 235 44.60 15.85 -31.60
CA ALA E 235 43.84 14.61 -31.46
C ALA E 235 42.49 14.84 -30.78
N TYR E 236 42.35 15.97 -30.10
CA TYR E 236 41.14 16.23 -29.33
C TYR E 236 40.41 17.47 -29.82
N PRO E 237 39.08 17.45 -29.72
CA PRO E 237 38.33 16.30 -29.20
C PRO E 237 38.20 15.21 -30.26
N ARG E 238 37.92 13.98 -29.84
CA ARG E 238 37.68 12.91 -30.80
C ARG E 238 36.31 13.07 -31.44
N ARG E 239 36.01 12.24 -32.44
CA ARG E 239 34.80 12.38 -33.26
C ARG E 239 33.50 12.31 -32.47
N PRO E 240 32.42 12.92 -33.00
CA PRO E 240 31.14 12.96 -32.29
C PRO E 240 30.72 11.61 -31.71
N GLY E 241 30.44 11.60 -30.41
CA GLY E 241 29.97 10.41 -29.72
C GLY E 241 31.07 9.57 -29.10
N VAL E 242 32.31 9.77 -29.53
CA VAL E 242 33.42 8.94 -29.08
C VAL E 242 33.92 9.25 -27.67
N PRO E 243 33.92 10.53 -27.27
CA PRO E 243 34.39 10.79 -25.90
C PRO E 243 33.44 10.18 -24.87
N GLU E 244 32.14 10.31 -25.11
CA GLU E 244 31.11 9.71 -24.27
C GLU E 244 31.32 8.20 -24.16
N ARG E 245 31.59 7.57 -25.29
CA ARG E 245 31.64 6.10 -25.34
C ARG E 245 32.98 5.56 -24.84
N HIS E 246 34.06 6.28 -25.12
CA HIS E 246 35.39 5.86 -24.72
C HIS E 246 36.12 6.97 -23.95
N PRO E 247 35.61 7.34 -22.76
CA PRO E 247 36.15 8.47 -21.99
C PRO E 247 37.65 8.37 -21.76
N LEU E 248 38.33 9.50 -21.61
CA LEU E 248 39.78 9.51 -21.39
C LEU E 248 40.16 8.95 -20.03
N CYS E 249 39.20 8.89 -19.12
CA CYS E 249 39.44 8.38 -17.79
C CYS E 249 38.14 7.91 -17.13
N MET F 1 -37.16 15.33 61.88
CA MET F 1 -36.76 14.53 60.71
C MET F 1 -35.71 15.21 59.81
N PHE F 2 -35.17 14.42 58.88
CA PHE F 2 -34.13 14.84 57.89
C PHE F 2 -32.90 15.53 58.50
N GLY F 4 -29.86 13.96 59.24
CA GLY F 4 -28.61 13.33 58.86
C GLY F 4 -27.73 14.08 57.86
N LYS F 5 -26.42 14.09 58.11
CA LYS F 5 -25.43 14.66 57.19
C LYS F 5 -24.46 13.58 56.68
N HIS F 6 -23.99 13.73 55.45
CA HIS F 6 -23.11 12.71 54.83
C HIS F 6 -21.91 13.29 54.11
N PRO F 7 -20.72 13.16 54.72
CA PRO F 7 -19.49 13.66 54.10
C PRO F 7 -19.49 13.21 52.64
N GLY F 8 -19.30 14.16 51.71
CA GLY F 8 -19.13 13.82 50.32
C GLY F 8 -20.34 13.34 49.55
N GLY F 9 -21.52 13.80 49.95
CA GLY F 9 -22.73 13.56 49.18
C GLY F 9 -23.91 14.39 49.64
N LEU F 10 -25.08 14.15 49.06
CA LEU F 10 -26.31 14.81 49.51
C LEU F 10 -26.62 14.42 50.96
N SER F 11 -27.05 15.39 51.75
CA SER F 11 -27.50 15.13 53.12
C SER F 11 -28.78 14.33 53.12
N GLU F 12 -29.23 13.94 54.31
CA GLU F 12 -30.51 13.26 54.44
C GLU F 12 -31.63 14.14 53.89
N ARG F 13 -31.57 15.43 54.16
CA ARG F 13 -32.59 16.33 53.66
C ARG F 13 -32.51 16.45 52.14
N GLY F 14 -31.29 16.61 51.63
CA GLY F 14 -31.08 16.71 50.20
C GLY F 14 -31.64 15.53 49.45
N ARG F 15 -31.38 14.34 49.99
CA ARG F 15 -31.87 13.10 49.39
C ARG F 15 -33.38 13.06 49.34
N ALA F 16 -34.01 13.42 50.45
CA ALA F 16 -35.45 13.39 50.56
C ALA F 16 -36.11 14.42 49.65
N LEU F 17 -35.50 15.61 49.53
CA LEU F 17 -36.03 16.64 48.66
C LEU F 17 -36.04 16.16 47.22
N LEU F 18 -34.96 15.52 46.81
CA LEU F 18 -34.81 15.04 45.45
C LEU F 18 -35.85 13.95 45.14
N LEU F 19 -36.01 12.98 46.04
CA LEU F 19 -37.02 11.93 45.85
C LEU F 19 -38.42 12.53 45.77
N GLU F 20 -38.71 13.45 46.68
CA GLU F 20 -40.02 14.12 46.73
C GLU F 20 -40.29 14.91 45.46
N GLY F 21 -39.30 15.69 45.03
CA GLY F 21 -39.41 16.48 43.82
C GLY F 21 -39.58 15.55 42.64
N GLY F 22 -38.84 14.45 42.65
CA GLY F 22 -38.93 13.44 41.62
C GLY F 22 -40.33 12.89 41.53
N LYS F 23 -40.90 12.52 42.68
CA LYS F 23 -42.25 11.96 42.73
C LYS F 23 -43.26 12.94 42.14
N ALA F 24 -43.13 14.22 42.49
CA ALA F 24 -44.03 15.23 41.97
C ALA F 24 -44.00 15.27 40.44
N LEU F 25 -42.86 14.93 39.84
CA LEU F 25 -42.75 14.91 38.38
C LEU F 25 -43.25 13.58 37.78
N GLY F 26 -43.57 12.62 38.64
CA GLY F 26 -43.99 11.30 38.18
C GLY F 26 -42.83 10.33 38.04
N LEU F 27 -41.70 10.65 38.67
CA LEU F 27 -40.49 9.83 38.54
C LEU F 27 -40.10 9.16 39.86
N ASP F 28 -39.56 7.94 39.77
CA ASP F 28 -38.99 7.28 40.95
C ASP F 28 -37.48 7.40 40.90
N LEU F 29 -36.92 8.32 41.69
CA LEU F 29 -35.48 8.57 41.63
C LEU F 29 -34.64 7.72 42.58
N LYS F 30 -35.26 6.78 43.29
CA LYS F 30 -34.52 5.93 44.24
C LYS F 30 -33.35 5.17 43.61
N PRO F 31 -33.57 4.55 42.44
CA PRO F 31 -32.46 3.81 41.84
C PRO F 31 -31.34 4.75 41.38
N HIS F 32 -31.57 6.06 41.36
CA HIS F 32 -30.58 7.02 40.83
C HIS F 32 -30.01 7.95 41.89
N LEU F 33 -30.46 7.79 43.13
CA LEU F 33 -30.09 8.67 44.22
C LEU F 33 -28.57 8.77 44.38
N GLU F 34 -27.88 7.64 44.29
CA GLU F 34 -26.44 7.63 44.54
C GLU F 34 -25.67 8.34 43.41
N ALA F 35 -26.12 8.16 42.17
CA ALA F 35 -25.53 8.91 41.06
C ALA F 35 -25.72 10.41 41.21
N PHE F 36 -26.92 10.83 41.61
CA PHE F 36 -27.17 12.25 41.86
C PHE F 36 -26.40 12.79 43.06
N SER F 37 -26.27 11.98 44.10
CA SER F 37 -25.52 12.39 45.28
C SER F 37 -24.07 12.57 44.86
N ARG F 38 -23.60 11.65 44.04
CA ARG F 38 -22.24 11.66 43.54
C ARG F 38 -22.02 12.88 42.63
N LEU F 39 -23.02 13.19 41.80
CA LEU F 39 -22.92 14.38 40.94
C LEU F 39 -22.90 15.64 41.78
N TYR F 40 -23.71 15.66 42.84
CA TYR F 40 -23.73 16.80 43.76
C TYR F 40 -22.34 17.03 44.39
N ALA F 41 -21.69 15.95 44.81
CA ALA F 41 -20.37 16.06 45.41
C ALA F 41 -19.33 16.61 44.43
N LEU F 42 -19.45 16.24 43.15
CA LEU F 42 -18.57 16.80 42.13
C LEU F 42 -18.81 18.29 41.94
N LEU F 43 -20.07 18.70 41.93
CA LEU F 43 -20.38 20.12 41.76
C LEU F 43 -19.80 20.92 42.92
N GLN F 44 -19.93 20.38 44.14
CA GLN F 44 -19.47 21.09 45.33
C GLN F 44 -17.96 21.14 45.38
N GLU F 45 -17.30 20.05 45.01
CA GLU F 45 -15.84 20.07 44.90
C GLU F 45 -15.44 21.22 44.00
N ALA F 46 -15.86 21.13 42.74
CA ALA F 46 -15.63 22.21 41.78
C ALA F 46 -16.01 23.55 42.39
N GLY F 57 -28.74 26.07 52.13
CA GLY F 57 -29.33 26.72 50.98
C GLY F 57 -28.73 26.25 49.67
N GLU F 58 -27.41 26.07 49.65
CA GLU F 58 -26.73 25.68 48.41
C GLU F 58 -27.09 24.27 47.94
N GLU F 59 -27.27 23.35 48.88
CA GLU F 59 -27.65 21.99 48.50
C GLU F 59 -29.02 22.04 47.83
N GLU F 60 -29.93 22.80 48.42
CA GLU F 60 -31.29 22.88 47.91
C GLU F 60 -31.28 23.49 46.50
N VAL F 61 -30.40 24.44 46.27
CA VAL F 61 -30.25 25.05 44.95
C VAL F 61 -29.85 24.01 43.90
N VAL F 62 -28.90 23.14 44.24
CA VAL F 62 -28.48 22.10 43.31
C VAL F 62 -29.60 21.09 43.06
N VAL F 63 -30.26 20.65 44.12
CA VAL F 63 -31.37 19.71 43.95
C VAL F 63 -32.42 20.29 42.99
N LYS F 64 -32.68 21.60 43.10
CA LYS F 64 -33.63 22.26 42.20
C LYS F 64 -33.18 22.29 40.72
N HIS F 65 -31.86 22.34 40.48
CA HIS F 65 -31.30 22.18 39.13
C HIS F 65 -31.45 20.75 38.61
N PHE F 66 -31.20 19.76 39.46
CA PHE F 66 -31.46 18.38 39.11
C PHE F 66 -32.92 18.27 38.64
N LEU F 67 -33.84 18.74 39.48
CA LEU F 67 -35.28 18.63 39.19
C LEU F 67 -35.72 19.48 38.00
N ASP F 68 -35.18 20.69 37.88
CA ASP F 68 -35.47 21.52 36.73
C ASP F 68 -35.12 20.78 35.44
N SER F 69 -33.94 20.17 35.40
CA SER F 69 -33.51 19.39 34.24
C SER F 69 -34.45 18.22 33.99
N LEU F 70 -34.93 17.61 35.06
CA LEU F 70 -35.77 16.42 34.91
C LEU F 70 -37.19 16.77 34.41
N THR F 71 -37.54 18.05 34.40
CA THR F 71 -38.82 18.46 33.81
C THR F 71 -38.89 18.09 32.33
N LEU F 72 -37.74 17.85 31.70
CA LEU F 72 -37.74 17.42 30.31
C LEU F 72 -38.62 16.18 30.12
N LEU F 73 -38.72 15.37 31.16
N LEU F 73 -38.72 15.35 31.14
CA LEU F 73 -39.46 14.11 31.07
CA LEU F 73 -39.46 14.11 31.02
C LEU F 73 -40.98 14.29 31.07
C LEU F 73 -40.99 14.29 31.07
N ARG F 74 -41.44 15.52 31.24
CA ARG F 74 -42.87 15.81 31.17
C ARG F 74 -43.33 15.88 29.71
N LEU F 75 -42.37 15.68 28.80
CA LEU F 75 -42.66 15.52 27.38
C LEU F 75 -42.18 14.13 26.98
N PRO F 76 -43.01 13.36 26.25
CA PRO F 76 -42.63 11.98 25.96
C PRO F 76 -41.71 11.85 24.75
N LEU F 77 -40.58 12.55 24.80
CA LEU F 77 -39.67 12.67 23.66
C LEU F 77 -38.42 11.81 23.79
N TRP F 78 -38.36 11.00 24.85
CA TRP F 78 -37.09 10.42 25.25
C TRP F 78 -37.06 8.89 25.27
N GLN F 79 -37.74 8.27 24.32
CA GLN F 79 -37.91 6.83 24.25
C GLN F 79 -36.84 6.23 23.34
N GLY F 80 -36.17 5.16 23.78
CA GLY F 80 -35.20 4.46 22.94
C GLY F 80 -33.84 5.13 22.83
N PRO F 81 -32.95 4.59 21.98
CA PRO F 81 -31.57 5.09 21.93
C PRO F 81 -31.41 6.30 20.99
N LEU F 82 -32.15 7.36 21.27
CA LEU F 82 -32.10 8.57 20.46
C LEU F 82 -30.76 9.26 20.64
N ARG F 83 -30.23 9.82 19.55
CA ARG F 83 -29.06 10.68 19.67
C ARG F 83 -29.51 12.07 20.09
N VAL F 84 -28.95 12.55 21.20
CA VAL F 84 -29.37 13.79 21.81
C VAL F 84 -28.21 14.77 21.96
N LEU F 85 -28.46 16.03 21.62
CA LEU F 85 -27.47 17.09 21.81
C LEU F 85 -27.89 18.04 22.93
N ASP F 86 -27.06 18.15 23.97
CA ASP F 86 -27.25 19.18 24.99
C ASP F 86 -26.30 20.32 24.65
N LEU F 87 -26.87 21.41 24.15
CA LEU F 87 -26.07 22.52 23.64
C LEU F 87 -25.85 23.57 24.72
N GLY F 88 -24.59 23.90 24.98
CA GLY F 88 -24.28 24.92 25.97
C GLY F 88 -24.60 24.37 27.35
N THR F 89 -24.11 23.15 27.56
CA THR F 89 -24.42 22.35 28.73
C THR F 89 -23.93 22.94 30.05
N GLY F 90 -22.92 23.80 30.01
CA GLY F 90 -22.35 24.33 31.23
C GLY F 90 -21.74 23.18 32.02
N ALA F 91 -22.15 23.02 33.28
CA ALA F 91 -21.65 21.91 34.09
C ALA F 91 -22.40 20.61 33.86
N GLY F 92 -23.21 20.56 32.81
CA GLY F 92 -23.90 19.33 32.43
C GLY F 92 -25.40 19.33 32.69
N PHE F 93 -26.06 20.45 32.40
CA PHE F 93 -27.49 20.57 32.62
C PHE F 93 -28.18 21.17 31.42
N PRO F 94 -29.29 20.55 30.99
CA PRO F 94 -30.03 19.44 31.60
C PRO F 94 -29.55 18.02 31.22
N GLY F 95 -28.49 17.93 30.43
CA GLY F 95 -28.08 16.68 29.82
C GLY F 95 -27.75 15.53 30.78
N LEU F 96 -27.03 15.82 31.85
CA LEU F 96 -26.56 14.77 32.75
C LEU F 96 -27.70 14.15 33.56
N PRO F 97 -28.57 14.98 34.16
CA PRO F 97 -29.72 14.35 34.83
C PRO F 97 -30.56 13.55 33.84
N LEU F 98 -30.75 14.08 32.65
CA LEU F 98 -31.49 13.38 31.60
C LEU F 98 -30.88 12.01 31.31
N LYS F 99 -29.56 11.98 31.13
CA LYS F 99 -28.83 10.74 30.82
C LYS F 99 -28.88 9.74 31.98
N ILE F 100 -28.76 10.24 33.20
CA ILE F 100 -28.85 9.40 34.38
C ILE F 100 -30.17 8.63 34.43
N VAL F 101 -31.29 9.30 34.18
N VAL F 101 -31.24 9.32 34.11
CA VAL F 101 -32.59 8.61 34.26
CA VAL F 101 -32.59 8.78 34.24
C VAL F 101 -33.03 7.98 32.94
C VAL F 101 -33.12 8.13 32.95
N ARG F 102 -32.44 8.40 31.82
CA ARG F 102 -32.74 7.73 30.54
C ARG F 102 -31.45 7.24 29.92
N PRO F 103 -30.92 6.12 30.44
CA PRO F 103 -29.58 5.61 30.10
C PRO F 103 -29.40 5.22 28.63
N GLU F 104 -30.49 4.93 27.92
CA GLU F 104 -30.38 4.55 26.51
C GLU F 104 -30.05 5.72 25.59
N LEU F 105 -30.29 6.94 26.05
CA LEU F 105 -30.00 8.09 25.21
C LEU F 105 -28.51 8.17 24.90
N GLU F 106 -28.18 8.42 23.63
CA GLU F 106 -26.81 8.70 23.21
C GLU F 106 -26.59 10.18 23.27
N LEU F 107 -25.88 10.65 24.29
CA LEU F 107 -25.81 12.07 24.57
C LEU F 107 -24.47 12.70 24.21
N VAL F 108 -24.55 13.83 23.51
CA VAL F 108 -23.39 14.69 23.28
C VAL F 108 -23.66 16.02 23.97
N LEU F 109 -22.79 16.39 24.90
CA LEU F 109 -22.94 17.64 25.64
C LEU F 109 -21.87 18.63 25.18
N VAL F 110 -22.31 19.74 24.59
CA VAL F 110 -21.40 20.71 24.02
C VAL F 110 -21.27 21.97 24.87
N ASP F 111 -20.04 22.46 25.02
CA ASP F 111 -19.83 23.78 25.58
C ASP F 111 -18.60 24.44 24.99
N ALA F 112 -18.66 25.77 24.84
CA ALA F 112 -17.57 26.52 24.25
C ALA F 112 -16.47 26.82 25.27
N THR F 113 -16.74 26.52 26.53
CA THR F 113 -15.80 26.79 27.61
C THR F 113 -15.11 25.51 28.03
N ARG F 114 -13.80 25.48 27.86
CA ARG F 114 -13.03 24.27 28.10
C ARG F 114 -13.27 23.69 29.50
N LYS F 115 -13.20 24.55 30.51
CA LYS F 115 -13.34 24.13 31.91
C LYS F 115 -14.67 23.39 32.15
N LYS F 116 -15.74 23.84 31.50
CA LYS F 116 -17.04 23.18 31.58
C LYS F 116 -16.98 21.79 30.99
N VAL F 117 -16.42 21.68 29.80
CA VAL F 117 -16.32 20.40 29.10
C VAL F 117 -15.54 19.42 29.98
N ALA F 118 -14.43 19.90 30.52
CA ALA F 118 -13.59 19.09 31.39
C ALA F 118 -14.39 18.60 32.60
N PHE F 119 -15.20 19.48 33.19
CA PHE F 119 -16.05 19.03 34.29
C PHE F 119 -17.00 17.92 33.86
N VAL F 120 -17.65 18.09 32.72
CA VAL F 120 -18.61 17.09 32.25
C VAL F 120 -17.93 15.75 31.95
N GLU F 121 -16.77 15.79 31.30
CA GLU F 121 -15.97 14.58 31.06
C GLU F 121 -15.75 13.81 32.37
N ARG F 122 -15.31 14.53 33.40
CA ARG F 122 -14.98 13.91 34.68
C ARG F 122 -16.22 13.32 35.33
N ALA F 123 -17.35 14.01 35.20
CA ALA F 123 -18.60 13.52 35.73
C ALA F 123 -19.01 12.23 35.04
N ILE F 124 -18.85 12.19 33.72
CA ILE F 124 -19.14 11.00 32.95
C ILE F 124 -18.29 9.84 33.46
N GLU F 125 -16.99 10.07 33.60
CA GLU F 125 -16.05 9.08 34.10
C GLU F 125 -16.42 8.64 35.52
N VAL F 126 -16.61 9.62 36.40
CA VAL F 126 -16.87 9.32 37.80
C VAL F 126 -18.18 8.56 38.00
N LEU F 127 -19.23 8.97 37.30
CA LEU F 127 -20.53 8.30 37.40
C LEU F 127 -20.59 6.98 36.61
N GLY F 128 -19.60 6.73 35.76
CA GLY F 128 -19.59 5.54 34.94
C GLY F 128 -20.68 5.52 33.87
N LEU F 129 -21.00 6.70 33.33
CA LEU F 129 -22.00 6.77 32.26
C LEU F 129 -21.43 6.20 30.98
N LYS F 130 -22.25 5.44 30.26
CA LYS F 130 -21.86 4.91 28.97
C LYS F 130 -22.74 5.58 27.91
N GLY F 131 -22.18 5.89 26.75
CA GLY F 131 -22.94 6.55 25.71
C GLY F 131 -23.21 8.02 25.99
N ALA F 132 -22.23 8.70 26.58
CA ALA F 132 -22.26 10.13 26.75
C ALA F 132 -20.90 10.71 26.49
N ARG F 133 -20.84 11.80 25.72
CA ARG F 133 -19.58 12.46 25.39
C ARG F 133 -19.68 13.94 25.62
N ALA F 134 -18.68 14.51 26.28
CA ALA F 134 -18.58 15.96 26.33
C ALA F 134 -17.74 16.41 25.14
N LEU F 135 -18.10 17.56 24.59
CA LEU F 135 -17.45 18.06 23.40
C LEU F 135 -17.24 19.57 23.49
N TRP F 136 -16.00 20.00 23.31
CA TRP F 136 -15.62 21.40 23.39
C TRP F 136 -15.79 22.01 22.01
N GLY F 137 -16.70 22.98 21.88
CA GLY F 137 -16.94 23.58 20.58
C GLY F 137 -17.98 24.67 20.52
N ARG F 138 -18.08 25.29 19.35
CA ARG F 138 -19.06 26.32 19.08
C ARG F 138 -20.18 25.74 18.24
N ALA F 139 -21.42 26.01 18.63
CA ALA F 139 -22.59 25.54 17.90
C ALA F 139 -22.53 25.91 16.41
N GLU F 140 -22.18 27.17 16.15
CA GLU F 140 -22.16 27.68 14.78
C GLU F 140 -21.18 26.90 13.90
N VAL F 141 -20.12 26.38 14.51
CA VAL F 141 -19.10 25.64 13.80
C VAL F 141 -19.48 24.15 13.67
N LEU F 142 -19.87 23.53 14.78
CA LEU F 142 -20.25 22.11 14.78
C LEU F 142 -21.39 21.83 13.81
N ALA F 143 -22.33 22.78 13.70
CA ALA F 143 -23.52 22.57 12.88
C ALA F 143 -23.22 22.63 11.38
N ARG F 144 -21.95 22.83 11.03
CA ARG F 144 -21.56 22.81 9.63
C ARG F 144 -20.60 21.65 9.35
N GLU F 145 -20.55 20.70 10.28
CA GLU F 145 -19.83 19.46 10.11
C GLU F 145 -20.85 18.34 9.83
N ALA F 146 -20.52 17.46 8.88
CA ALA F 146 -21.44 16.38 8.56
C ALA F 146 -21.70 15.48 9.76
N GLY F 147 -20.71 15.41 10.65
CA GLY F 147 -20.83 14.62 11.85
C GLY F 147 -21.94 15.10 12.78
N HIS F 148 -22.30 16.38 12.67
CA HIS F 148 -23.29 16.96 13.57
C HIS F 148 -24.53 17.54 12.89
N ARG F 149 -24.37 18.12 11.70
CA ARG F 149 -25.50 18.76 11.02
C ARG F 149 -26.58 17.72 10.74
N GLU F 150 -27.77 17.99 11.28
CA GLU F 150 -28.93 17.15 11.02
C GLU F 150 -28.65 15.69 11.37
N ALA F 151 -27.85 15.50 12.41
CA ALA F 151 -27.44 14.17 12.84
C ALA F 151 -28.09 13.75 14.18
N TYR F 152 -28.86 14.63 14.80
CA TYR F 152 -29.50 14.32 16.07
C TYR F 152 -31.02 14.18 15.97
N ALA F 153 -31.57 13.28 16.78
CA ALA F 153 -33.01 13.15 16.88
C ALA F 153 -33.61 14.19 17.84
N ARG F 154 -32.81 14.59 18.83
CA ARG F 154 -33.27 15.56 19.82
C ARG F 154 -32.14 16.54 20.14
N ALA F 155 -32.50 17.76 20.50
CA ALA F 155 -31.54 18.73 21.01
C ALA F 155 -32.20 19.51 22.15
N VAL F 156 -31.40 19.92 23.12
CA VAL F 156 -31.91 20.71 24.23
C VAL F 156 -30.95 21.82 24.57
N ALA F 157 -31.48 22.91 25.11
CA ALA F 157 -30.69 24.04 25.56
C ALA F 157 -31.42 24.74 26.69
N ARG F 158 -30.72 24.97 27.80
CA ARG F 158 -31.22 25.83 28.85
C ARG F 158 -30.30 27.04 28.87
N ALA F 159 -30.82 28.20 28.48
CA ALA F 159 -29.99 29.37 28.20
C ALA F 159 -30.78 30.68 28.18
N VAL F 160 -30.07 31.77 28.45
CA VAL F 160 -30.64 33.11 28.52
C VAL F 160 -30.98 33.60 27.10
N ALA F 161 -30.13 33.22 26.15
CA ALA F 161 -30.32 33.58 24.76
C ALA F 161 -31.76 33.35 24.29
N PRO F 162 -32.35 34.35 23.64
CA PRO F 162 -33.73 34.39 23.14
C PRO F 162 -34.03 33.23 22.22
N LEU F 163 -35.31 32.83 22.19
CA LEU F 163 -35.76 31.74 21.33
C LEU F 163 -35.36 31.93 19.87
N CYS F 164 -35.36 33.17 19.39
CA CYS F 164 -34.99 33.45 18.00
C CYS F 164 -33.55 33.00 17.73
N VAL F 165 -32.64 33.35 18.63
CA VAL F 165 -31.24 32.98 18.52
C VAL F 165 -31.06 31.47 18.71
N LEU F 166 -31.70 30.93 19.73
CA LEU F 166 -31.61 29.50 20.05
C LEU F 166 -32.06 28.60 18.91
N SER F 167 -33.09 29.03 18.18
CA SER F 167 -33.64 28.24 17.10
C SER F 167 -32.60 28.08 15.99
N GLU F 168 -31.88 29.16 15.72
CA GLU F 168 -30.86 29.13 14.69
C GLU F 168 -29.72 28.21 15.12
N LEU F 169 -29.46 28.14 16.42
CA LEU F 169 -28.38 27.29 16.94
C LEU F 169 -28.78 25.81 17.04
N LEU F 170 -30.05 25.54 17.36
CA LEU F 170 -30.50 24.17 17.62
C LEU F 170 -30.98 23.44 16.36
N LEU F 171 -31.85 24.09 15.60
CA LEU F 171 -32.50 23.46 14.46
C LEU F 171 -31.54 22.81 13.46
N PRO F 172 -30.40 23.46 13.17
CA PRO F 172 -29.53 22.83 12.19
C PRO F 172 -28.98 21.46 12.63
N PHE F 173 -29.04 21.15 13.93
CA PHE F 173 -28.55 19.88 14.43
C PHE F 173 -29.53 18.73 14.25
N LEU F 174 -30.79 19.05 13.97
CA LEU F 174 -31.87 18.06 13.98
C LEU F 174 -32.09 17.37 12.65
N GLU F 175 -32.12 16.05 12.65
CA GLU F 175 -32.56 15.30 11.48
C GLU F 175 -34.03 15.68 11.28
N VAL F 176 -34.51 15.64 10.05
CA VAL F 176 -35.91 15.95 9.77
C VAL F 176 -36.79 14.96 10.55
N GLY F 177 -37.85 15.48 11.17
CA GLY F 177 -38.67 14.67 12.05
C GLY F 177 -38.22 14.77 13.50
N GLY F 178 -37.03 15.33 13.72
CA GLY F 178 -36.51 15.52 15.06
C GLY F 178 -37.15 16.68 15.80
N ALA F 179 -36.75 16.87 17.05
CA ALA F 179 -37.30 17.95 17.88
C ALA F 179 -36.28 18.49 18.87
N ALA F 180 -36.34 19.79 19.12
CA ALA F 180 -35.48 20.42 20.12
C ALA F 180 -36.35 20.98 21.23
N VAL F 181 -35.82 21.01 22.44
CA VAL F 181 -36.52 21.66 23.54
C VAL F 181 -35.70 22.82 24.07
N ALA F 182 -36.28 24.01 24.03
CA ALA F 182 -35.67 25.16 24.68
C ALA F 182 -36.32 25.31 26.05
N MET F 183 -35.50 25.19 27.09
CA MET F 183 -35.97 25.31 28.46
C MET F 183 -35.98 26.77 28.86
N LYS F 184 -37.16 27.29 29.20
CA LYS F 184 -37.32 28.70 29.47
C LYS F 184 -37.97 28.95 30.83
N GLY F 185 -37.94 30.19 31.29
CA GLY F 185 -38.48 30.56 32.60
C GLY F 185 -39.94 31.02 32.53
N PRO F 186 -40.35 31.84 33.51
CA PRO F 186 -41.77 32.26 33.61
C PRO F 186 -42.29 33.04 32.41
N ARG F 187 -41.42 33.76 31.70
CA ARG F 187 -41.88 34.69 30.66
C ARG F 187 -41.40 34.30 29.25
N VAL F 188 -42.33 33.89 28.39
CA VAL F 188 -42.01 33.46 27.04
C VAL F 188 -42.80 34.24 25.98
N GLU F 189 -43.75 35.02 26.44
CA GLU F 189 -44.66 35.75 25.56
C GLU F 189 -43.94 36.55 24.45
N GLU F 190 -43.00 37.40 24.85
CA GLU F 190 -42.27 38.26 23.91
C GLU F 190 -41.37 37.46 23.00
N GLU F 191 -40.70 36.45 23.56
CA GLU F 191 -39.76 35.65 22.78
C GLU F 191 -40.48 34.82 21.73
N LEU F 192 -41.72 34.45 22.02
CA LEU F 192 -42.49 33.60 21.12
C LEU F 192 -43.18 34.36 20.00
N ALA F 193 -43.59 35.59 20.29
CA ALA F 193 -44.45 36.37 19.38
C ALA F 193 -44.01 36.39 17.92
N PRO F 194 -42.74 36.71 17.65
CA PRO F 194 -42.24 36.81 16.28
C PRO F 194 -41.60 35.53 15.77
N LEU F 195 -41.74 34.42 16.49
CA LEU F 195 -40.92 33.24 16.22
C LEU F 195 -41.29 32.42 14.98
N PRO F 196 -42.59 32.15 14.75
CA PRO F 196 -42.91 31.18 13.68
C PRO F 196 -42.31 31.45 12.29
N PRO F 197 -42.31 32.70 11.81
CA PRO F 197 -41.69 32.88 10.49
C PRO F 197 -40.18 32.63 10.50
N ALA F 198 -39.50 32.96 11.59
CA ALA F 198 -38.07 32.67 11.70
C ALA F 198 -37.84 31.17 11.65
N LEU F 199 -38.65 30.42 12.38
CA LEU F 199 -38.52 28.96 12.40
C LEU F 199 -38.61 28.39 11.00
N GLU F 200 -39.56 28.90 10.23
CA GLU F 200 -39.78 28.41 8.87
C GLU F 200 -38.54 28.60 7.99
N ARG F 201 -37.83 29.70 8.18
CA ARG F 201 -36.58 29.94 7.44
C ARG F 201 -35.54 28.84 7.71
N LEU F 202 -35.59 28.23 8.89
CA LEU F 202 -34.62 27.22 9.30
C LEU F 202 -35.09 25.79 9.06
N GLY F 203 -36.30 25.64 8.52
CA GLY F 203 -36.87 24.33 8.29
C GLY F 203 -37.61 23.79 9.49
N GLY F 204 -37.88 24.67 10.45
CA GLY F 204 -38.52 24.27 11.69
C GLY F 204 -39.96 24.72 11.80
N ARG F 205 -40.64 24.25 12.83
CA ARG F 205 -42.00 24.64 13.14
C ARG F 205 -42.13 24.67 14.65
N LEU F 206 -42.93 25.60 15.16
CA LEU F 206 -43.14 25.68 16.60
C LEU F 206 -44.01 24.50 17.03
N GLY F 207 -43.47 23.68 17.93
CA GLY F 207 -44.24 22.60 18.51
C GLY F 207 -45.02 23.17 19.68
N GLU F 208 -45.26 22.35 20.69
CA GLU F 208 -45.99 22.83 21.84
C GLU F 208 -45.14 23.71 22.75
N VAL F 209 -45.85 24.47 23.57
CA VAL F 209 -45.26 25.25 24.65
C VAL F 209 -45.89 24.74 25.93
N LEU F 210 -45.13 23.96 26.70
CA LEU F 210 -45.66 23.40 27.93
C LEU F 210 -45.37 24.28 29.14
N ALA F 211 -46.42 24.81 29.75
CA ALA F 211 -46.28 25.52 31.01
C ALA F 211 -46.29 24.52 32.17
N LEU F 212 -45.33 24.66 33.09
CA LEU F 212 -45.32 23.87 34.31
C LEU F 212 -44.74 24.69 35.48
N GLN F 213 -44.93 24.20 36.71
CA GLN F 213 -44.35 24.81 37.90
C GLN F 213 -43.33 23.82 38.47
N LEU F 214 -42.21 24.30 38.99
CA LEU F 214 -41.22 23.38 39.57
C LEU F 214 -41.76 22.72 40.84
N PRO F 215 -41.41 21.45 41.06
CA PRO F 215 -41.92 20.59 42.13
C PRO F 215 -41.91 21.14 43.56
N LEU F 216 -40.86 21.85 43.97
CA LEU F 216 -40.77 22.21 45.39
C LEU F 216 -40.95 23.70 45.59
N SER F 217 -40.52 24.47 44.59
CA SER F 217 -40.45 25.92 44.72
C SER F 217 -41.63 26.59 44.05
N GLY F 218 -42.32 25.87 43.18
CA GLY F 218 -43.48 26.39 42.48
C GLY F 218 -43.18 27.39 41.36
N GLU F 219 -41.91 27.70 41.12
CA GLU F 219 -41.58 28.67 40.06
C GLU F 219 -42.08 28.23 38.68
N ALA F 220 -42.52 29.20 37.90
CA ALA F 220 -43.05 28.94 36.56
C ALA F 220 -41.93 28.63 35.56
N ARG F 221 -42.17 27.62 34.72
CA ARG F 221 -41.26 27.22 33.66
C ARG F 221 -42.04 26.99 32.37
N HIS F 222 -41.33 27.07 31.25
CA HIS F 222 -41.89 26.66 29.97
C HIS F 222 -40.90 25.83 29.20
N LEU F 223 -41.37 24.73 28.61
CA LEU F 223 -40.57 23.98 27.66
C LEU F 223 -41.09 24.32 26.28
N VAL F 224 -40.22 24.83 25.43
CA VAL F 224 -40.62 25.17 24.08
C VAL F 224 -40.08 24.14 23.10
N VAL F 225 -41.00 23.45 22.43
CA VAL F 225 -40.62 22.41 21.47
C VAL F 225 -40.52 22.97 20.06
N LEU F 226 -39.39 22.68 19.41
CA LEU F 226 -39.16 23.09 18.03
C LEU F 226 -39.06 21.85 17.16
N GLU F 227 -39.97 21.73 16.21
CA GLU F 227 -40.02 20.55 15.35
C GLU F 227 -39.20 20.76 14.08
N LYS F 228 -38.42 19.76 13.68
CA LYS F 228 -37.66 19.84 12.43
C LYS F 228 -38.48 19.24 11.30
N THR F 229 -38.98 20.06 10.38
CA THR F 229 -39.80 19.51 9.31
C THR F 229 -39.18 19.52 7.92
N ALA F 230 -38.14 20.31 7.71
CA ALA F 230 -37.43 20.25 6.44
C ALA F 230 -35.97 20.57 6.64
N PRO F 231 -35.13 20.22 5.67
CA PRO F 231 -33.69 20.47 5.85
C PRO F 231 -33.40 21.97 6.02
N THR F 232 -32.44 22.29 6.86
CA THR F 232 -32.03 23.68 7.08
C THR F 232 -31.26 24.20 5.86
N PRO F 233 -31.62 25.39 5.34
CA PRO F 233 -30.82 25.91 4.23
C PRO F 233 -29.36 26.07 4.61
N PRO F 234 -28.46 25.97 3.63
CA PRO F 234 -27.03 26.02 3.92
C PRO F 234 -26.62 27.36 4.54
N ALA F 235 -27.45 28.38 4.42
CA ALA F 235 -27.13 29.68 5.00
C ALA F 235 -27.02 29.64 6.52
N TYR F 236 -27.66 28.67 7.16
CA TYR F 236 -27.72 28.63 8.62
C TYR F 236 -26.97 27.44 9.21
N PRO F 237 -26.40 27.61 10.43
CA PRO F 237 -26.41 28.83 11.23
C PRO F 237 -25.40 29.82 10.67
N ARG F 238 -25.61 31.11 10.89
CA ARG F 238 -24.62 32.08 10.42
C ARG F 238 -23.34 31.94 11.26
N ARG F 239 -22.32 32.73 10.96
CA ARG F 239 -21.00 32.57 11.59
C ARG F 239 -21.01 32.84 13.10
N PRO F 240 -20.04 32.25 13.83
CA PRO F 240 -19.99 32.43 15.28
C PRO F 240 -20.31 33.86 15.70
N GLY F 241 -21.31 34.02 16.57
CA GLY F 241 -21.66 35.31 17.10
C GLY F 241 -22.66 36.12 16.29
N VAL F 242 -22.86 35.76 15.03
CA VAL F 242 -23.83 36.49 14.20
C VAL F 242 -25.28 36.26 14.64
N PRO F 243 -25.65 35.00 14.96
CA PRO F 243 -27.01 34.80 15.44
C PRO F 243 -27.34 35.66 16.68
N GLU F 244 -26.43 35.73 17.65
CA GLU F 244 -26.65 36.59 18.82
C GLU F 244 -26.70 38.07 18.45
N ARG F 245 -25.74 38.53 17.66
CA ARG F 245 -25.65 39.95 17.31
C ARG F 245 -26.80 40.41 16.39
N HIS F 246 -27.12 39.61 15.38
CA HIS F 246 -28.21 39.94 14.46
C HIS F 246 -29.24 38.81 14.34
N PRO F 247 -30.15 38.70 15.31
CA PRO F 247 -31.12 37.58 15.45
C PRO F 247 -32.13 37.54 14.30
N LEU F 248 -32.57 36.36 13.91
CA LEU F 248 -33.55 36.23 12.83
C LEU F 248 -34.86 36.94 13.15
N CYS F 249 -35.04 37.30 14.42
CA CYS F 249 -36.21 38.07 14.84
C CYS F 249 -36.09 38.48 16.30
#